data_4W8N
#
_entry.id   4W8N
#
_cell.length_a   70.291
_cell.length_b   160.028
_cell.length_c   170.602
_cell.angle_alpha   90.00
_cell.angle_beta   90.00
_cell.angle_gamma   90.00
#
_symmetry.space_group_name_H-M   'P 21 21 21'
#
loop_
_entity.id
_entity.type
_entity.pdbx_description
1 polymer Hemagglutinin
2 polymer Hemagglutinin
3 non-polymer 2-acetamido-2-deoxy-beta-D-glucopyranose
#
loop_
_entity_poly.entity_id
_entity_poly.type
_entity_poly.pdbx_seq_one_letter_code
_entity_poly.pdbx_strand_id
1 'polypeptide(L)'
;ADLGSDQICIGYHANNSTEKVDTILERNVTVTHAKNILEKTHNGKLCRLSGIPPLELGDCSIAGWLLGNPECDRLLSVPE
WSYIVEKENPVNGLCYPGSFNDYEELKHLLTSVTHFEKVKILPRDQWTQHTTTGGSRACAVSGNPSFFRNMVWLTKKGSN
YPIAKRSYNNTSGEQMLVIWGIHHPNDDAEQRTLYQNVGTYVSVGTSTLNKRSIPEIATRPKVNGLGGRMEFSWTLLETW
DVINFESTGNLIAPEYGFKISKRGSSGIMKTEKILENCETKCQTPLGAINTTLPFHNIHPLTIGECPKYVKSDRLILATG
LRNVPQIESR
;
A,C,E
2 'polypeptide(L)'
;GLFGAIAGFIEGGWQGMVDGWYGYHHSNDQGSGYAADKESTQKAIDGITNKVNSVIEKMNTQFEAVGKEFNNLERRLENL
NKKMEDGFIDVWTYNAELLVLMENERTLDFHDSNVKNLYDKVRMQLRDNAKEIGNGCFEFYHKCDDECMNSVRNGTYDYI
KYEEESKLNRNESGRLVPR
;
B,D,F
#
# COMPACT_ATOMS: atom_id res chain seq x y z
N SER A 5 20.75 55.07 -30.19
CA SER A 5 21.75 54.08 -30.71
C SER A 5 22.65 53.41 -29.65
N ASP A 6 22.36 53.60 -28.35
CA ASP A 6 22.90 52.73 -27.33
C ASP A 6 21.75 51.94 -26.70
N GLN A 7 22.03 50.67 -26.39
CA GLN A 7 20.98 49.70 -26.07
C GLN A 7 21.34 48.73 -24.95
N ILE A 8 20.35 48.39 -24.13
CA ILE A 8 20.48 47.27 -23.21
C ILE A 8 19.38 46.23 -23.43
N CYS A 9 19.75 44.97 -23.25
CA CYS A 9 18.92 43.85 -23.59
C CYS A 9 18.92 42.84 -22.46
N ILE A 10 17.77 42.24 -22.20
CA ILE A 10 17.66 41.30 -21.12
C ILE A 10 17.30 39.95 -21.70
N GLY A 11 18.12 38.96 -21.43
CA GLY A 11 17.93 37.64 -22.02
C GLY A 11 18.34 36.55 -21.07
N TYR A 12 18.30 35.32 -21.57
CA TYR A 12 18.65 34.17 -20.77
C TYR A 12 19.62 33.25 -21.47
N HIS A 13 20.15 32.33 -20.69
CA HIS A 13 21.18 31.42 -21.11
C HIS A 13 20.68 30.35 -22.06
N ALA A 14 21.51 30.01 -23.05
CA ALA A 14 21.30 28.84 -23.88
C ALA A 14 22.65 28.17 -24.10
N ASN A 15 22.60 26.89 -24.45
CA ASN A 15 23.82 26.08 -24.59
C ASN A 15 23.59 25.01 -25.63
N ASN A 16 24.57 24.14 -25.83
CA ASN A 16 24.39 23.05 -26.79
C ASN A 16 23.86 21.79 -26.11
N SER A 17 22.96 21.96 -25.15
CA SER A 17 22.31 20.84 -24.51
C SER A 17 21.28 20.28 -25.44
N THR A 18 21.19 18.97 -25.46
CA THR A 18 20.29 18.26 -26.35
C THR A 18 19.16 17.64 -25.53
N GLU A 19 19.26 17.83 -24.21
CA GLU A 19 18.52 17.03 -23.25
C GLU A 19 17.07 17.46 -23.15
N LYS A 20 16.19 16.47 -23.20
CA LYS A 20 14.76 16.71 -23.29
C LYS A 20 14.08 16.37 -21.98
N VAL A 21 13.03 17.12 -21.65
CA VAL A 21 12.17 16.79 -20.53
C VAL A 21 10.72 16.88 -20.98
N ASP A 22 9.83 16.31 -20.18
CA ASP A 22 8.41 16.42 -20.46
C ASP A 22 7.80 17.24 -19.34
N THR A 23 6.70 17.93 -19.65
CA THR A 23 5.93 18.62 -18.62
C THR A 23 4.49 18.17 -18.73
N ILE A 24 3.62 18.62 -17.86
CA ILE A 24 2.21 18.34 -18.03
C ILE A 24 1.67 18.86 -19.35
N LEU A 25 2.11 20.05 -19.76
CA LEU A 25 1.59 20.71 -20.97
C LEU A 25 2.35 20.38 -22.24
N GLU A 26 3.60 19.98 -22.11
CA GLU A 26 4.50 19.89 -23.25
C GLU A 26 5.37 18.64 -23.17
N ARG A 27 5.83 18.20 -24.34
CA ARG A 27 6.60 16.99 -24.47
C ARG A 27 7.90 17.26 -25.16
N ASN A 28 8.85 16.37 -24.94
CA ASN A 28 10.15 16.47 -25.59
C ASN A 28 10.65 17.92 -25.72
N VAL A 29 10.74 18.63 -24.58
CA VAL A 29 11.19 20.03 -24.52
C VAL A 29 12.66 20.09 -24.19
N THR A 30 13.46 20.68 -25.06
CA THR A 30 14.89 20.73 -24.84
C THR A 30 15.15 21.75 -23.76
N VAL A 31 15.99 21.39 -22.80
CA VAL A 31 16.37 22.30 -21.74
C VAL A 31 17.87 22.34 -21.58
N THR A 32 18.36 23.41 -20.98
CA THR A 32 19.78 23.64 -20.81
C THR A 32 20.41 22.67 -19.78
N HIS A 33 19.64 22.30 -18.77
CA HIS A 33 20.11 21.41 -17.71
C HIS A 33 18.99 20.58 -17.19
N ALA A 34 19.33 19.40 -16.72
CA ALA A 34 18.35 18.47 -16.22
C ALA A 34 19.00 17.50 -15.23
N LYS A 35 18.23 17.04 -14.28
CA LYS A 35 18.72 16.14 -13.28
C LYS A 35 17.86 14.88 -13.41
N ASN A 36 18.50 13.80 -13.81
CA ASN A 36 17.87 12.50 -13.81
C ASN A 36 17.76 12.07 -12.37
N ILE A 37 16.55 11.65 -11.97
CA ILE A 37 16.31 11.13 -10.62
C ILE A 37 16.00 9.64 -10.65
N LEU A 38 16.19 9.00 -11.80
CA LEU A 38 15.87 7.56 -11.91
C LEU A 38 17.09 6.72 -12.14
N GLU A 39 17.53 5.99 -11.13
CA GLU A 39 18.73 5.19 -11.24
C GLU A 39 18.49 4.03 -12.17
N LYS A 40 19.33 3.90 -13.19
CA LYS A 40 19.12 2.90 -14.23
C LYS A 40 20.24 1.88 -14.32
N THR A 41 21.39 2.13 -13.71
CA THR A 41 22.53 1.24 -13.89
C THR A 41 22.94 0.53 -12.61
N HIS A 42 23.44 -0.69 -12.82
CA HIS A 42 24.02 -1.52 -11.79
C HIS A 42 25.36 -2.02 -12.30
N ASN A 43 26.21 -2.46 -11.38
CA ASN A 43 27.57 -2.88 -11.72
C ASN A 43 27.71 -4.28 -12.34
N GLY A 44 26.65 -5.07 -12.25
CA GLY A 44 26.62 -6.40 -12.89
C GLY A 44 27.13 -7.50 -11.96
N LYS A 45 27.57 -7.13 -10.77
CA LYS A 45 28.36 -8.01 -9.94
C LYS A 45 27.66 -8.22 -8.63
N LEU A 46 27.82 -9.40 -8.08
CA LEU A 46 27.21 -9.74 -6.81
C LEU A 46 28.20 -9.42 -5.68
N CYS A 47 27.81 -8.54 -4.76
CA CYS A 47 28.74 -7.87 -3.87
C CYS A 47 28.44 -8.01 -2.40
N ARG A 48 29.40 -7.57 -1.60
CA ARG A 48 29.31 -7.62 -0.16
C ARG A 48 28.49 -6.44 0.30
N LEU A 49 27.77 -6.58 1.40
CA LEU A 49 26.93 -5.52 1.92
C LEU A 49 27.41 -5.16 3.32
N SER A 50 27.62 -3.87 3.55
CA SER A 50 28.24 -3.34 4.79
C SER A 50 29.53 -4.07 5.21
N GLY A 51 30.39 -4.39 4.22
CA GLY A 51 31.69 -5.00 4.48
C GLY A 51 31.66 -6.52 4.51
N ILE A 52 30.61 -7.07 5.13
CA ILE A 52 30.41 -8.51 5.24
C ILE A 52 30.12 -9.11 3.85
N PRO A 53 30.69 -10.29 3.54
CA PRO A 53 30.18 -11.06 2.39
C PRO A 53 28.95 -11.94 2.74
N PRO A 54 28.04 -12.13 1.77
CA PRO A 54 26.86 -12.92 1.99
C PRO A 54 27.18 -14.39 2.00
N LEU A 55 26.25 -15.16 2.59
CA LEU A 55 26.40 -16.59 2.71
C LEU A 55 25.96 -17.15 1.39
N GLU A 56 26.89 -17.81 0.72
CA GLU A 56 26.72 -18.14 -0.68
C GLU A 56 26.64 -19.66 -0.76
N LEU A 57 25.44 -20.19 -0.97
CA LEU A 57 25.18 -21.63 -0.80
C LEU A 57 25.54 -22.49 -2.00
N GLY A 58 25.77 -21.89 -3.17
CA GLY A 58 25.95 -22.67 -4.39
C GLY A 58 24.75 -23.55 -4.64
N ASP A 59 24.99 -24.82 -4.92
CA ASP A 59 23.91 -25.77 -5.22
C ASP A 59 23.12 -26.24 -3.98
N CYS A 60 23.57 -25.88 -2.79
CA CYS A 60 22.87 -26.28 -1.59
C CYS A 60 21.71 -25.37 -1.27
N SER A 61 20.83 -25.92 -0.45
CA SER A 61 19.65 -25.23 0.00
C SER A 61 19.72 -25.13 1.51
N ILE A 62 18.92 -24.27 2.11
CA ILE A 62 19.01 -24.08 3.53
C ILE A 62 18.86 -25.42 4.23
N ALA A 63 17.91 -26.23 3.81
CA ALA A 63 17.71 -27.56 4.42
C ALA A 63 18.91 -28.50 4.22
N GLY A 64 19.49 -28.50 3.03
CA GLY A 64 20.73 -29.22 2.81
C GLY A 64 21.82 -28.76 3.77
N TRP A 65 21.97 -27.46 3.89
CA TRP A 65 22.99 -26.90 4.74
C TRP A 65 22.78 -27.22 6.21
N LEU A 66 21.59 -27.04 6.74
CA LEU A 66 21.40 -27.16 8.19
C LEU A 66 21.32 -28.59 8.63
N LEU A 67 20.81 -29.43 7.76
CA LEU A 67 20.80 -30.85 8.04
C LEU A 67 22.22 -31.41 7.92
N GLY A 68 23.05 -30.78 7.09
CA GLY A 68 24.33 -31.32 6.81
C GLY A 68 24.26 -32.43 5.79
N ASN A 69 23.61 -32.16 4.67
CA ASN A 69 23.77 -32.97 3.47
C ASN A 69 25.26 -33.02 3.14
N PRO A 70 25.79 -34.22 2.87
CA PRO A 70 27.18 -34.44 2.49
C PRO A 70 27.65 -33.58 1.33
N GLU A 71 26.85 -33.42 0.29
CA GLU A 71 27.23 -32.54 -0.84
C GLU A 71 27.40 -31.04 -0.43
N CYS A 72 27.05 -30.70 0.81
CA CYS A 72 27.20 -29.35 1.36
C CYS A 72 28.31 -29.24 2.41
N ASP A 73 29.25 -30.20 2.44
CA ASP A 73 30.30 -30.27 3.48
C ASP A 73 31.18 -29.03 3.56
N ARG A 74 31.29 -28.31 2.45
CA ARG A 74 31.91 -26.98 2.41
C ARG A 74 31.20 -25.91 3.29
N LEU A 75 29.98 -26.21 3.74
CA LEU A 75 29.23 -25.30 4.59
C LEU A 75 29.06 -25.81 6.03
N LEU A 76 29.79 -26.87 6.39
CA LEU A 76 29.86 -27.36 7.78
C LEU A 76 30.30 -26.27 8.78
N SER A 77 31.05 -25.30 8.29
CA SER A 77 31.41 -24.11 9.07
C SER A 77 31.47 -22.92 8.12
N VAL A 78 30.69 -21.88 8.40
CA VAL A 78 30.76 -20.67 7.59
C VAL A 78 30.63 -19.41 8.42
N PRO A 79 31.45 -18.40 8.10
CA PRO A 79 31.47 -17.17 8.88
C PRO A 79 30.16 -16.39 8.79
N GLU A 80 30.10 -15.29 9.52
CA GLU A 80 29.02 -14.27 9.45
C GLU A 80 28.66 -13.90 8.01
N TRP A 81 27.40 -13.53 7.79
CA TRP A 81 26.93 -13.23 6.42
C TRP A 81 26.04 -12.00 6.33
N SER A 82 26.19 -11.27 5.21
CA SER A 82 25.41 -10.06 4.94
C SER A 82 23.96 -10.39 4.62
N TYR A 83 23.80 -11.31 3.68
CA TYR A 83 22.52 -11.85 3.24
C TYR A 83 22.80 -13.25 2.70
N ILE A 84 21.76 -13.99 2.33
CA ILE A 84 21.97 -15.36 1.86
C ILE A 84 21.76 -15.40 0.35
N VAL A 85 22.68 -16.00 -0.36
CA VAL A 85 22.50 -16.22 -1.78
C VAL A 85 22.19 -17.68 -2.05
N GLU A 86 21.07 -17.96 -2.70
CA GLU A 86 20.63 -19.32 -2.96
C GLU A 86 20.28 -19.40 -4.41
N LYS A 87 20.47 -20.56 -5.01
CA LYS A 87 19.97 -20.80 -6.37
C LYS A 87 18.43 -20.87 -6.36
N GLU A 88 17.81 -20.62 -7.50
CA GLU A 88 16.35 -20.67 -7.60
C GLU A 88 15.83 -22.10 -7.34
N ASN A 89 16.54 -23.11 -7.84
CA ASN A 89 16.16 -24.52 -7.62
C ASN A 89 17.40 -25.32 -7.27
N PRO A 90 17.87 -25.16 -6.03
CA PRO A 90 19.15 -25.76 -5.65
C PRO A 90 19.11 -27.28 -5.81
N VAL A 91 20.24 -27.88 -6.16
CA VAL A 91 20.28 -29.30 -6.38
C VAL A 91 20.32 -30.13 -5.07
N ASN A 92 21.10 -29.71 -4.09
CA ASN A 92 21.33 -30.51 -2.88
C ASN A 92 20.54 -30.02 -1.72
N GLY A 93 19.36 -30.59 -1.55
CA GLY A 93 18.55 -30.30 -0.40
C GLY A 93 18.50 -31.57 0.39
N LEU A 94 17.31 -32.15 0.45
CA LEU A 94 17.04 -33.37 1.17
C LEU A 94 17.51 -34.56 0.35
N CYS A 95 18.77 -34.92 0.54
CA CYS A 95 19.38 -36.06 -0.14
C CYS A 95 18.49 -37.27 0.05
N TYR A 96 18.16 -37.57 1.30
CA TYR A 96 17.12 -38.56 1.62
C TYR A 96 15.77 -37.86 1.52
N PRO A 97 14.88 -38.34 0.64
CA PRO A 97 13.70 -37.57 0.25
C PRO A 97 12.77 -37.42 1.42
N GLY A 98 12.09 -36.29 1.47
CA GLY A 98 11.22 -35.99 2.59
C GLY A 98 10.73 -34.56 2.53
N SER A 99 10.46 -33.97 3.68
CA SER A 99 9.91 -32.65 3.69
C SER A 99 10.43 -32.00 4.92
N PHE A 100 10.15 -30.72 5.03
CA PHE A 100 10.61 -29.96 6.13
C PHE A 100 9.46 -29.12 6.60
N ASN A 101 8.90 -29.45 7.74
CA ASN A 101 7.80 -28.67 8.29
C ASN A 101 8.19 -27.20 8.59
N ASP A 102 7.30 -26.28 8.22
CA ASP A 102 7.52 -24.88 8.40
C ASP A 102 8.87 -24.47 7.85
N TYR A 103 9.18 -24.92 6.66
CA TYR A 103 10.45 -24.60 6.02
C TYR A 103 10.61 -23.12 5.70
N GLU A 104 9.60 -22.49 5.12
CA GLU A 104 9.72 -21.09 4.73
C GLU A 104 9.77 -20.17 5.95
N GLU A 105 9.12 -20.57 7.04
CA GLU A 105 9.25 -19.85 8.29
C GLU A 105 10.66 -19.91 8.81
N LEU A 106 11.29 -21.06 8.63
CA LEU A 106 12.69 -21.19 8.98
C LEU A 106 13.56 -20.34 8.07
N LYS A 107 13.32 -20.41 6.77
CA LYS A 107 14.09 -19.60 5.85
C LYS A 107 13.96 -18.14 6.21
N HIS A 108 12.80 -17.73 6.67
CA HIS A 108 12.58 -16.35 6.98
C HIS A 108 13.32 -15.96 8.22
N LEU A 109 13.52 -16.92 9.10
CA LEU A 109 14.28 -16.69 10.30
C LEU A 109 15.71 -16.28 9.99
N LEU A 110 16.27 -16.74 8.88
CA LEU A 110 17.63 -16.36 8.46
C LEU A 110 17.76 -15.05 7.68
N THR A 111 16.66 -14.34 7.52
CA THR A 111 16.68 -12.99 6.96
C THR A 111 16.70 -11.95 8.07
N SER A 112 17.04 -12.38 9.27
CA SER A 112 17.39 -11.44 10.35
C SER A 112 18.70 -11.89 11.03
N VAL A 113 18.87 -13.20 11.21
CA VAL A 113 20.14 -13.71 11.69
C VAL A 113 21.19 -13.55 10.61
N THR A 114 22.43 -13.31 11.05
CA THR A 114 23.58 -13.15 10.18
C THR A 114 24.79 -14.00 10.58
N HIS A 115 24.65 -14.80 11.64
CA HIS A 115 25.67 -15.83 11.95
C HIS A 115 25.21 -16.93 12.91
N PHE A 116 25.55 -18.17 12.56
CA PHE A 116 25.35 -19.31 13.42
C PHE A 116 26.64 -19.72 14.04
N GLU A 117 26.55 -20.37 15.19
CA GLU A 117 27.61 -21.18 15.69
C GLU A 117 26.97 -22.51 15.94
N LYS A 118 27.57 -23.53 15.36
CA LYS A 118 27.02 -24.85 15.40
C LYS A 118 27.61 -25.56 16.61
N VAL A 119 26.77 -25.87 17.58
CA VAL A 119 27.18 -26.41 18.86
C VAL A 119 26.77 -27.86 18.91
N LYS A 120 27.62 -28.73 19.41
CA LYS A 120 27.30 -30.14 19.42
C LYS A 120 26.52 -30.38 20.66
N ILE A 121 25.22 -30.59 20.52
CA ILE A 121 24.34 -30.65 21.70
C ILE A 121 24.04 -32.07 22.15
N LEU A 122 24.00 -33.02 21.23
CA LEU A 122 23.69 -34.39 21.56
C LEU A 122 24.63 -35.31 20.81
N PRO A 123 25.82 -35.51 21.36
CA PRO A 123 26.85 -36.28 20.70
C PRO A 123 26.38 -37.68 20.52
N ARG A 124 26.63 -38.23 19.35
CA ARG A 124 26.09 -39.54 18.95
C ARG A 124 26.70 -40.70 19.71
N ASP A 125 27.88 -40.47 20.28
CA ASP A 125 28.62 -41.48 21.03
C ASP A 125 27.82 -41.94 22.24
N GLN A 126 26.88 -41.10 22.68
CA GLN A 126 26.11 -41.34 23.90
C GLN A 126 24.76 -42.01 23.69
N TRP A 127 24.44 -42.37 22.46
CA TRP A 127 23.34 -43.26 22.18
C TRP A 127 23.93 -44.68 22.21
N THR A 128 24.25 -45.16 23.41
CA THR A 128 24.93 -46.44 23.54
C THR A 128 24.01 -47.65 23.57
N GLN A 129 22.70 -47.45 23.42
CA GLN A 129 21.76 -48.58 23.30
C GLN A 129 21.12 -48.66 21.91
N HIS A 130 21.73 -48.00 20.94
CA HIS A 130 21.17 -47.92 19.61
C HIS A 130 22.28 -47.87 18.59
N THR A 131 22.00 -48.28 17.35
CA THR A 131 22.98 -48.14 16.30
C THR A 131 22.80 -46.75 15.71
N THR A 132 23.90 -45.99 15.63
CA THR A 132 23.85 -44.64 15.08
C THR A 132 24.39 -44.55 13.66
N THR A 133 24.93 -45.65 13.14
CA THR A 133 25.62 -45.63 11.84
C THR A 133 24.71 -45.69 10.62
N GLY A 134 23.40 -45.69 10.82
CA GLY A 134 22.47 -45.75 9.71
C GLY A 134 22.70 -44.70 8.64
N GLY A 135 22.58 -45.10 7.38
CA GLY A 135 22.67 -44.18 6.24
C GLY A 135 22.18 -44.79 4.94
N SER A 136 22.33 -44.08 3.83
CA SER A 136 21.82 -44.60 2.55
C SER A 136 22.49 -44.05 1.33
N ARG A 137 22.27 -44.71 0.20
CA ARG A 137 22.82 -44.32 -1.09
C ARG A 137 22.35 -42.98 -1.61
N ALA A 138 21.20 -42.49 -1.14
CA ALA A 138 20.73 -41.18 -1.57
C ALA A 138 21.61 -40.07 -1.03
N CYS A 139 22.20 -40.31 0.14
CA CYS A 139 23.18 -39.39 0.77
C CYS A 139 24.59 -39.94 0.68
N ALA A 140 24.95 -40.42 -0.51
CA ALA A 140 26.23 -41.12 -0.70
C ALA A 140 27.36 -40.12 -0.81
N VAL A 141 28.37 -40.29 0.04
CA VAL A 141 29.61 -39.52 -0.08
C VAL A 141 30.61 -40.38 -0.87
N SER A 142 30.76 -40.03 -2.15
CA SER A 142 31.54 -40.77 -3.12
C SER A 142 31.37 -42.29 -3.02
N GLY A 143 30.18 -42.76 -3.41
CA GLY A 143 29.90 -44.18 -3.56
C GLY A 143 29.43 -44.88 -2.30
N ASN A 144 29.78 -44.33 -1.15
CA ASN A 144 29.48 -44.98 0.12
C ASN A 144 28.30 -44.37 0.81
N PRO A 145 27.37 -45.22 1.27
CA PRO A 145 26.22 -44.67 1.96
C PRO A 145 26.63 -43.81 3.16
N SER A 146 26.09 -42.60 3.21
CA SER A 146 26.24 -41.74 4.37
C SER A 146 24.86 -41.19 4.70
N PHE A 147 24.85 -40.12 5.47
CA PHE A 147 23.65 -39.51 5.92
C PHE A 147 23.95 -38.06 6.21
N PHE A 148 22.92 -37.29 6.51
CA PHE A 148 23.09 -35.91 6.93
C PHE A 148 24.11 -35.82 8.09
N ARG A 149 25.13 -35.00 7.91
CA ARG A 149 26.24 -34.92 8.88
C ARG A 149 25.81 -34.50 10.27
N ASN A 150 24.90 -33.54 10.34
CA ASN A 150 24.39 -33.05 11.62
C ASN A 150 23.26 -33.87 12.26
N MET A 151 22.76 -34.89 11.56
CA MET A 151 21.75 -35.76 12.13
C MET A 151 22.29 -37.16 12.38
N VAL A 152 21.55 -37.89 13.20
CA VAL A 152 21.87 -39.22 13.63
C VAL A 152 20.65 -40.11 13.38
N TRP A 153 20.87 -41.20 12.66
CA TRP A 153 19.80 -42.14 12.39
C TRP A 153 19.84 -43.32 13.35
N LEU A 154 19.02 -43.22 14.41
CA LEU A 154 18.86 -44.28 15.42
C LEU A 154 18.12 -45.47 14.87
N THR A 155 18.65 -46.64 15.15
CA THR A 155 18.13 -47.90 14.70
C THR A 155 18.43 -48.91 15.78
N LYS A 156 17.82 -50.08 15.69
CA LYS A 156 17.95 -51.11 16.71
C LYS A 156 19.37 -51.66 16.83
N LYS A 157 19.78 -51.92 18.07
CA LYS A 157 21.04 -52.59 18.37
C LYS A 157 20.72 -54.04 18.67
N GLY A 158 21.11 -54.91 17.73
CA GLY A 158 20.88 -56.35 17.84
C GLY A 158 19.52 -56.80 18.36
N SER A 159 18.49 -56.61 17.54
CA SER A 159 17.15 -57.07 17.91
C SER A 159 16.47 -56.30 19.04
N ASN A 160 16.91 -55.07 19.33
CA ASN A 160 16.21 -54.25 20.29
C ASN A 160 16.37 -52.73 20.04
N TYR A 161 15.24 -52.01 20.16
CA TYR A 161 15.22 -50.53 20.16
C TYR A 161 14.62 -50.10 21.49
N PRO A 162 15.46 -49.95 22.52
CA PRO A 162 14.89 -49.50 23.79
C PRO A 162 14.50 -48.06 23.66
N ILE A 163 13.65 -47.61 24.56
CA ILE A 163 13.22 -46.24 24.52
C ILE A 163 14.46 -45.34 24.45
N ALA A 164 14.46 -44.39 23.50
CA ALA A 164 15.55 -43.44 23.31
C ALA A 164 15.18 -42.12 23.91
N LYS A 165 15.97 -41.67 24.85
CA LYS A 165 15.55 -40.63 25.77
C LYS A 165 16.80 -39.79 26.12
N ARG A 166 16.88 -38.59 25.55
CA ARG A 166 17.96 -37.67 25.81
C ARG A 166 17.39 -36.27 25.87
N SER A 167 18.01 -35.43 26.68
CA SER A 167 17.62 -34.04 26.76
C SER A 167 18.84 -33.11 26.56
N TYR A 168 18.59 -31.81 26.59
CA TYR A 168 19.64 -30.85 26.42
C TYR A 168 19.21 -29.50 26.94
N ASN A 169 19.81 -29.04 28.03
CA ASN A 169 19.57 -27.69 28.55
C ASN A 169 20.37 -26.71 27.72
N ASN A 170 19.70 -25.73 27.11
CA ASN A 170 20.43 -24.75 26.30
C ASN A 170 21.22 -23.81 27.16
N THR A 171 22.46 -24.19 27.46
CA THR A 171 23.33 -23.34 28.31
C THR A 171 24.27 -22.45 27.50
N SER A 172 24.05 -22.43 26.18
CA SER A 172 24.87 -21.66 25.26
C SER A 172 24.73 -20.14 25.39
N GLY A 173 23.76 -19.68 26.18
CA GLY A 173 23.61 -18.24 26.44
C GLY A 173 23.03 -17.41 25.30
N GLU A 174 22.74 -18.07 24.20
CA GLU A 174 22.00 -17.46 23.13
C GLU A 174 20.93 -18.47 22.64
N GLN A 175 20.00 -17.98 21.83
CA GLN A 175 18.88 -18.76 21.33
C GLN A 175 19.33 -19.76 20.31
N MET A 176 18.75 -20.94 20.31
CA MET A 176 19.30 -22.02 19.51
C MET A 176 18.28 -22.78 18.68
N LEU A 177 18.54 -22.87 17.39
CA LEU A 177 17.75 -23.65 16.48
C LEU A 177 18.11 -25.10 16.63
N VAL A 178 17.13 -25.94 16.93
CA VAL A 178 17.33 -27.41 16.94
C VAL A 178 16.41 -28.06 15.89
N ILE A 179 16.92 -29.01 15.12
CA ILE A 179 16.13 -29.66 14.07
C ILE A 179 16.11 -31.15 14.33
N TRP A 180 15.01 -31.82 13.98
CA TRP A 180 14.94 -33.27 14.09
C TRP A 180 13.98 -33.80 13.10
N GLY A 181 13.95 -35.11 13.00
CA GLY A 181 13.13 -35.73 11.95
C GLY A 181 12.48 -37.00 12.42
N ILE A 182 11.55 -37.48 11.61
CA ILE A 182 10.96 -38.76 11.85
C ILE A 182 11.03 -39.49 10.53
N HIS A 183 11.44 -40.76 10.58
CA HIS A 183 11.57 -41.58 9.37
C HIS A 183 10.24 -42.26 9.10
N HIS A 184 9.74 -42.12 7.88
CA HIS A 184 8.50 -42.72 7.44
C HIS A 184 8.84 -43.86 6.49
N PRO A 185 8.93 -45.10 7.02
CA PRO A 185 9.41 -46.16 6.14
C PRO A 185 8.44 -46.49 5.04
N ASN A 186 8.89 -47.34 4.13
CA ASN A 186 8.11 -47.73 2.95
C ASN A 186 7.14 -48.86 3.20
N ASP A 187 7.45 -49.72 4.17
CA ASP A 187 6.62 -50.88 4.53
C ASP A 187 6.99 -51.53 5.89
N ASP A 188 6.10 -52.37 6.43
CA ASP A 188 6.26 -52.94 7.78
C ASP A 188 7.53 -53.75 7.97
N ALA A 189 7.97 -54.42 6.90
CA ALA A 189 9.23 -55.16 6.91
C ALA A 189 10.39 -54.23 7.27
N GLU A 190 10.50 -53.11 6.56
CA GLU A 190 11.55 -52.13 6.76
C GLU A 190 11.47 -51.53 8.17
N GLN A 191 10.26 -51.29 8.63
CA GLN A 191 10.03 -50.71 9.95
C GLN A 191 10.54 -51.62 11.06
N ARG A 192 10.45 -52.93 10.84
CA ARG A 192 10.96 -53.92 11.81
C ARG A 192 12.46 -54.13 11.66
N THR A 193 12.91 -54.28 10.42
CA THR A 193 14.31 -54.42 10.16
C THR A 193 15.07 -53.38 10.97
N LEU A 194 14.55 -52.14 10.98
CA LEU A 194 15.30 -50.98 11.51
C LEU A 194 14.99 -50.68 12.95
N TYR A 195 13.72 -50.84 13.35
CA TYR A 195 13.28 -50.43 14.70
C TYR A 195 12.59 -51.52 15.48
N GLN A 196 12.46 -52.71 15.07
CA GLN A 196 11.96 -53.94 15.70
C GLN A 196 10.45 -53.87 15.86
N ASN A 197 10.02 -52.72 16.60
CA ASN A 197 8.62 -52.49 16.91
C ASN A 197 7.88 -51.80 15.78
N VAL A 198 6.57 -51.82 15.90
CA VAL A 198 5.67 -51.16 14.97
C VAL A 198 4.76 -50.31 15.84
N GLY A 199 4.20 -49.25 15.27
CA GLY A 199 3.36 -48.33 16.05
C GLY A 199 4.25 -47.63 17.02
N THR A 200 4.99 -46.67 16.52
CA THR A 200 6.12 -46.10 17.24
C THR A 200 5.86 -44.63 17.39
N TYR A 201 6.61 -43.95 18.23
CA TYR A 201 6.45 -42.50 18.28
C TYR A 201 7.77 -41.75 18.47
N VAL A 202 7.76 -40.50 18.08
CA VAL A 202 8.80 -39.58 18.39
C VAL A 202 8.17 -38.35 19.00
N SER A 203 8.39 -38.14 20.29
CA SER A 203 7.94 -36.94 20.97
C SER A 203 9.13 -36.03 21.25
N VAL A 204 8.87 -34.73 21.18
CA VAL A 204 9.83 -33.72 21.47
C VAL A 204 9.19 -32.67 22.37
N GLY A 205 9.79 -32.40 23.53
CA GLY A 205 9.24 -31.43 24.46
C GLY A 205 10.21 -30.32 24.77
N THR A 206 9.76 -29.08 24.72
CA THR A 206 10.43 -28.00 25.40
C THR A 206 9.42 -27.33 26.33
N SER A 207 9.76 -26.17 26.86
CA SER A 207 8.85 -25.49 27.73
C SER A 207 7.63 -25.06 26.91
N THR A 208 7.84 -24.69 25.64
CA THR A 208 6.74 -24.29 24.77
C THR A 208 6.40 -25.26 23.65
N LEU A 209 7.29 -26.16 23.29
CA LEU A 209 7.01 -27.09 22.21
C LEU A 209 6.56 -28.42 22.73
N ASN A 210 5.57 -28.98 22.09
CA ASN A 210 5.06 -30.28 22.48
C ASN A 210 4.56 -30.99 21.24
N LYS A 211 5.43 -31.78 20.61
CA LYS A 211 5.06 -32.54 19.41
C LYS A 211 5.08 -34.01 19.72
N ARG A 212 4.32 -34.78 18.94
CA ARG A 212 4.38 -36.23 18.98
C ARG A 212 3.98 -36.77 17.64
N SER A 213 4.95 -37.37 16.96
CA SER A 213 4.79 -37.83 15.61
C SER A 213 4.81 -39.33 15.59
N ILE A 214 3.95 -39.90 14.76
CA ILE A 214 3.92 -41.31 14.54
C ILE A 214 4.34 -41.52 13.09
N PRO A 215 5.21 -42.51 12.84
CA PRO A 215 5.56 -42.79 11.47
C PRO A 215 4.37 -43.24 10.63
N GLU A 216 4.18 -42.61 9.47
CA GLU A 216 3.24 -43.03 8.45
C GLU A 216 3.89 -43.98 7.47
N ILE A 217 3.76 -45.27 7.71
CA ILE A 217 4.34 -46.29 6.84
C ILE A 217 3.47 -46.55 5.62
N ALA A 218 3.85 -46.00 4.49
CA ALA A 218 3.07 -46.15 3.25
C ALA A 218 3.99 -46.43 2.06
N THR A 219 3.48 -47.18 1.10
CA THR A 219 4.16 -47.39 -0.18
C THR A 219 4.09 -46.11 -1.01
N ARG A 220 5.20 -45.75 -1.64
CA ARG A 220 5.24 -44.52 -2.43
C ARG A 220 6.36 -44.52 -3.47
N PRO A 221 6.20 -43.70 -4.53
CA PRO A 221 7.18 -43.57 -5.61
C PRO A 221 8.59 -43.36 -5.12
N LYS A 222 9.55 -43.92 -5.83
CA LYS A 222 10.96 -43.71 -5.53
C LYS A 222 11.39 -42.30 -5.94
N VAL A 223 11.78 -41.52 -4.95
CA VAL A 223 12.53 -40.28 -5.15
C VAL A 223 13.97 -40.57 -4.72
N ASN A 224 14.94 -40.14 -5.51
CA ASN A 224 16.35 -40.50 -5.30
C ASN A 224 16.50 -42.00 -5.05
N GLY A 225 15.72 -42.81 -5.78
CA GLY A 225 15.78 -44.26 -5.64
C GLY A 225 15.31 -44.84 -4.33
N LEU A 226 14.62 -44.03 -3.52
CA LEU A 226 14.13 -44.45 -2.19
C LEU A 226 12.62 -44.24 -2.05
N GLY A 227 11.97 -45.13 -1.31
CA GLY A 227 10.54 -45.04 -1.04
C GLY A 227 10.21 -44.44 0.32
N GLY A 228 11.12 -44.56 1.28
CA GLY A 228 10.94 -43.95 2.60
C GLY A 228 10.96 -42.44 2.49
N ARG A 229 10.63 -41.78 3.58
CA ARG A 229 10.66 -40.33 3.64
C ARG A 229 11.13 -39.93 4.99
N MET A 230 11.69 -38.74 5.11
CA MET A 230 12.01 -38.23 6.41
C MET A 230 11.49 -36.85 6.52
N GLU A 231 10.64 -36.65 7.51
CA GLU A 231 9.97 -35.39 7.70
C GLU A 231 10.71 -34.72 8.81
N PHE A 232 11.27 -33.55 8.52
CA PHE A 232 12.01 -32.79 9.51
C PHE A 232 11.25 -31.62 10.10
N SER A 233 11.61 -31.27 11.32
CA SER A 233 10.92 -30.26 12.04
C SER A 233 11.97 -29.46 12.74
N TRP A 234 11.59 -28.32 13.31
CA TRP A 234 12.54 -27.48 13.99
C TRP A 234 11.90 -26.62 15.02
N THR A 235 12.75 -26.07 15.87
CA THR A 235 12.30 -25.26 16.97
C THR A 235 13.44 -24.34 17.40
N LEU A 236 13.10 -23.25 18.08
CA LEU A 236 14.04 -22.40 18.74
C LEU A 236 14.00 -22.75 20.19
N LEU A 237 15.07 -23.34 20.68
CA LEU A 237 15.24 -23.56 22.08
C LEU A 237 15.70 -22.26 22.70
N GLU A 238 14.93 -21.73 23.63
CA GLU A 238 15.27 -20.48 24.27
C GLU A 238 16.43 -20.71 25.25
N THR A 239 17.12 -19.66 25.67
CA THR A 239 18.24 -19.81 26.61
C THR A 239 17.80 -20.42 27.93
N TRP A 240 18.55 -21.39 28.40
CA TRP A 240 18.28 -22.09 29.67
C TRP A 240 17.07 -23.01 29.63
N ASP A 241 16.43 -23.14 28.47
CA ASP A 241 15.33 -24.07 28.32
C ASP A 241 15.92 -25.42 27.95
N VAL A 242 15.15 -26.47 28.19
CA VAL A 242 15.56 -27.83 27.93
C VAL A 242 14.71 -28.38 26.81
N ILE A 243 15.27 -29.26 26.00
CA ILE A 243 14.53 -29.99 24.99
C ILE A 243 14.70 -31.49 25.25
N ASN A 244 13.59 -32.22 25.26
CA ASN A 244 13.61 -33.62 25.52
C ASN A 244 13.24 -34.35 24.27
N PHE A 245 13.95 -35.42 23.97
CA PHE A 245 13.59 -36.34 22.89
C PHE A 245 13.22 -37.63 23.52
N GLU A 246 12.18 -38.24 22.99
CA GLU A 246 11.73 -39.52 23.49
C GLU A 246 11.25 -40.25 22.30
N SER A 247 11.75 -41.44 22.07
CA SER A 247 11.36 -42.18 20.91
C SER A 247 11.50 -43.67 21.11
N THR A 248 10.56 -44.41 20.53
CA THR A 248 10.57 -45.86 20.58
C THR A 248 10.84 -46.39 19.18
N GLY A 249 11.32 -45.51 18.30
CA GLY A 249 11.60 -45.84 16.89
C GLY A 249 11.30 -44.66 15.98
N ASN A 250 11.94 -44.66 14.82
CA ASN A 250 11.80 -43.64 13.79
C ASN A 250 12.40 -42.22 14.01
N LEU A 251 13.06 -41.99 15.15
CA LEU A 251 13.74 -40.72 15.39
C LEU A 251 14.98 -40.54 14.53
N ILE A 252 15.03 -39.40 13.85
CA ILE A 252 16.25 -38.85 13.26
C ILE A 252 16.63 -37.69 14.18
N ALA A 253 17.62 -37.91 15.01
CA ALA A 253 17.92 -37.00 16.07
C ALA A 253 19.07 -36.10 15.68
N PRO A 254 19.05 -34.86 16.19
CA PRO A 254 20.14 -33.97 15.93
C PRO A 254 21.39 -34.31 16.73
N GLU A 255 22.55 -34.07 16.14
CA GLU A 255 23.77 -34.06 16.90
C GLU A 255 24.06 -32.63 17.21
N TYR A 256 23.71 -31.71 16.29
CA TYR A 256 24.03 -30.29 16.51
C TYR A 256 22.79 -29.40 16.58
N GLY A 257 22.95 -28.29 17.29
CA GLY A 257 22.03 -27.19 17.25
C GLY A 257 22.77 -26.02 16.63
N PHE A 258 22.09 -24.90 16.46
CA PHE A 258 22.67 -23.75 15.82
C PHE A 258 22.34 -22.53 16.63
N LYS A 259 23.31 -22.10 17.42
CA LYS A 259 23.17 -20.95 18.27
C LYS A 259 23.08 -19.74 17.36
N ILE A 260 22.02 -18.95 17.44
CA ILE A 260 21.96 -17.76 16.54
C ILE A 260 22.96 -16.70 17.02
N SER A 261 24.16 -16.75 16.42
CA SER A 261 25.37 -16.09 16.94
C SER A 261 25.51 -14.62 16.65
N LYS A 262 24.95 -14.15 15.54
CA LYS A 262 24.90 -12.72 15.23
C LYS A 262 23.51 -12.36 14.75
N ARG A 263 23.07 -11.17 15.11
CA ARG A 263 21.77 -10.71 14.67
C ARG A 263 21.94 -9.60 13.64
N GLY A 264 20.85 -9.20 13.00
CA GLY A 264 20.84 -7.97 12.23
C GLY A 264 19.89 -8.00 11.07
N SER A 265 20.41 -7.65 9.91
CA SER A 265 19.61 -7.43 8.74
C SER A 265 20.20 -8.20 7.58
N SER A 266 19.54 -9.30 7.20
CA SER A 266 19.86 -9.98 5.95
C SER A 266 18.56 -10.21 5.13
N GLY A 267 18.68 -11.01 4.10
CA GLY A 267 17.55 -11.49 3.30
C GLY A 267 18.07 -12.65 2.47
N ILE A 268 17.18 -13.31 1.73
CA ILE A 268 17.63 -14.36 0.81
C ILE A 268 17.39 -13.91 -0.58
N MET A 269 18.39 -13.91 -1.43
CA MET A 269 18.10 -13.62 -2.82
C MET A 269 18.49 -14.73 -3.76
N LYS A 270 17.60 -14.97 -4.69
CA LYS A 270 17.68 -16.12 -5.53
C LYS A 270 18.40 -15.69 -6.77
N THR A 271 19.57 -16.27 -7.00
CA THR A 271 20.40 -15.91 -8.16
C THR A 271 21.53 -16.90 -8.33
N GLU A 272 22.04 -16.96 -9.55
CA GLU A 272 23.10 -17.91 -9.88
C GLU A 272 24.43 -17.20 -10.00
N LYS A 273 24.43 -15.88 -9.78
CA LYS A 273 25.67 -15.11 -9.77
C LYS A 273 26.55 -15.52 -8.62
N ILE A 274 27.86 -15.45 -8.85
CA ILE A 274 28.84 -15.70 -7.80
C ILE A 274 29.24 -14.37 -7.17
N LEU A 275 29.56 -14.42 -5.88
CA LEU A 275 30.07 -13.25 -5.16
C LEU A 275 31.36 -12.76 -5.81
N GLU A 276 31.58 -11.45 -5.71
CA GLU A 276 32.81 -10.83 -6.17
C GLU A 276 33.29 -9.81 -5.14
N ASN A 277 34.44 -9.22 -5.42
CA ASN A 277 35.08 -8.30 -4.50
C ASN A 277 34.65 -6.85 -4.74
N CYS A 278 33.50 -6.48 -4.18
CA CYS A 278 33.00 -5.11 -4.29
C CYS A 278 32.12 -4.82 -3.06
N GLU A 279 31.55 -3.63 -3.00
CA GLU A 279 30.82 -3.21 -1.82
C GLU A 279 29.53 -2.48 -2.22
N THR A 280 28.50 -2.54 -1.35
CA THR A 280 27.27 -1.75 -1.57
C THR A 280 26.47 -1.55 -0.32
N LYS A 281 25.53 -0.61 -0.39
CA LYS A 281 24.46 -0.49 0.60
C LYS A 281 23.14 -1.01 0.01
N CYS A 282 23.18 -1.46 -1.25
CA CYS A 282 21.99 -1.95 -1.96
C CYS A 282 22.35 -2.97 -3.05
N GLN A 283 21.89 -4.21 -2.88
CA GLN A 283 22.19 -5.31 -3.80
C GLN A 283 20.92 -5.84 -4.45
N THR A 284 20.99 -6.15 -5.75
CA THR A 284 19.91 -6.75 -6.48
C THR A 284 20.44 -7.94 -7.23
N PRO A 285 19.56 -8.87 -7.63
CA PRO A 285 19.94 -10.08 -8.38
C PRO A 285 20.76 -9.85 -9.67
N LEU A 286 20.69 -8.65 -10.22
CA LEU A 286 21.39 -8.32 -11.46
C LEU A 286 22.73 -7.65 -11.22
N GLY A 287 22.91 -7.14 -10.00
CA GLY A 287 24.06 -6.35 -9.66
C GLY A 287 23.71 -5.35 -8.60
N ALA A 288 24.70 -4.56 -8.18
CA ALA A 288 24.54 -3.65 -7.08
C ALA A 288 24.35 -2.26 -7.58
N ILE A 289 23.83 -1.41 -6.71
CA ILE A 289 23.44 -0.06 -7.03
C ILE A 289 24.22 0.95 -6.18
N ASN A 290 25.03 1.77 -6.84
CA ASN A 290 25.65 2.93 -6.21
C ASN A 290 24.84 4.13 -6.68
N THR A 291 24.03 4.72 -5.80
CA THR A 291 23.21 5.86 -6.20
C THR A 291 22.76 6.72 -5.03
N THR A 292 22.53 7.99 -5.32
CA THR A 292 21.89 8.89 -4.38
C THR A 292 20.46 9.21 -4.85
N LEU A 293 20.06 8.67 -5.99
CA LEU A 293 18.75 9.01 -6.54
C LEU A 293 17.66 8.25 -5.79
N PRO A 294 16.44 8.77 -5.83
CA PRO A 294 15.35 8.25 -5.02
C PRO A 294 14.64 7.07 -5.65
N PHE A 295 14.79 6.92 -6.96
CA PHE A 295 14.12 5.85 -7.67
C PHE A 295 15.12 5.04 -8.47
N HIS A 296 14.84 3.75 -8.60
CA HIS A 296 15.55 2.93 -9.56
C HIS A 296 14.57 2.08 -10.32
N ASN A 297 14.98 1.52 -11.43
CA ASN A 297 14.11 0.61 -12.18
C ASN A 297 14.78 -0.69 -12.55
N ILE A 298 15.84 -1.01 -11.83
CA ILE A 298 16.69 -2.13 -12.16
C ILE A 298 16.00 -3.42 -11.88
N HIS A 299 15.56 -3.60 -10.64
CA HIS A 299 14.96 -4.87 -10.24
C HIS A 299 14.22 -4.71 -8.92
N PRO A 300 12.99 -5.15 -8.86
CA PRO A 300 12.21 -4.99 -7.63
C PRO A 300 12.77 -5.69 -6.40
N LEU A 301 13.35 -6.87 -6.57
CA LEU A 301 13.83 -7.69 -5.45
C LEU A 301 15.21 -7.33 -4.90
N THR A 302 15.30 -6.13 -4.35
CA THR A 302 16.53 -5.65 -3.77
C THR A 302 16.77 -6.14 -2.31
N ILE A 303 18.00 -6.02 -1.84
CA ILE A 303 18.31 -6.15 -0.42
C ILE A 303 19.24 -5.00 -0.04
N GLY A 304 18.95 -4.30 1.06
CA GLY A 304 19.76 -3.18 1.50
C GLY A 304 19.03 -1.83 1.53
N GLU A 305 19.77 -0.74 1.65
CA GLU A 305 19.17 0.58 1.66
C GLU A 305 19.10 1.05 0.21
N CYS A 306 17.90 0.99 -0.37
CA CYS A 306 17.73 1.16 -1.80
C CYS A 306 16.75 2.27 -2.13
N PRO A 307 16.88 2.86 -3.31
CA PRO A 307 15.84 3.74 -3.80
C PRO A 307 14.57 2.98 -4.11
N LYS A 308 13.46 3.71 -4.21
CA LYS A 308 12.15 3.10 -4.49
C LYS A 308 12.10 2.56 -5.93
N TYR A 309 11.84 1.26 -6.07
CA TYR A 309 11.71 0.66 -7.38
C TYR A 309 10.49 1.25 -8.03
N VAL A 310 10.62 1.65 -9.29
CA VAL A 310 9.48 2.07 -10.10
C VAL A 310 9.50 1.38 -11.47
N LYS A 311 8.33 1.32 -12.09
CA LYS A 311 8.15 0.80 -13.41
C LYS A 311 8.16 1.99 -14.34
N SER A 312 9.31 2.58 -14.55
CA SER A 312 9.38 3.76 -15.38
C SER A 312 10.69 3.70 -16.16
N ASP A 313 10.70 4.30 -17.34
CA ASP A 313 11.88 4.29 -18.19
C ASP A 313 12.67 5.58 -18.09
N ARG A 314 12.03 6.66 -17.62
CA ARG A 314 12.70 7.94 -17.48
C ARG A 314 11.97 8.91 -16.53
N LEU A 315 12.74 9.50 -15.62
CA LEU A 315 12.25 10.57 -14.76
C LEU A 315 13.35 11.61 -14.71
N ILE A 316 13.08 12.76 -15.31
CA ILE A 316 14.08 13.80 -15.44
C ILE A 316 13.50 15.14 -15.08
N LEU A 317 14.10 15.76 -14.09
CA LEU A 317 13.65 17.07 -13.64
C LEU A 317 14.39 18.09 -14.44
N ALA A 318 13.67 19.08 -14.96
CA ALA A 318 14.29 20.23 -15.56
C ALA A 318 14.83 21.02 -14.39
N THR A 319 16.08 21.43 -14.52
CA THR A 319 16.67 22.38 -13.63
C THR A 319 17.01 23.64 -14.40
N GLY A 320 17.25 23.51 -15.70
CA GLY A 320 17.67 24.64 -16.51
C GLY A 320 16.57 25.37 -17.26
N LEU A 321 17.01 26.29 -18.10
CA LEU A 321 16.12 27.10 -18.93
C LEU A 321 15.63 26.28 -20.10
N ARG A 322 14.57 26.77 -20.74
CA ARG A 322 14.11 26.21 -21.99
C ARG A 322 15.17 26.56 -23.04
N ASN A 323 15.85 25.56 -23.56
CA ASN A 323 16.99 25.82 -24.43
C ASN A 323 16.52 26.17 -25.84
N VAL A 324 16.55 27.45 -26.16
CA VAL A 324 16.01 27.97 -27.42
C VAL A 324 16.99 28.93 -28.10
N PRO A 325 17.79 28.44 -29.08
CA PRO A 325 18.81 29.31 -29.69
C PRO A 325 18.25 30.36 -30.64
N GLY B 4 21.79 43.96 -36.47
CA GLY B 4 22.53 44.29 -35.22
C GLY B 4 21.91 43.79 -33.92
N ALA B 5 22.52 42.79 -33.27
CA ALA B 5 22.28 42.47 -31.83
C ALA B 5 20.83 42.11 -31.51
N ILE B 6 20.40 42.33 -30.26
CA ILE B 6 18.97 42.66 -30.00
C ILE B 6 18.11 41.53 -29.42
N ALA B 7 18.43 40.27 -29.70
CA ALA B 7 17.61 39.20 -29.11
C ALA B 7 17.46 39.52 -27.62
N GLY B 8 16.23 39.57 -27.11
CA GLY B 8 16.00 39.78 -25.69
C GLY B 8 15.51 38.49 -25.08
N PHE B 9 14.75 38.59 -23.99
CA PHE B 9 14.07 37.42 -23.47
C PHE B 9 13.15 36.93 -24.58
N ILE B 10 12.36 37.83 -25.17
CA ILE B 10 11.60 37.48 -26.36
C ILE B 10 12.65 37.15 -27.40
N GLU B 11 12.31 36.31 -28.37
CA GLU B 11 13.20 35.97 -29.49
C GLU B 11 14.11 34.78 -29.21
N GLY B 12 14.62 34.65 -27.97
CA GLY B 12 15.29 33.41 -27.59
C GLY B 12 16.40 33.51 -26.58
N GLY B 13 17.26 32.50 -26.62
CA GLY B 13 18.37 32.40 -25.70
C GLY B 13 19.63 32.93 -26.30
N TRP B 14 20.64 33.11 -25.43
CA TRP B 14 21.96 33.55 -25.82
C TRP B 14 23.01 32.53 -25.45
N GLN B 15 23.56 31.82 -26.43
CA GLN B 15 24.69 30.95 -26.15
C GLN B 15 25.86 31.77 -25.65
N GLY B 16 25.96 33.01 -26.11
CA GLY B 16 27.07 33.87 -25.77
C GLY B 16 27.12 34.30 -24.32
N MET B 17 26.07 34.00 -23.56
CA MET B 17 26.07 34.28 -22.13
C MET B 17 26.41 33.02 -21.35
N VAL B 18 27.66 32.58 -21.46
CA VAL B 18 28.16 31.44 -20.68
C VAL B 18 28.17 31.72 -19.17
N ASP B 19 28.04 32.99 -18.81
CA ASP B 19 28.20 33.47 -17.44
C ASP B 19 27.22 32.84 -16.42
N GLY B 20 25.92 33.06 -16.59
CA GLY B 20 24.91 32.54 -15.65
C GLY B 20 23.62 32.18 -16.36
N TRP B 21 22.49 32.43 -15.73
CA TRP B 21 21.21 32.00 -16.29
C TRP B 21 20.43 33.14 -16.89
N TYR B 22 20.26 34.20 -16.13
CA TYR B 22 19.59 35.37 -16.66
C TYR B 22 20.58 36.49 -16.66
N GLY B 23 20.43 37.42 -17.60
CA GLY B 23 21.38 38.53 -17.69
C GLY B 23 21.15 39.56 -18.77
N TYR B 24 22.17 40.39 -18.99
CA TYR B 24 22.04 41.54 -19.88
C TYR B 24 23.04 41.47 -21.01
N HIS B 25 22.62 41.99 -22.16
CA HIS B 25 23.53 42.32 -23.24
C HIS B 25 23.46 43.82 -23.41
N HIS B 26 24.61 44.44 -23.67
CA HIS B 26 24.70 45.90 -23.80
C HIS B 26 25.38 46.29 -25.10
N SER B 27 25.15 47.54 -25.50
CA SER B 27 25.69 48.07 -26.74
C SER B 27 25.89 49.58 -26.62
N ASN B 28 27.15 50.00 -26.60
CA ASN B 28 27.49 51.42 -26.48
C ASN B 28 28.72 51.76 -27.31
N ASP B 29 29.26 52.97 -27.15
CA ASP B 29 30.44 53.39 -27.91
C ASP B 29 31.65 52.51 -27.59
N GLN B 30 31.83 52.15 -26.32
CA GLN B 30 32.95 51.29 -25.90
C GLN B 30 32.87 49.93 -26.58
N GLY B 31 31.71 49.29 -26.50
CA GLY B 31 31.53 48.01 -27.18
C GLY B 31 30.26 47.25 -26.83
N SER B 32 30.34 45.94 -26.96
CA SER B 32 29.25 45.03 -26.65
C SER B 32 29.77 43.83 -25.90
N GLY B 33 28.91 43.26 -25.07
CA GLY B 33 29.25 42.07 -24.31
C GLY B 33 28.05 41.57 -23.54
N TYR B 34 28.15 40.33 -23.08
CA TYR B 34 27.11 39.72 -22.25
C TYR B 34 27.51 39.77 -20.78
N ALA B 35 26.52 39.77 -19.89
CA ALA B 35 26.78 39.75 -18.45
C ALA B 35 25.59 39.20 -17.66
N ALA B 36 25.86 38.21 -16.81
CA ALA B 36 24.81 37.61 -15.97
C ALA B 36 24.38 38.53 -14.85
N ASP B 37 23.13 38.38 -14.42
CA ASP B 37 22.70 38.96 -13.16
C ASP B 37 22.95 37.92 -12.08
N LYS B 38 24.01 38.11 -11.32
CA LYS B 38 24.41 37.20 -10.25
C LYS B 38 23.27 37.02 -9.25
N GLU B 39 22.53 38.09 -8.97
CA GLU B 39 21.45 38.09 -7.98
C GLU B 39 20.28 37.22 -8.44
N SER B 40 19.89 37.42 -9.70
CA SER B 40 18.74 36.76 -10.27
C SER B 40 19.02 35.29 -10.50
N THR B 41 20.19 35.04 -11.06
CA THR B 41 20.67 33.70 -11.28
C THR B 41 20.77 32.94 -9.97
N GLN B 42 21.33 33.54 -8.94
CA GLN B 42 21.51 32.82 -7.69
C GLN B 42 20.19 32.41 -7.09
N LYS B 43 19.33 33.39 -6.82
CA LYS B 43 18.01 33.10 -6.27
C LYS B 43 17.39 31.87 -6.98
N ALA B 44 17.55 31.79 -8.29
CA ALA B 44 17.04 30.64 -9.06
C ALA B 44 17.80 29.34 -8.75
N ILE B 45 19.12 29.34 -8.93
CA ILE B 45 19.93 28.15 -8.65
C ILE B 45 19.53 27.59 -7.28
N ASP B 46 19.41 28.47 -6.28
CA ASP B 46 19.02 28.06 -4.92
C ASP B 46 17.64 27.42 -4.93
N GLY B 47 16.67 28.13 -5.53
CA GLY B 47 15.33 27.63 -5.68
C GLY B 47 15.35 26.26 -6.30
N ILE B 48 16.02 26.13 -7.44
CA ILE B 48 16.00 24.89 -8.17
C ILE B 48 16.73 23.77 -7.42
N THR B 49 17.81 24.11 -6.74
CA THR B 49 18.55 23.13 -5.95
C THR B 49 17.64 22.58 -4.87
N ASN B 50 16.91 23.47 -4.23
CA ASN B 50 15.95 23.08 -3.22
C ASN B 50 14.84 22.23 -3.75
N LYS B 51 14.36 22.56 -4.93
CA LYS B 51 13.31 21.79 -5.54
C LYS B 51 13.80 20.36 -5.68
N VAL B 52 15.04 20.20 -6.12
CA VAL B 52 15.56 18.89 -6.42
C VAL B 52 15.80 18.14 -5.13
N ASN B 53 16.28 18.82 -4.10
CA ASN B 53 16.47 18.13 -2.83
C ASN B 53 15.16 17.76 -2.19
N SER B 54 14.12 18.56 -2.42
CA SER B 54 12.83 18.28 -1.79
C SER B 54 12.29 16.95 -2.26
N VAL B 55 12.35 16.74 -3.57
CA VAL B 55 11.93 15.49 -4.16
C VAL B 55 12.80 14.31 -3.70
N ILE B 56 14.07 14.55 -3.43
CA ILE B 56 14.98 13.48 -3.01
C ILE B 56 15.01 13.19 -1.48
N GLU B 57 14.63 14.14 -0.62
CA GLU B 57 14.35 13.88 0.84
C GLU B 57 12.90 13.34 1.07
N LYS B 58 12.90 12.07 1.42
CA LYS B 58 11.99 11.09 0.92
C LYS B 58 11.68 10.22 2.10
N MET B 59 11.40 8.94 1.84
CA MET B 59 11.75 7.85 2.76
C MET B 59 13.12 7.36 2.31
N ASN B 60 13.47 6.11 2.63
CA ASN B 60 14.65 5.41 2.10
C ASN B 60 15.20 4.36 3.05
N THR B 61 15.05 4.57 4.36
CA THR B 61 15.71 3.70 5.34
C THR B 61 15.20 2.24 5.27
N GLN B 62 15.97 1.45 4.51
CA GLN B 62 15.96 0.01 4.59
C GLN B 62 17.06 -0.37 5.62
N PHE B 63 17.70 -1.56 5.64
CA PHE B 63 17.44 -2.74 4.82
C PHE B 63 15.94 -3.04 4.80
N GLU B 64 15.45 -3.56 3.68
CA GLU B 64 14.08 -4.05 3.64
C GLU B 64 14.01 -5.50 3.12
N ALA B 65 14.86 -5.87 2.15
CA ALA B 65 14.89 -7.25 1.60
C ALA B 65 13.55 -7.73 1.06
N VAL B 66 13.17 -7.34 -0.16
CA VAL B 66 11.76 -7.51 -0.56
C VAL B 66 11.37 -8.97 -0.89
N GLY B 67 12.30 -9.78 -1.36
CA GLY B 67 11.96 -11.17 -1.71
C GLY B 67 11.38 -12.00 -0.55
N LYS B 68 10.20 -12.58 -0.75
CA LYS B 68 9.57 -13.47 0.26
C LYS B 68 9.21 -14.81 -0.40
N GLU B 69 9.17 -15.88 0.38
CA GLU B 69 8.97 -17.21 -0.16
C GLU B 69 7.76 -17.95 0.43
N PHE B 70 7.10 -18.76 -0.41
CA PHE B 70 5.82 -19.38 -0.04
C PHE B 70 5.66 -20.81 -0.55
N ASN B 71 4.99 -21.66 0.22
CA ASN B 71 4.56 -23.02 -0.25
C ASN B 71 3.77 -23.00 -1.51
N ASN B 72 3.60 -24.19 -2.05
CA ASN B 72 2.57 -24.48 -3.03
C ASN B 72 1.17 -24.52 -2.40
N LEU B 73 1.10 -24.65 -1.09
CA LEU B 73 -0.15 -24.43 -0.35
C LEU B 73 -0.38 -23.02 0.18
N GLU B 74 0.38 -22.05 -0.31
CA GLU B 74 0.26 -20.67 0.16
C GLU B 74 0.23 -19.75 -1.04
N ARG B 75 -0.52 -20.15 -2.06
CA ARG B 75 -0.57 -19.37 -3.28
C ARG B 75 -1.40 -18.13 -3.10
N ARG B 76 -2.42 -18.18 -2.28
CA ARG B 76 -3.19 -16.99 -2.01
C ARG B 76 -2.32 -16.00 -1.28
N LEU B 77 -1.49 -16.51 -0.39
CA LEU B 77 -0.59 -15.67 0.40
C LEU B 77 0.47 -15.05 -0.48
N GLU B 78 1.14 -15.86 -1.27
CA GLU B 78 2.02 -15.33 -2.30
C GLU B 78 1.34 -14.27 -3.14
N ASN B 79 0.12 -14.54 -3.58
CA ASN B 79 -0.58 -13.63 -4.47
C ASN B 79 -0.93 -12.33 -3.78
N LEU B 80 -1.43 -12.43 -2.57
CA LEU B 80 -1.60 -11.29 -1.67
C LEU B 80 -0.37 -10.41 -1.61
N ASN B 81 0.76 -11.03 -1.34
CA ASN B 81 2.00 -10.32 -1.20
C ASN B 81 2.38 -9.62 -2.53
N LYS B 82 2.23 -10.34 -3.64
CA LYS B 82 2.44 -9.78 -4.95
C LYS B 82 1.56 -8.58 -5.21
N LYS B 83 0.26 -8.66 -4.90
CA LYS B 83 -0.62 -7.50 -5.12
C LYS B 83 -0.20 -6.29 -4.31
N MET B 84 0.34 -6.54 -3.12
CA MET B 84 0.81 -5.47 -2.31
C MET B 84 2.04 -4.82 -2.95
N GLU B 85 3.05 -5.63 -3.27
CA GLU B 85 4.29 -5.11 -3.85
C GLU B 85 3.96 -4.36 -5.14
N ASP B 86 3.11 -4.94 -5.95
CA ASP B 86 2.62 -4.28 -7.16
C ASP B 86 1.85 -2.99 -6.88
N GLY B 87 0.98 -3.01 -5.89
CA GLY B 87 0.18 -1.86 -5.57
C GLY B 87 1.05 -0.70 -5.21
N PHE B 88 2.14 -0.96 -4.48
CA PHE B 88 2.98 0.16 -4.08
C PHE B 88 3.76 0.67 -5.25
N ILE B 89 4.28 -0.25 -6.05
CA ILE B 89 5.01 0.15 -7.22
C ILE B 89 4.12 0.97 -8.14
N ASP B 90 2.88 0.57 -8.31
CA ASP B 90 1.98 1.35 -9.13
C ASP B 90 1.84 2.79 -8.56
N VAL B 91 1.68 2.93 -7.25
CA VAL B 91 1.55 4.24 -6.63
C VAL B 91 2.80 5.07 -6.81
N TRP B 92 3.94 4.50 -6.49
CA TRP B 92 5.17 5.26 -6.55
C TRP B 92 5.48 5.64 -7.97
N THR B 93 5.28 4.70 -8.87
CA THR B 93 5.58 4.96 -10.23
C THR B 93 4.70 6.08 -10.75
N TYR B 94 3.41 6.06 -10.45
CA TYR B 94 2.52 7.10 -10.96
C TYR B 94 2.85 8.43 -10.36
N ASN B 95 3.11 8.46 -9.06
CA ASN B 95 3.32 9.74 -8.38
C ASN B 95 4.58 10.36 -8.88
N ALA B 96 5.62 9.54 -9.00
CA ALA B 96 6.89 9.99 -9.54
C ALA B 96 6.73 10.62 -10.90
N GLU B 97 6.19 9.86 -11.84
CA GLU B 97 5.99 10.38 -13.19
C GLU B 97 5.26 11.74 -13.16
N LEU B 98 4.10 11.78 -12.50
CA LEU B 98 3.34 13.01 -12.43
C LEU B 98 4.02 14.09 -11.63
N LEU B 99 4.67 13.75 -10.54
CA LEU B 99 5.42 14.73 -9.81
C LEU B 99 6.43 15.45 -10.74
N VAL B 100 7.29 14.68 -11.37
CA VAL B 100 8.23 15.22 -12.31
C VAL B 100 7.54 16.10 -13.33
N LEU B 101 6.49 15.59 -13.93
CA LEU B 101 5.76 16.32 -14.95
C LEU B 101 5.27 17.68 -14.44
N MET B 102 4.69 17.73 -13.26
CA MET B 102 4.16 19.00 -12.74
C MET B 102 5.28 19.95 -12.35
N GLU B 103 6.35 19.41 -11.79
CA GLU B 103 7.44 20.24 -11.34
C GLU B 103 8.28 20.73 -12.49
N ASN B 104 8.29 20.02 -13.61
CA ASN B 104 8.93 20.58 -14.79
C ASN B 104 8.10 21.70 -15.36
N GLU B 105 6.80 21.54 -15.43
CA GLU B 105 5.94 22.64 -15.88
C GLU B 105 6.31 23.87 -15.07
N ARG B 106 6.29 23.73 -13.75
CA ARG B 106 6.51 24.85 -12.84
C ARG B 106 7.89 25.48 -12.99
N THR B 107 8.93 24.67 -13.12
CA THR B 107 10.29 25.14 -13.29
C THR B 107 10.44 26.06 -14.51
N LEU B 108 9.93 25.63 -15.66
CA LEU B 108 10.08 26.43 -16.86
C LEU B 108 9.35 27.75 -16.71
N ASP B 109 8.13 27.74 -16.16
CA ASP B 109 7.42 29.00 -15.90
C ASP B 109 8.21 29.89 -14.96
N PHE B 110 8.78 29.27 -13.94
CA PHE B 110 9.63 29.94 -12.98
C PHE B 110 10.72 30.72 -13.71
N HIS B 111 11.40 30.09 -14.66
CA HIS B 111 12.43 30.78 -15.43
C HIS B 111 11.86 31.90 -16.25
N ASP B 112 10.72 31.69 -16.88
CA ASP B 112 10.11 32.72 -17.72
C ASP B 112 9.74 33.95 -16.88
N SER B 113 9.34 33.75 -15.63
CA SER B 113 8.91 34.87 -14.84
C SER B 113 10.12 35.58 -14.23
N ASN B 114 11.20 34.85 -13.96
CA ASN B 114 12.42 35.47 -13.45
C ASN B 114 12.99 36.43 -14.45
N VAL B 115 12.99 36.00 -15.71
CA VAL B 115 13.48 36.82 -16.79
C VAL B 115 12.56 38.01 -17.05
N LYS B 116 11.25 37.79 -16.96
CA LYS B 116 10.31 38.88 -17.07
C LYS B 116 10.53 39.91 -15.96
N ASN B 117 10.78 39.44 -14.75
CA ASN B 117 11.06 40.35 -13.62
C ASN B 117 12.28 41.19 -13.90
N LEU B 118 13.34 40.55 -14.38
CA LEU B 118 14.55 41.26 -14.69
C LEU B 118 14.25 42.38 -15.69
N TYR B 119 13.40 42.09 -16.68
CA TYR B 119 12.92 43.10 -17.62
C TYR B 119 12.25 44.26 -16.89
N ASP B 120 11.22 43.98 -16.10
CA ASP B 120 10.49 45.05 -15.40
C ASP B 120 11.32 45.79 -14.35
N LYS B 121 12.27 45.08 -13.73
CA LYS B 121 13.21 45.70 -12.79
C LYS B 121 13.99 46.82 -13.48
N VAL B 122 14.32 46.62 -14.75
CA VAL B 122 14.94 47.65 -15.57
C VAL B 122 13.90 48.67 -16.09
N ARG B 123 12.92 48.23 -16.86
CA ARG B 123 11.89 49.13 -17.37
C ARG B 123 11.46 50.18 -16.35
N MET B 124 11.05 49.72 -15.18
CA MET B 124 10.60 50.63 -14.12
C MET B 124 11.67 51.65 -13.71
N GLN B 125 12.93 51.24 -13.67
CA GLN B 125 14.00 52.13 -13.26
C GLN B 125 14.54 53.05 -14.37
N LEU B 126 14.08 52.88 -15.61
CA LEU B 126 14.51 53.75 -16.73
C LEU B 126 13.41 54.71 -17.18
N ARG B 127 12.24 54.16 -17.45
CA ARG B 127 11.08 54.90 -17.97
C ARG B 127 11.46 55.75 -19.21
N ASP B 128 11.09 57.04 -19.21
CA ASP B 128 11.19 57.89 -20.39
C ASP B 128 12.63 58.04 -20.91
N ASN B 129 13.62 57.79 -20.07
CA ASN B 129 15.02 57.84 -20.50
C ASN B 129 15.37 56.82 -21.58
N ALA B 130 14.48 55.86 -21.84
CA ALA B 130 14.74 54.80 -22.80
C ALA B 130 13.49 54.38 -23.54
N LYS B 131 13.68 53.96 -24.79
CA LYS B 131 12.60 53.43 -25.61
C LYS B 131 12.53 51.92 -25.46
N GLU B 132 11.35 51.42 -25.09
CA GLU B 132 11.08 49.99 -25.02
C GLU B 132 10.87 49.44 -26.45
N ILE B 133 11.86 48.73 -26.97
CA ILE B 133 11.82 48.23 -28.35
C ILE B 133 10.75 47.17 -28.63
N GLY B 134 10.48 46.30 -27.65
CA GLY B 134 9.44 45.27 -27.80
C GLY B 134 9.99 43.87 -28.07
N ASN B 135 11.31 43.77 -28.19
CA ASN B 135 12.00 42.49 -28.31
C ASN B 135 12.70 42.15 -27.00
N GLY B 136 12.32 42.84 -25.92
CA GLY B 136 12.99 42.68 -24.65
C GLY B 136 14.23 43.55 -24.53
N CYS B 137 14.33 44.60 -25.35
CA CYS B 137 15.44 45.52 -25.24
C CYS B 137 14.98 46.95 -25.14
N PHE B 138 15.87 47.77 -24.58
CA PHE B 138 15.65 49.18 -24.39
C PHE B 138 16.67 49.96 -25.18
N GLU B 139 16.20 50.80 -26.08
CA GLU B 139 17.06 51.79 -26.74
C GLU B 139 17.05 53.04 -25.88
N PHE B 140 18.24 53.50 -25.51
CA PHE B 140 18.35 54.74 -24.73
C PHE B 140 18.00 55.96 -25.59
N TYR B 141 17.33 56.93 -24.98
CA TYR B 141 17.13 58.22 -25.61
C TYR B 141 18.32 59.14 -25.35
N HIS B 142 19.16 58.77 -24.38
CA HIS B 142 20.39 59.50 -24.13
C HIS B 142 21.59 58.57 -24.36
N LYS B 143 22.73 58.84 -23.74
CA LYS B 143 23.91 57.99 -23.87
C LYS B 143 24.29 57.39 -22.52
N CYS B 144 24.91 56.21 -22.58
CA CYS B 144 25.23 55.44 -21.37
C CYS B 144 26.47 54.58 -21.60
N ASP B 145 27.54 54.94 -20.89
CA ASP B 145 28.80 54.21 -20.95
C ASP B 145 28.85 53.16 -19.83
N ASP B 146 29.96 52.43 -19.77
CA ASP B 146 30.13 51.32 -18.83
C ASP B 146 29.92 51.70 -17.36
N GLU B 147 30.28 52.93 -17.01
CA GLU B 147 29.99 53.44 -15.67
C GLU B 147 28.49 53.33 -15.42
N CYS B 148 27.73 53.90 -16.34
CA CYS B 148 26.29 53.92 -16.27
C CYS B 148 25.69 52.51 -16.43
N MET B 149 26.33 51.66 -17.26
CA MET B 149 25.85 50.29 -17.46
C MET B 149 25.82 49.48 -16.15
N ASN B 150 26.89 49.56 -15.37
CA ASN B 150 26.87 48.93 -14.04
C ASN B 150 25.65 49.36 -13.26
N SER B 151 25.35 50.65 -13.30
CA SER B 151 24.26 51.23 -12.52
C SER B 151 22.88 50.63 -12.86
N VAL B 152 22.62 50.44 -14.15
CA VAL B 152 21.36 49.81 -14.58
C VAL B 152 21.31 48.30 -14.24
N ARG B 153 22.45 47.61 -14.31
CA ARG B 153 22.52 46.19 -13.97
C ARG B 153 22.23 45.92 -12.50
N ASN B 154 23.05 46.51 -11.64
CA ASN B 154 22.91 46.32 -10.20
C ASN B 154 21.99 47.35 -9.54
N GLY B 155 21.06 47.91 -10.31
CA GLY B 155 19.91 48.60 -9.74
C GLY B 155 20.14 49.96 -9.14
N THR B 156 21.36 50.49 -9.31
CA THR B 156 21.73 51.83 -8.87
C THR B 156 21.75 52.83 -10.04
N TYR B 157 20.75 52.80 -10.91
CA TYR B 157 20.72 53.68 -12.09
C TYR B 157 20.17 55.06 -11.78
N ASP B 158 20.89 56.09 -12.24
CA ASP B 158 20.55 57.47 -11.94
C ASP B 158 19.61 58.02 -13.02
N TYR B 159 18.31 57.98 -12.74
CA TYR B 159 17.27 58.52 -13.62
C TYR B 159 17.26 60.04 -13.63
N ILE B 160 17.44 60.64 -12.44
CA ILE B 160 17.42 62.11 -12.29
C ILE B 160 18.60 62.77 -13.00
N LYS B 161 19.66 61.98 -13.23
CA LYS B 161 20.85 62.48 -13.91
C LYS B 161 20.60 62.73 -15.39
N TYR B 162 20.32 61.65 -16.11
CA TYR B 162 20.11 61.71 -17.56
C TYR B 162 18.69 62.15 -17.94
N GLU B 163 17.94 62.65 -16.95
CA GLU B 163 16.57 63.09 -17.12
C GLU B 163 16.43 64.17 -18.18
N GLU B 164 17.44 65.05 -18.26
CA GLU B 164 17.36 66.26 -19.06
C GLU B 164 17.39 65.96 -20.57
N GLU B 165 18.54 65.49 -21.06
CA GLU B 165 18.74 65.33 -22.51
C GLU B 165 17.94 64.18 -23.12
N SER B 166 17.53 63.24 -22.27
CA SER B 166 16.60 62.20 -22.71
C SER B 166 15.38 62.87 -23.33
N LYS B 167 14.87 63.91 -22.67
CA LYS B 167 13.71 64.64 -23.17
C LYS B 167 13.99 65.31 -24.52
N LEU B 168 15.10 66.02 -24.64
CA LEU B 168 15.39 66.74 -25.89
C LEU B 168 15.55 65.80 -27.09
N ASN B 169 16.18 64.66 -26.88
CA ASN B 169 16.32 63.64 -27.95
C ASN B 169 14.99 62.96 -28.30
N ARG B 170 14.13 62.79 -27.30
CA ARG B 170 12.84 62.13 -27.48
C ARG B 170 11.89 62.92 -28.39
N ASN B 171 11.94 64.25 -28.27
CA ASN B 171 11.00 65.12 -28.95
C ASN B 171 11.39 65.41 -30.40
N GLU B 172 12.30 64.60 -30.95
CA GLU B 172 12.39 64.33 -32.40
C GLU B 172 13.26 63.09 -32.62
N SER C 5 1.74 66.95 -5.08
CA SER C 5 2.48 65.86 -4.39
C SER C 5 1.59 64.80 -3.68
N ASP C 6 0.32 64.65 -4.10
CA ASP C 6 -0.63 63.65 -3.52
C ASP C 6 -0.37 62.21 -4.04
N GLN C 7 -0.59 61.21 -3.17
CA GLN C 7 -0.11 59.83 -3.41
C GLN C 7 -1.03 58.69 -3.00
N ILE C 8 -1.09 57.65 -3.83
CA ILE C 8 -1.69 56.36 -3.45
C ILE C 8 -0.70 55.21 -3.62
N CYS C 9 -0.82 54.23 -2.72
CA CYS C 9 0.14 53.16 -2.62
C CYS C 9 -0.58 51.86 -2.45
N ILE C 10 -0.06 50.82 -3.09
CA ILE C 10 -0.67 49.52 -2.99
C ILE C 10 0.29 48.54 -2.32
N GLY C 11 -0.14 47.93 -1.23
CA GLY C 11 0.73 47.06 -0.45
C GLY C 11 0.00 45.92 0.22
N TYR C 12 0.71 45.18 1.08
CA TYR C 12 0.15 44.02 1.75
C TYR C 12 0.47 43.97 3.22
N HIS C 13 -0.24 43.08 3.90
CA HIS C 13 -0.24 42.99 5.37
C HIS C 13 1.04 42.37 5.90
N ALA C 14 1.49 42.88 7.04
CA ALA C 14 2.54 42.22 7.82
C ALA C 14 2.19 42.31 9.30
N ASN C 15 2.82 41.48 10.10
CA ASN C 15 2.51 41.37 11.52
C ASN C 15 3.74 40.90 12.27
N ASN C 16 3.61 40.64 13.57
CA ASN C 16 4.75 40.15 14.32
C ASN C 16 4.79 38.62 14.39
N SER C 17 4.37 37.97 13.31
CA SER C 17 4.41 36.53 13.27
C SER C 17 5.85 36.10 13.09
N THR C 18 6.21 35.02 13.75
CA THR C 18 7.56 34.52 13.73
C THR C 18 7.58 33.21 12.95
N GLU C 19 6.40 32.79 12.49
CA GLU C 19 6.16 31.42 12.07
C GLU C 19 6.71 31.15 10.69
N LYS C 20 7.42 30.03 10.59
CA LYS C 20 8.14 29.68 9.39
C LYS C 20 7.48 28.52 8.62
N VAL C 21 7.57 28.56 7.30
CA VAL C 21 7.11 27.47 6.44
C VAL C 21 8.17 27.17 5.42
N ASP C 22 8.07 26.01 4.79
CA ASP C 22 8.96 25.67 3.73
C ASP C 22 8.14 25.61 2.45
N THR C 23 8.77 25.84 1.32
CA THR C 23 8.12 25.68 0.02
C THR C 23 9.02 24.80 -0.79
N ILE C 24 8.63 24.44 -2.00
CA ILE C 24 9.52 23.70 -2.87
C ILE C 24 10.80 24.46 -3.17
N LEU C 25 10.69 25.77 -3.36
CA LEU C 25 11.84 26.58 -3.72
C LEU C 25 12.61 27.18 -2.52
N GLU C 26 11.95 27.33 -1.38
CA GLU C 26 12.47 28.14 -0.28
C GLU C 26 12.23 27.48 1.04
N ARG C 27 13.06 27.81 2.01
CA ARG C 27 13.06 27.18 3.30
C ARG C 27 12.90 28.22 4.37
N ASN C 28 12.45 27.80 5.53
CA ASN C 28 12.35 28.68 6.70
C ASN C 28 11.93 30.09 6.28
N VAL C 29 10.79 30.19 5.59
CA VAL C 29 10.20 31.47 5.15
C VAL C 29 9.17 31.97 6.15
N THR C 30 9.35 33.16 6.69
CA THR C 30 8.45 33.65 7.71
C THR C 30 7.21 34.09 7.00
N VAL C 31 6.05 33.71 7.55
CA VAL C 31 4.76 34.11 6.99
C VAL C 31 3.88 34.66 8.08
N THR C 32 2.89 35.43 7.66
CA THR C 32 1.97 36.10 8.56
C THR C 32 1.04 35.11 9.28
N HIS C 33 0.66 34.04 8.56
CA HIS C 33 -0.25 33.04 9.09
C HIS C 33 0.09 31.69 8.54
N ALA C 34 -0.17 30.68 9.36
CA ALA C 34 0.08 29.31 8.96
C ALA C 34 -0.84 28.35 9.72
N LYS C 35 -1.15 27.24 9.04
CA LYS C 35 -2.03 26.24 9.60
C LYS C 35 -1.22 24.95 9.68
N ASN C 36 -0.94 24.52 10.89
CA ASN C 36 -0.33 23.24 11.11
C ASN C 36 -1.39 22.21 10.81
N ILE C 37 -1.05 21.22 9.97
CA ILE C 37 -1.94 20.12 9.67
C ILE C 37 -1.42 18.82 10.25
N LEU C 38 -0.41 18.87 11.11
CA LEU C 38 0.14 17.66 11.70
C LEU C 38 -0.09 17.60 13.20
N GLU C 39 -1.02 16.75 13.63
CA GLU C 39 -1.31 16.63 15.05
C GLU C 39 -0.12 16.01 15.78
N LYS C 40 0.38 16.69 16.80
CA LYS C 40 1.57 16.27 17.51
C LYS C 40 1.34 15.92 18.99
N THR C 41 0.20 16.33 19.57
CA THR C 41 0.01 16.12 21.00
C THR C 41 -1.10 15.13 21.32
N HIS C 42 -0.91 14.45 22.46
CA HIS C 42 -1.92 13.57 23.06
C HIS C 42 -2.05 13.92 24.52
N ASN C 43 -3.15 13.51 25.14
CA ASN C 43 -3.44 13.88 26.53
C ASN C 43 -2.68 13.08 27.62
N GLY C 44 -2.08 11.97 27.22
CA GLY C 44 -1.24 11.18 28.11
C GLY C 44 -2.03 10.12 28.86
N LYS C 45 -3.33 10.05 28.61
CA LYS C 45 -4.24 9.26 29.42
C LYS C 45 -4.95 8.24 28.58
N LEU C 46 -5.24 7.10 29.18
CA LEU C 46 -5.93 6.02 28.51
C LEU C 46 -7.45 6.17 28.75
N CYS C 47 -8.21 6.33 27.67
CA CYS C 47 -9.58 6.85 27.76
C CYS C 47 -10.64 5.96 27.14
N ARG C 48 -11.88 6.33 27.40
CA ARG C 48 -13.04 5.60 26.94
C ARG C 48 -13.29 6.02 25.50
N LEU C 49 -13.82 5.11 24.69
CA LEU C 49 -14.10 5.40 23.29
C LEU C 49 -15.61 5.26 23.04
N SER C 50 -16.19 6.29 22.41
CA SER C 50 -17.64 6.38 22.22
C SER C 50 -18.46 6.13 23.49
N GLY C 51 -17.98 6.65 24.62
CA GLY C 51 -18.69 6.57 25.90
C GLY C 51 -18.35 5.32 26.69
N ILE C 52 -18.22 4.19 26.00
CA ILE C 52 -17.91 2.90 26.61
C ILE C 52 -16.48 2.93 27.14
N PRO C 53 -16.24 2.34 28.33
CA PRO C 53 -14.85 2.05 28.72
C PRO C 53 -14.34 0.71 28.16
N PRO C 54 -13.04 0.62 27.89
CA PRO C 54 -12.47 -0.61 27.33
C PRO C 54 -12.30 -1.68 28.39
N LEU C 55 -12.17 -2.92 27.92
CA LEU C 55 -12.02 -4.08 28.77
C LEU C 55 -10.56 -4.12 29.14
N GLU C 56 -10.30 -3.98 30.42
CA GLU C 56 -8.96 -3.68 30.89
C GLU C 56 -8.49 -4.88 31.69
N LEU C 57 -7.61 -5.69 31.10
CA LEU C 57 -7.31 -7.03 31.64
C LEU C 57 -6.31 -7.06 32.77
N GLY C 58 -5.59 -5.96 32.99
CA GLY C 58 -4.47 -5.96 33.92
C GLY C 58 -3.47 -7.04 33.53
N ASP C 59 -3.07 -7.84 34.51
CA ASP C 59 -2.06 -8.88 34.29
C ASP C 59 -2.58 -10.11 33.58
N CYS C 60 -3.88 -10.20 33.36
CA CYS C 60 -4.44 -11.34 32.66
C CYS C 60 -4.33 -11.22 31.16
N SER C 61 -4.45 -12.37 30.52
CA SER C 61 -4.43 -12.50 29.09
C SER C 61 -5.77 -13.07 28.64
N ILE C 62 -6.07 -12.95 27.36
CA ILE C 62 -7.37 -13.39 26.88
C ILE C 62 -7.58 -14.85 27.30
N ALA C 63 -6.57 -15.68 27.12
CA ALA C 63 -6.68 -17.09 27.50
C ALA C 63 -6.91 -17.26 29.01
N GLY C 64 -6.19 -16.50 29.83
CA GLY C 64 -6.43 -16.52 31.26
C GLY C 64 -7.86 -16.18 31.56
N TRP C 65 -8.33 -15.11 30.93
CA TRP C 65 -9.67 -14.64 31.17
C TRP C 65 -10.74 -15.65 30.72
N LEU C 66 -10.65 -16.18 29.53
CA LEU C 66 -11.73 -17.01 29.01
C LEU C 66 -11.72 -18.41 29.59
N LEU C 67 -10.53 -18.90 29.94
CA LEU C 67 -10.41 -20.17 30.62
C LEU C 67 -10.84 -20.01 32.09
N GLY C 68 -10.69 -18.81 32.62
CA GLY C 68 -11.01 -18.58 34.01
C GLY C 68 -9.88 -19.04 34.89
N ASN C 69 -8.67 -18.60 34.56
CA ASN C 69 -7.55 -18.64 35.49
C ASN C 69 -8.01 -17.94 36.80
N PRO C 70 -7.76 -18.59 37.96
CA PRO C 70 -8.07 -18.03 39.29
C PRO C 70 -7.54 -16.62 39.53
N GLU C 71 -6.32 -16.35 39.13
CA GLU C 71 -5.78 -15.01 39.30
C GLU C 71 -6.55 -13.93 38.51
N CYS C 72 -7.48 -14.36 37.64
CA CYS C 72 -8.31 -13.47 36.84
C CYS C 72 -9.76 -13.43 37.30
N ASP C 73 -10.02 -13.83 38.55
CA ASP C 73 -11.38 -13.93 39.08
C ASP C 73 -12.17 -12.61 39.06
N ARG C 74 -11.46 -11.50 39.08
CA ARG C 74 -12.04 -10.17 38.85
C ARG C 74 -12.68 -9.97 37.44
N LEU C 75 -12.41 -10.90 36.52
CA LEU C 75 -12.99 -10.83 35.18
C LEU C 75 -13.99 -11.95 34.88
N LEU C 76 -14.40 -12.67 35.92
CA LEU C 76 -15.48 -13.67 35.81
C LEU C 76 -16.78 -13.07 35.25
N SER C 77 -16.96 -11.76 35.46
CA SER C 77 -18.07 -11.00 34.87
C SER C 77 -17.60 -9.58 34.55
N VAL C 78 -17.70 -9.19 33.29
CA VAL C 78 -17.32 -7.82 32.90
C VAL C 78 -18.22 -7.23 31.82
N PRO C 79 -18.57 -5.93 31.97
CA PRO C 79 -19.51 -5.27 31.08
C PRO C 79 -19.00 -5.12 29.67
N GLU C 80 -19.86 -4.58 28.80
CA GLU C 80 -19.52 -4.18 27.42
C GLU C 80 -18.21 -3.39 27.35
N TRP C 81 -17.48 -3.51 26.26
CA TRP C 81 -16.17 -2.83 26.14
C TRP C 81 -15.94 -2.14 24.81
N SER C 82 -15.25 -1.00 24.87
CA SER C 82 -14.89 -0.21 23.70
C SER C 82 -13.84 -0.90 22.86
N TYR C 83 -12.76 -1.26 23.54
CA TYR C 83 -11.63 -2.03 23.01
C TYR C 83 -11.01 -2.81 24.17
N ILE C 84 -10.04 -3.66 23.89
CA ILE C 84 -9.43 -4.48 24.93
C ILE C 84 -8.05 -3.94 25.23
N VAL C 85 -7.75 -3.74 26.50
CA VAL C 85 -6.41 -3.32 26.90
C VAL C 85 -5.71 -4.51 27.54
N GLU C 86 -4.55 -4.88 27.01
CA GLU C 86 -3.82 -6.05 27.49
C GLU C 86 -2.39 -5.60 27.70
N LYS C 87 -1.72 -6.19 28.68
CA LYS C 87 -0.28 -5.96 28.86
C LYS C 87 0.49 -6.63 27.72
N GLU C 88 1.70 -6.14 27.46
CA GLU C 88 2.51 -6.70 26.39
C GLU C 88 2.86 -8.17 26.68
N ASN C 89 3.17 -8.49 27.94
CA ASN C 89 3.49 -9.88 28.34
C ASN C 89 2.77 -10.23 29.61
N PRO C 90 1.46 -10.49 29.53
CA PRO C 90 0.63 -10.60 30.73
C PRO C 90 1.07 -11.75 31.59
N VAL C 91 0.97 -11.59 32.91
CA VAL C 91 1.50 -12.59 33.83
C VAL C 91 0.61 -13.83 33.94
N ASN C 92 -0.70 -13.63 34.01
CA ASN C 92 -1.61 -14.72 34.22
C ASN C 92 -2.30 -15.15 32.95
N GLY C 93 -1.74 -16.15 32.28
CA GLY C 93 -2.40 -16.76 31.15
C GLY C 93 -2.74 -18.16 31.54
N LEU C 94 -2.06 -19.10 30.92
CA LEU C 94 -2.24 -20.50 31.19
C LEU C 94 -1.50 -20.89 32.49
N CYS C 95 -2.19 -20.78 33.62
CA CYS C 95 -1.66 -21.15 34.92
C CYS C 95 -1.11 -22.55 34.85
N TYR C 96 -1.94 -23.50 34.39
CA TYR C 96 -1.46 -24.81 34.03
C TYR C 96 -0.85 -24.67 32.62
N PRO C 97 0.44 -24.98 32.46
CA PRO C 97 1.13 -24.72 31.21
C PRO C 97 0.52 -25.49 30.03
N GLY C 98 0.54 -24.88 28.86
CA GLY C 98 -0.01 -25.50 27.67
C GLY C 98 -0.01 -24.56 26.50
N SER C 99 -0.95 -24.74 25.59
CA SER C 99 -1.02 -23.90 24.43
C SER C 99 -2.45 -23.77 24.08
N PHE C 100 -2.71 -22.89 23.12
CA PHE C 100 -4.07 -22.56 22.76
C PHE C 100 -4.14 -22.54 21.25
N ASN C 101 -4.76 -23.56 20.65
CA ASN C 101 -4.82 -23.63 19.21
C ASN C 101 -5.57 -22.46 18.61
N ASP C 102 -5.00 -21.89 17.55
CA ASP C 102 -5.57 -20.73 16.89
C ASP C 102 -5.90 -19.62 17.87
N TYR C 103 -4.95 -19.32 18.72
CA TYR C 103 -5.13 -18.28 19.72
C TYR C 103 -5.30 -16.89 19.10
N GLU C 104 -4.47 -16.52 18.14
CA GLU C 104 -4.52 -15.16 17.62
C GLU C 104 -5.77 -14.97 16.76
N GLU C 105 -6.25 -16.03 16.13
CA GLU C 105 -7.53 -15.98 15.43
C GLU C 105 -8.66 -15.72 16.42
N LEU C 106 -8.55 -16.30 17.60
CA LEU C 106 -9.49 -16.01 18.67
C LEU C 106 -9.35 -14.55 19.12
N LYS C 107 -8.12 -14.11 19.35
CA LYS C 107 -7.92 -12.75 19.82
C LYS C 107 -8.47 -11.77 18.81
N HIS C 108 -8.39 -12.11 17.55
CA HIS C 108 -8.88 -11.23 16.51
C HIS C 108 -10.38 -11.19 16.46
N LEU C 109 -10.99 -12.28 16.88
CA LEU C 109 -12.44 -12.34 17.00
C LEU C 109 -12.97 -11.28 17.98
N LEU C 110 -12.18 -10.92 19.01
CA LEU C 110 -12.58 -9.93 20.01
C LEU C 110 -12.31 -8.48 19.63
N THR C 111 -11.81 -8.26 18.43
CA THR C 111 -11.65 -6.91 17.89
C THR C 111 -12.83 -6.53 17.01
N SER C 112 -13.90 -7.28 17.15
CA SER C 112 -15.19 -6.88 16.57
C SER C 112 -16.29 -7.05 17.60
N VAL C 113 -16.22 -8.11 18.42
CA VAL C 113 -17.13 -8.25 19.53
C VAL C 113 -16.78 -7.22 20.60
N THR C 114 -17.81 -6.73 21.28
CA THR C 114 -17.71 -5.75 22.36
C THR C 114 -18.47 -6.15 23.64
N HIS C 115 -19.10 -7.33 23.65
CA HIS C 115 -19.59 -7.90 24.90
C HIS C 115 -19.91 -9.40 24.84
N PHE C 116 -19.50 -10.10 25.90
CA PHE C 116 -19.86 -11.49 26.09
C PHE C 116 -20.96 -11.58 27.12
N GLU C 117 -21.72 -12.66 27.06
CA GLU C 117 -22.45 -13.14 28.20
C GLU C 117 -22.01 -14.57 28.37
N LYS C 118 -21.58 -14.89 29.58
CA LYS C 118 -21.04 -16.19 29.87
C LYS C 118 -22.18 -17.09 30.33
N VAL C 119 -22.49 -18.10 29.54
CA VAL C 119 -23.61 -18.98 29.77
C VAL C 119 -23.11 -20.33 30.26
N LYS C 120 -23.76 -20.92 31.26
CA LYS C 120 -23.32 -22.20 31.77
C LYS C 120 -23.91 -23.28 30.89
N ILE C 121 -23.10 -23.89 30.05
CA ILE C 121 -23.63 -24.82 29.04
C ILE C 121 -23.51 -26.28 29.43
N LEU C 122 -22.49 -26.63 30.21
CA LEU C 122 -22.30 -28.01 30.64
C LEU C 122 -21.95 -28.03 32.11
N PRO C 123 -22.98 -27.96 32.97
CA PRO C 123 -22.76 -27.89 34.41
C PRO C 123 -22.05 -29.12 34.89
N ARG C 124 -21.08 -28.93 35.77
CA ARG C 124 -20.17 -30.00 36.19
C ARG C 124 -20.82 -31.03 37.11
N ASP C 125 -21.94 -30.63 37.70
CA ASP C 125 -22.71 -31.49 38.60
C ASP C 125 -23.21 -32.73 37.85
N GLN C 126 -23.31 -32.64 36.53
CA GLN C 126 -23.87 -33.70 35.70
C GLN C 126 -22.85 -34.67 35.09
N TRP C 127 -21.57 -34.53 35.45
CA TRP C 127 -20.57 -35.55 35.19
C TRP C 127 -20.57 -36.47 36.40
N THR C 128 -21.60 -37.27 36.56
CA THR C 128 -21.77 -38.07 37.79
C THR C 128 -21.06 -39.42 37.77
N GLN C 129 -20.32 -39.71 36.69
CA GLN C 129 -19.50 -40.92 36.62
C GLN C 129 -18.00 -40.59 36.58
N HIS C 130 -17.65 -39.37 36.97
CA HIS C 130 -16.26 -38.91 36.92
C HIS C 130 -15.99 -37.96 38.07
N THR C 131 -14.74 -37.85 38.49
CA THR C 131 -14.38 -36.85 39.49
C THR C 131 -14.09 -35.53 38.76
N THR C 132 -14.75 -34.45 39.20
CA THR C 132 -14.59 -33.15 38.54
C THR C 132 -13.73 -32.20 39.34
N THR C 133 -13.30 -32.61 40.51
CA THR C 133 -12.55 -31.75 41.42
C THR C 133 -11.05 -31.65 41.12
N GLY C 134 -10.58 -32.29 40.04
CA GLY C 134 -9.17 -32.22 39.68
C GLY C 134 -8.64 -30.80 39.61
N GLY C 135 -7.42 -30.61 40.11
CA GLY C 135 -6.73 -29.32 40.02
C GLY C 135 -5.24 -29.44 40.33
N SER C 136 -4.53 -28.31 40.40
CA SER C 136 -3.11 -28.35 40.68
C SER C 136 -2.58 -27.08 41.30
N ARG C 137 -1.38 -27.18 41.84
CA ARG C 137 -0.70 -26.05 42.47
C ARG C 137 -0.32 -24.90 41.52
N ALA C 138 -0.24 -25.16 40.21
CA ALA C 138 0.06 -24.09 39.25
C ALA C 138 -1.10 -23.11 39.18
N CYS C 139 -2.31 -23.62 39.40
CA CYS C 139 -3.52 -22.79 39.47
C CYS C 139 -4.02 -22.68 40.92
N ALA C 140 -3.10 -22.38 41.85
CA ALA C 140 -3.44 -22.38 43.28
C ALA C 140 -4.14 -21.10 43.70
N VAL C 141 -5.32 -21.24 44.30
CA VAL C 141 -6.02 -20.11 44.92
C VAL C 141 -5.74 -20.11 46.44
N SER C 142 -4.86 -19.19 46.84
CA SER C 142 -4.29 -19.12 48.20
C SER C 142 -3.91 -20.48 48.83
N GLY C 143 -2.86 -21.09 48.27
CA GLY C 143 -2.27 -22.30 48.83
C GLY C 143 -2.89 -23.58 48.35
N ASN C 144 -4.15 -23.52 47.95
CA ASN C 144 -4.89 -24.74 47.62
C ASN C 144 -4.98 -24.96 46.12
N PRO C 145 -4.67 -26.19 45.67
CA PRO C 145 -4.82 -26.51 44.27
C PRO C 145 -6.22 -26.22 43.73
N SER C 146 -6.26 -25.42 42.67
CA SER C 146 -7.51 -25.14 41.99
C SER C 146 -7.24 -25.33 40.53
N PHE C 147 -8.12 -24.82 39.69
CA PHE C 147 -8.04 -25.02 38.27
C PHE C 147 -8.76 -23.89 37.61
N PHE C 148 -8.71 -23.84 36.29
CA PHE C 148 -9.43 -22.84 35.53
C PHE C 148 -10.92 -22.88 35.92
N ARG C 149 -11.46 -21.75 36.33
CA ARG C 149 -12.83 -21.68 36.82
C ARG C 149 -13.86 -22.17 35.81
N ASN C 150 -13.69 -21.80 34.55
CA ASN C 150 -14.65 -22.16 33.50
C ASN C 150 -14.46 -23.54 32.87
N MET C 151 -13.40 -24.24 33.25
CA MET C 151 -13.17 -25.58 32.78
C MET C 151 -13.29 -26.62 33.89
N VAL C 152 -13.46 -27.86 33.48
CA VAL C 152 -13.66 -28.97 34.35
C VAL C 152 -12.64 -30.02 34.00
N TRP C 153 -11.88 -30.48 34.99
CA TRP C 153 -10.92 -31.54 34.76
C TRP C 153 -11.48 -32.91 35.17
N LEU C 154 -11.99 -33.64 34.18
CA LEU C 154 -12.49 -34.99 34.36
C LEU C 154 -11.36 -35.96 34.63
N THR C 155 -11.59 -36.81 35.61
CA THR C 155 -10.65 -37.83 36.05
C THR C 155 -11.47 -39.01 36.54
N LYS C 156 -10.80 -40.14 36.75
CA LYS C 156 -11.48 -41.38 37.13
C LYS C 156 -12.17 -41.30 38.50
N LYS C 157 -13.35 -41.91 38.58
CA LYS C 157 -14.05 -42.08 39.83
C LYS C 157 -13.76 -43.49 40.32
N GLY C 158 -12.95 -43.59 41.37
CA GLY C 158 -12.61 -44.87 41.98
C GLY C 158 -12.27 -46.01 41.04
N SER C 159 -11.13 -45.91 40.37
CA SER C 159 -10.67 -46.98 39.48
C SER C 159 -11.47 -47.16 38.18
N ASN C 160 -12.22 -46.15 37.75
CA ASN C 160 -12.90 -46.22 36.46
C ASN C 160 -13.15 -44.86 35.79
N TYR C 161 -12.87 -44.79 34.48
CA TYR C 161 -13.19 -43.63 33.64
C TYR C 161 -14.11 -44.16 32.53
N PRO C 162 -15.42 -44.20 32.80
CA PRO C 162 -16.31 -44.61 31.72
C PRO C 162 -16.35 -43.55 30.63
N ILE C 163 -16.78 -43.94 29.45
CA ILE C 163 -16.84 -43.00 28.35
C ILE C 163 -17.61 -41.76 28.83
N ALA C 164 -17.03 -40.59 28.59
CA ALA C 164 -17.62 -39.30 28.96
C ALA C 164 -18.27 -38.70 27.75
N LYS C 165 -19.57 -38.45 27.82
CA LYS C 165 -20.37 -38.21 26.65
C LYS C 165 -21.46 -37.19 26.99
N ARG C 166 -21.31 -35.95 26.50
CA ARG C 166 -22.28 -34.88 26.75
C ARG C 166 -22.38 -34.02 25.50
N SER C 167 -23.55 -33.43 25.25
CA SER C 167 -23.73 -32.50 24.15
C SER C 167 -24.32 -31.18 24.64
N TYR C 168 -24.52 -30.24 23.73
CA TYR C 168 -25.17 -28.97 24.05
C TYR C 168 -25.73 -28.30 22.80
N ASN C 169 -27.04 -28.18 22.68
CA ASN C 169 -27.68 -27.43 21.59
C ASN C 169 -27.56 -25.94 21.95
N ASN C 170 -26.96 -25.15 21.08
CA ASN C 170 -26.88 -23.71 21.35
C ASN C 170 -28.21 -23.01 21.19
N THR C 171 -28.99 -22.96 22.27
CA THR C 171 -30.30 -22.32 22.22
C THR C 171 -30.28 -20.88 22.71
N SER C 172 -29.07 -20.35 22.89
CA SER C 172 -28.87 -19.00 23.39
C SER C 172 -29.24 -17.91 22.40
N GLY C 173 -29.51 -18.28 21.15
CA GLY C 173 -30.05 -17.32 20.18
C GLY C 173 -29.03 -16.38 19.60
N GLU C 174 -27.80 -16.52 20.07
CA GLU C 174 -26.70 -15.79 19.50
C GLU C 174 -25.53 -16.79 19.39
N GLN C 175 -24.51 -16.38 18.64
CA GLN C 175 -23.35 -17.22 18.35
C GLN C 175 -22.47 -17.36 19.55
N MET C 176 -21.91 -18.55 19.76
CA MET C 176 -21.28 -18.86 21.04
C MET C 176 -19.93 -19.52 20.93
N LEU C 177 -18.96 -18.90 21.60
CA LEU C 177 -17.60 -19.41 21.69
C LEU C 177 -17.53 -20.51 22.72
N VAL C 178 -17.13 -21.71 22.34
CA VAL C 178 -16.93 -22.82 23.28
C VAL C 178 -15.47 -23.22 23.24
N ILE C 179 -14.86 -23.45 24.40
CA ILE C 179 -13.46 -23.82 24.46
C ILE C 179 -13.33 -25.13 25.15
N TRP C 180 -12.35 -25.92 24.79
CA TRP C 180 -12.05 -27.14 25.52
C TRP C 180 -10.60 -27.50 25.38
N GLY C 181 -10.17 -28.53 26.11
CA GLY C 181 -8.77 -28.88 26.15
C GLY C 181 -8.55 -30.36 26.24
N ILE C 182 -7.30 -30.76 26.03
CA ILE C 182 -6.92 -32.12 26.20
C ILE C 182 -5.69 -32.08 27.04
N HIS C 183 -5.62 -32.94 28.05
CA HIS C 183 -4.48 -32.98 28.95
C HIS C 183 -3.45 -33.92 28.40
N HIS C 184 -2.22 -33.45 28.32
CA HIS C 184 -1.10 -34.23 27.82
C HIS C 184 -0.21 -34.56 29.01
N PRO C 185 -0.40 -35.72 29.64
CA PRO C 185 0.38 -35.99 30.84
C PRO C 185 1.87 -36.11 30.60
N ASN C 186 2.63 -36.17 31.71
CA ASN C 186 4.08 -36.23 31.68
C ASN C 186 4.63 -37.66 31.50
N ASP C 187 3.87 -38.67 31.94
CA ASP C 187 4.28 -40.08 31.83
C ASP C 187 3.12 -41.08 32.07
N ASP C 188 3.32 -42.35 31.70
CA ASP C 188 2.25 -43.38 31.78
C ASP C 188 1.65 -43.58 33.17
N ALA C 189 2.48 -43.39 34.20
CA ALA C 189 2.04 -43.47 35.60
C ALA C 189 0.93 -42.44 35.89
N GLU C 190 1.21 -41.19 35.53
CA GLU C 190 0.24 -40.09 35.70
C GLU C 190 -1.03 -40.30 34.88
N GLN C 191 -0.86 -40.82 33.67
CA GLN C 191 -1.98 -41.11 32.77
C GLN C 191 -2.95 -42.13 33.36
N ARG C 192 -2.42 -43.10 34.10
CA ARG C 192 -3.23 -44.13 34.77
C ARG C 192 -3.80 -43.64 36.09
N THR C 193 -2.97 -42.99 36.89
CA THR C 193 -3.41 -42.36 38.12
C THR C 193 -4.72 -41.61 37.90
N LEU C 194 -4.76 -40.86 36.81
CA LEU C 194 -5.85 -39.92 36.55
C LEU C 194 -6.99 -40.49 35.72
N TYR C 195 -6.66 -41.29 34.70
CA TYR C 195 -7.66 -41.78 33.74
C TYR C 195 -7.75 -43.29 33.61
N GLN C 196 -7.04 -44.04 34.21
CA GLN C 196 -6.96 -45.50 34.36
C GLN C 196 -6.49 -46.21 33.08
N ASN C 197 -7.14 -45.82 31.94
CA ASN C 197 -6.75 -46.32 30.61
C ASN C 197 -5.58 -45.56 30.00
N VAL C 198 -5.02 -46.17 28.97
CA VAL C 198 -3.95 -45.58 28.17
C VAL C 198 -4.40 -45.69 26.71
N GLY C 199 -3.88 -44.83 25.84
CA GLY C 199 -4.35 -44.76 24.45
C GLY C 199 -5.78 -44.28 24.44
N THR C 200 -5.96 -42.99 24.63
CA THR C 200 -7.25 -42.42 24.94
C THR C 200 -7.62 -41.45 23.85
N TYR C 201 -8.85 -40.96 23.82
CA TYR C 201 -9.16 -39.88 22.88
C TYR C 201 -10.14 -38.85 23.45
N VAL C 202 -10.10 -37.66 22.84
CA VAL C 202 -11.11 -36.63 23.03
C VAL C 202 -11.59 -36.20 21.65
N SER C 203 -12.83 -36.54 21.32
CA SER C 203 -13.46 -36.06 20.10
C SER C 203 -14.51 -35.01 20.41
N VAL C 204 -14.64 -34.06 19.49
CA VAL C 204 -15.60 -32.97 19.59
C VAL C 204 -16.27 -32.83 18.24
N GLY C 205 -17.59 -32.88 18.21
CA GLY C 205 -18.33 -32.74 16.96
C GLY C 205 -19.35 -31.60 17.00
N THR C 206 -19.37 -30.76 15.97
CA THR C 206 -20.52 -29.90 15.71
C THR C 206 -20.96 -30.19 14.31
N SER C 207 -21.83 -29.34 13.76
CA SER C 207 -22.25 -29.55 12.38
C SER C 207 -21.07 -29.36 11.47
N THR C 208 -20.18 -28.43 11.77
CA THR C 208 -19.01 -28.18 10.94
C THR C 208 -17.69 -28.59 11.56
N LEU C 209 -17.63 -28.76 12.88
CA LEU C 209 -16.37 -29.10 13.52
C LEU C 209 -16.29 -30.58 13.76
N ASN C 210 -15.12 -31.14 13.51
CA ASN C 210 -14.88 -32.53 13.73
C ASN C 210 -13.42 -32.72 14.09
N LYS C 211 -13.12 -32.70 15.40
CA LYS C 211 -11.77 -32.93 15.89
C LYS C 211 -11.68 -34.24 16.63
N ARG C 212 -10.49 -34.79 16.71
CA ARG C 212 -10.23 -35.94 17.54
C ARG C 212 -8.78 -35.93 17.94
N SER C 213 -8.57 -35.76 19.24
CA SER C 213 -7.25 -35.58 19.78
C SER C 213 -6.86 -36.77 20.64
N ILE C 214 -5.61 -37.18 20.55
CA ILE C 214 -5.08 -38.23 21.40
C ILE C 214 -4.01 -37.57 22.27
N PRO C 215 -3.98 -37.91 23.56
CA PRO C 215 -2.95 -37.34 24.41
C PRO C 215 -1.55 -37.77 24.03
N GLU C 216 -0.66 -36.79 23.87
CA GLU C 216 0.76 -36.99 23.64
C GLU C 216 1.48 -37.05 24.96
N ILE C 217 1.63 -38.24 25.52
CA ILE C 217 2.33 -38.44 26.79
C ILE C 217 3.84 -38.42 26.63
N ALA C 218 4.47 -37.30 26.96
CA ALA C 218 5.93 -37.14 26.82
C ALA C 218 6.54 -36.43 28.04
N THR C 219 7.79 -36.76 28.33
CA THR C 219 8.56 -36.04 29.35
C THR C 219 8.96 -34.66 28.83
N ARG C 220 8.82 -33.65 29.66
CA ARG C 220 9.14 -32.29 29.26
C ARG C 220 9.43 -31.35 30.42
N PRO C 221 10.21 -30.28 30.18
CA PRO C 221 10.62 -29.31 31.19
C PRO C 221 9.47 -28.82 32.03
N LYS C 222 9.73 -28.57 33.30
CA LYS C 222 8.73 -28.05 34.21
C LYS C 222 8.55 -26.57 33.93
N VAL C 223 7.34 -26.23 33.50
CA VAL C 223 6.86 -24.86 33.45
C VAL C 223 5.87 -24.74 34.60
N ASN C 224 5.96 -23.66 35.37
CA ASN C 224 5.16 -23.52 36.61
C ASN C 224 5.22 -24.77 37.47
N GLY C 225 6.40 -25.38 37.54
CA GLY C 225 6.59 -26.59 38.33
C GLY C 225 5.84 -27.83 37.86
N LEU C 226 5.31 -27.80 36.63
CA LEU C 226 4.56 -28.92 36.07
C LEU C 226 5.11 -29.40 34.72
N GLY C 227 5.02 -30.70 34.46
CA GLY C 227 5.51 -31.31 33.23
C GLY C 227 4.42 -31.58 32.22
N GLY C 228 3.22 -31.80 32.71
CA GLY C 228 2.06 -31.99 31.83
C GLY C 228 1.79 -30.73 31.04
N ARG C 229 0.86 -30.84 30.09
CA ARG C 229 0.45 -29.70 29.28
C ARG C 229 -1.01 -29.83 29.00
N MET C 230 -1.68 -28.70 28.77
CA MET C 230 -3.06 -28.77 28.35
C MET C 230 -3.25 -27.90 27.15
N GLU C 231 -3.69 -28.54 26.06
CA GLU C 231 -3.77 -27.89 24.75
C GLU C 231 -5.21 -27.57 24.56
N PHE C 232 -5.51 -26.29 24.47
CA PHE C 232 -6.88 -25.85 24.35
C PHE C 232 -7.26 -25.54 22.93
N SER C 233 -8.54 -25.71 22.64
CA SER C 233 -9.06 -25.45 21.33
C SER C 233 -10.36 -24.71 21.50
N TRP C 234 -10.90 -24.18 20.40
CA TRP C 234 -12.11 -23.42 20.47
C TRP C 234 -12.86 -23.43 19.19
N THR C 235 -14.12 -23.02 19.28
CA THR C 235 -15.01 -23.05 18.16
C THR C 235 -16.12 -22.05 18.40
N LEU C 236 -16.77 -21.64 17.33
CA LEU C 236 -18.00 -20.89 17.41
C LEU C 236 -19.11 -21.83 17.11
N LEU C 237 -19.88 -22.12 18.14
CA LEU C 237 -21.10 -22.88 17.96
C LEU C 237 -22.15 -21.93 17.41
N GLU C 238 -22.66 -22.24 16.22
CA GLU C 238 -23.66 -21.37 15.58
C GLU C 238 -25.02 -21.59 16.30
N THR C 239 -25.97 -20.66 16.12
CA THR C 239 -27.24 -20.73 16.82
C THR C 239 -27.99 -22.00 16.42
N TRP C 240 -28.53 -22.70 17.41
CA TRP C 240 -29.30 -23.93 17.21
C TRP C 240 -28.47 -25.13 16.74
N ASP C 241 -27.14 -24.97 16.66
CA ASP C 241 -26.26 -26.09 16.37
C ASP C 241 -25.94 -26.79 17.69
N VAL C 242 -25.53 -28.04 17.60
CA VAL C 242 -25.19 -28.87 18.76
C VAL C 242 -23.71 -29.15 18.75
N ILE C 243 -23.11 -29.27 19.93
CA ILE C 243 -21.72 -29.67 20.07
C ILE C 243 -21.67 -30.93 20.93
N ASN C 244 -20.94 -31.95 20.48
CA ASN C 244 -20.82 -33.20 21.20
C ASN C 244 -19.43 -33.41 21.71
N PHE C 245 -19.28 -33.81 22.96
CA PHE C 245 -18.01 -34.20 23.52
C PHE C 245 -18.05 -35.69 23.79
N GLU C 246 -16.96 -36.36 23.48
CA GLU C 246 -16.85 -37.78 23.73
C GLU C 246 -15.41 -38.03 24.11
N SER C 247 -15.20 -38.71 25.23
CA SER C 247 -13.85 -38.89 25.70
C SER C 247 -13.74 -40.11 26.61
N THR C 248 -12.62 -40.79 26.48
CA THR C 248 -12.30 -41.95 27.29
C THR C 248 -11.17 -41.62 28.25
N GLY C 249 -10.88 -40.33 28.40
CA GLY C 249 -9.77 -39.83 29.21
C GLY C 249 -9.17 -38.57 28.60
N ASN C 250 -8.52 -37.77 29.44
CA ASN C 250 -7.80 -36.55 29.05
C ASN C 250 -8.61 -35.31 28.67
N LEU C 251 -9.94 -35.38 28.69
CA LEU C 251 -10.77 -34.21 28.39
C LEU C 251 -10.70 -33.17 29.50
N ILE C 252 -10.43 -31.93 29.11
CA ILE C 252 -10.67 -30.74 29.91
C ILE C 252 -11.88 -30.11 29.27
N ALA C 253 -13.03 -30.27 29.92
CA ALA C 253 -14.27 -29.89 29.31
C ALA C 253 -14.71 -28.51 29.81
N PRO C 254 -15.41 -27.75 28.95
CA PRO C 254 -15.96 -26.48 29.38
C PRO C 254 -17.18 -26.64 30.28
N GLU C 255 -17.31 -25.73 31.23
CA GLU C 255 -18.55 -25.60 31.95
C GLU C 255 -19.31 -24.46 31.29
N TYR C 256 -18.60 -23.43 30.80
CA TYR C 256 -19.25 -22.27 30.20
C TYR C 256 -18.88 -22.07 28.74
N GLY C 257 -19.79 -21.43 28.04
CA GLY C 257 -19.56 -20.88 26.71
C GLY C 257 -19.66 -19.38 26.84
N PHE C 258 -19.44 -18.67 25.73
CA PHE C 258 -19.45 -17.23 25.74
C PHE C 258 -20.27 -16.75 24.57
N LYS C 259 -21.50 -16.37 24.86
CA LYS C 259 -22.42 -15.90 23.84
C LYS C 259 -21.92 -14.54 23.37
N ILE C 260 -21.66 -14.34 22.09
CA ILE C 260 -21.16 -13.00 21.66
C ILE C 260 -22.31 -11.99 21.72
N SER C 261 -22.39 -11.28 22.84
CA SER C 261 -23.59 -10.51 23.25
C SER C 261 -23.75 -9.13 22.64
N LYS C 262 -22.65 -8.47 22.30
CA LYS C 262 -22.69 -7.20 21.59
C LYS C 262 -21.66 -7.23 20.45
N ARG C 263 -22.01 -6.60 19.35
CA ARG C 263 -21.13 -6.56 18.23
C ARG C 263 -20.60 -5.13 18.09
N GLY C 264 -19.62 -4.94 17.21
CA GLY C 264 -19.27 -3.61 16.77
C GLY C 264 -17.82 -3.48 16.41
N SER C 265 -17.18 -2.47 16.97
CA SER C 265 -15.84 -2.08 16.60
C SER C 265 -14.99 -1.96 17.84
N SER C 266 -14.10 -2.93 18.05
CA SER C 266 -13.06 -2.79 19.05
C SER C 266 -11.68 -3.14 18.42
N GLY C 267 -10.67 -3.25 19.28
CA GLY C 267 -9.34 -3.71 18.91
C GLY C 267 -8.64 -4.07 20.19
N ILE C 268 -7.42 -4.62 20.10
CA ILE C 268 -6.66 -4.89 21.31
C ILE C 268 -5.48 -3.98 21.28
N MET C 269 -5.27 -3.19 22.33
CA MET C 269 -4.02 -2.48 22.37
C MET C 269 -3.17 -2.82 23.55
N LYS C 270 -1.88 -2.97 23.27
CA LYS C 270 -0.94 -3.47 24.22
C LYS C 270 -0.36 -2.27 24.93
N THR C 271 -0.62 -2.16 26.23
CA THR C 271 -0.12 -1.05 27.02
C THR C 271 -0.27 -1.34 28.51
N GLU C 272 0.53 -0.65 29.30
CA GLU C 272 0.49 -0.81 30.76
C GLU C 272 -0.21 0.36 31.45
N LYS C 273 -0.69 1.32 30.67
CA LYS C 273 -1.48 2.41 31.20
C LYS C 273 -2.81 1.92 31.75
N ILE C 274 -3.28 2.58 32.79
CA ILE C 274 -4.58 2.29 33.36
C ILE C 274 -5.62 3.23 32.76
N LEU C 275 -6.85 2.74 32.65
CA LEU C 275 -7.95 3.57 32.18
C LEU C 275 -8.15 4.77 33.08
N GLU C 276 -8.63 5.86 32.50
CA GLU C 276 -9.00 7.05 33.25
C GLU C 276 -10.32 7.60 32.75
N ASN C 277 -10.77 8.66 33.40
CA ASN C 277 -12.08 9.22 33.11
C ASN C 277 -11.96 10.33 32.06
N CYS C 278 -11.93 9.93 30.79
CA CYS C 278 -11.89 10.88 29.68
C CYS C 278 -12.57 10.24 28.46
N GLU C 279 -12.61 10.97 27.35
CA GLU C 279 -13.35 10.52 26.17
C GLU C 279 -12.55 10.78 24.89
N THR C 280 -12.74 9.95 23.87
CA THR C 280 -12.13 10.20 22.57
C THR C 280 -12.81 9.47 21.45
N LYS C 281 -12.49 9.88 20.22
CA LYS C 281 -12.84 9.13 19.02
C LYS C 281 -11.58 8.46 18.46
N CYS C 282 -10.44 8.68 19.12
CA CYS C 282 -9.17 8.11 18.71
C CYS C 282 -8.24 7.90 19.89
N GLN C 283 -7.89 6.64 20.17
CA GLN C 283 -7.02 6.28 21.27
C GLN C 283 -5.72 5.64 20.79
N THR C 284 -4.60 6.00 21.41
CA THR C 284 -3.30 5.40 21.11
C THR C 284 -2.68 4.97 22.40
N PRO C 285 -1.71 4.05 22.36
CA PRO C 285 -1.00 3.56 23.55
C PRO C 285 -0.33 4.61 24.45
N LEU C 286 -0.08 5.81 23.89
CA LEU C 286 0.53 6.90 24.63
C LEU C 286 -0.49 7.86 25.25
N GLY C 287 -1.71 7.80 24.74
CA GLY C 287 -2.72 8.75 25.09
C GLY C 287 -3.67 8.94 23.95
N ALA C 288 -4.67 9.79 24.15
CA ALA C 288 -5.72 9.98 23.19
C ALA C 288 -5.49 11.27 22.41
N ILE C 289 -6.16 11.34 21.26
CA ILE C 289 -6.00 12.44 20.31
C ILE C 289 -7.29 13.19 20.09
N ASN C 290 -7.30 14.46 20.46
CA ASN C 290 -8.39 15.37 20.12
C ASN C 290 -7.88 16.23 18.96
N THR C 291 -8.37 15.98 17.74
CA THR C 291 -7.89 16.72 16.60
C THR C 291 -8.84 16.68 15.44
N THR C 292 -8.78 17.73 14.63
CA THR C 292 -9.47 17.77 13.36
C THR C 292 -8.46 17.69 12.20
N LEU C 293 -7.19 17.58 12.53
CA LEU C 293 -6.16 17.58 11.49
C LEU C 293 -6.12 16.22 10.82
N PRO C 294 -5.64 16.18 9.58
CA PRO C 294 -5.57 14.96 8.80
C PRO C 294 -4.41 14.03 9.12
N PHE C 295 -3.35 14.54 9.72
CA PHE C 295 -2.19 13.71 10.01
C PHE C 295 -1.83 13.81 11.48
N HIS C 296 -1.29 12.72 12.02
CA HIS C 296 -0.67 12.77 13.34
C HIS C 296 0.64 12.00 13.29
N ASN C 297 1.49 12.20 14.27
CA ASN C 297 2.75 11.47 14.31
C ASN C 297 3.01 10.87 15.65
N ILE C 298 1.96 10.73 16.43
CA ILE C 298 2.07 10.29 17.79
C ILE C 298 2.44 8.84 17.89
N HIS C 299 1.66 7.98 17.28
CA HIS C 299 1.88 6.55 17.41
C HIS C 299 1.07 5.80 16.33
N PRO C 300 1.72 4.92 15.57
CA PRO C 300 1.02 4.20 14.50
C PRO C 300 -0.15 3.30 14.94
N LEU C 301 -0.04 2.67 16.10
CA LEU C 301 -1.06 1.71 16.61
C LEU C 301 -2.27 2.31 17.29
N THR C 302 -3.03 3.08 16.53
CA THR C 302 -4.21 3.73 17.05
C THR C 302 -5.45 2.82 17.07
N ILE C 303 -6.46 3.21 17.81
CA ILE C 303 -7.78 2.59 17.71
C ILE C 303 -8.79 3.73 17.68
N GLY C 304 -9.71 3.70 16.72
CA GLY C 304 -10.75 4.73 16.60
C GLY C 304 -10.70 5.49 15.29
N GLU C 305 -11.38 6.62 15.23
CA GLU C 305 -11.38 7.43 14.01
C GLU C 305 -10.23 8.41 14.12
N CYS C 306 -9.16 8.12 13.40
CA CYS C 306 -7.90 8.81 13.62
C CYS C 306 -7.38 9.46 12.35
N PRO C 307 -6.53 10.48 12.49
CA PRO C 307 -5.80 10.99 11.35
C PRO C 307 -4.75 10.02 10.88
N LYS C 308 -4.29 10.19 9.65
CA LYS C 308 -3.30 9.30 9.04
C LYS C 308 -1.96 9.48 9.73
N TYR C 309 -1.45 8.41 10.30
CA TYR C 309 -0.16 8.47 10.92
C TYR C 309 0.86 8.74 9.83
N VAL C 310 1.78 9.67 10.11
CA VAL C 310 2.94 9.89 9.25
C VAL C 310 4.21 9.95 10.08
N LYS C 311 5.33 9.71 9.41
CA LYS C 311 6.63 9.75 9.99
C LYS C 311 7.15 11.11 9.62
N SER C 312 6.62 12.15 10.22
CA SER C 312 7.05 13.49 9.89
C SER C 312 7.07 14.31 11.15
N ASP C 313 7.95 15.31 11.18
CA ASP C 313 8.07 16.17 12.36
C ASP C 313 7.30 17.47 12.23
N ARG C 314 6.98 17.87 11.00
CA ARG C 314 6.28 19.11 10.77
C ARG C 314 5.65 19.18 9.37
N LEU C 315 4.37 19.57 9.35
CA LEU C 315 3.65 19.87 8.11
C LEU C 315 2.85 21.14 8.37
N ILE C 316 3.23 22.23 7.72
CA ILE C 316 2.61 23.48 7.95
C ILE C 316 2.30 24.14 6.66
N LEU C 317 1.04 24.45 6.47
CA LEU C 317 0.62 25.15 5.27
C LEU C 317 0.69 26.63 5.54
N ALA C 318 1.26 27.36 4.59
CA ALA C 318 1.14 28.79 4.62
C ALA C 318 -0.28 29.11 4.24
N THR C 319 -0.88 29.99 5.01
CA THR C 319 -2.13 30.60 4.64
C THR C 319 -1.96 32.08 4.42
N GLY C 320 -0.97 32.68 5.08
CA GLY C 320 -0.76 34.11 5.02
C GLY C 320 0.26 34.59 4.01
N LEU C 321 0.55 35.89 4.10
CA LEU C 321 1.50 36.56 3.25
C LEU C 321 2.90 36.25 3.71
N ARG C 322 3.86 36.51 2.83
CA ARG C 322 5.25 36.45 3.19
C ARG C 322 5.51 37.62 4.13
N ASN C 323 5.84 37.34 5.39
CA ASN C 323 5.91 38.41 6.40
C ASN C 323 7.21 39.16 6.33
N VAL C 324 7.14 40.34 5.74
CA VAL C 324 8.31 41.13 5.43
C VAL C 324 7.98 42.55 5.91
N PRO C 325 8.11 42.82 7.21
CA PRO C 325 7.57 44.07 7.77
C PRO C 325 8.26 45.41 7.42
N GLN C 326 7.69 46.47 7.97
CA GLN C 326 8.13 47.80 7.67
C GLN C 326 9.20 48.16 8.69
N ILE C 327 10.25 48.81 8.22
CA ILE C 327 11.34 49.24 9.05
C ILE C 327 10.76 50.30 9.93
N GLU C 328 10.56 50.02 11.21
CA GLU C 328 9.94 51.03 12.08
C GLU C 328 11.02 51.93 12.68
N SER C 329 10.80 53.24 12.75
CA SER C 329 9.50 53.90 12.73
C SER C 329 9.21 54.62 11.41
N ARG C 330 8.60 53.88 10.50
CA ARG C 330 8.70 54.12 9.07
C ARG C 330 8.15 55.44 8.65
N GLY D 1 6.58 57.72 8.71
CA GLY D 1 7.43 58.48 9.64
C GLY D 1 7.77 59.85 9.06
N LEU D 2 8.86 60.46 9.49
CA LEU D 2 10.05 59.77 9.89
C LEU D 2 10.37 58.90 8.67
N PHE D 3 10.84 59.55 7.61
CA PHE D 3 11.27 58.86 6.39
C PHE D 3 10.34 58.87 5.14
N GLY D 4 9.10 59.37 5.19
CA GLY D 4 8.34 59.74 3.95
C GLY D 4 7.35 58.81 3.21
N ALA D 5 6.53 58.08 3.98
CA ALA D 5 5.46 57.16 3.49
C ALA D 5 5.99 56.15 2.48
N ILE D 6 5.13 55.62 1.61
CA ILE D 6 5.60 55.19 0.27
C ILE D 6 5.83 53.69 0.06
N ALA D 7 6.18 52.93 1.10
CA ALA D 7 6.37 51.50 0.89
C ALA D 7 5.14 50.98 0.10
N GLY D 8 5.36 50.32 -1.03
CA GLY D 8 4.28 49.76 -1.80
C GLY D 8 4.32 48.26 -1.67
N PHE D 9 3.82 47.54 -2.66
CA PHE D 9 4.00 46.10 -2.69
C PHE D 9 5.51 45.88 -2.71
N ILE D 10 6.21 46.56 -3.62
CA ILE D 10 7.66 46.54 -3.60
C ILE D 10 8.02 47.15 -2.28
N GLU D 11 9.19 46.81 -1.74
CA GLU D 11 9.70 47.39 -0.49
C GLU D 11 9.25 46.68 0.78
N GLY D 12 7.99 46.24 0.85
CA GLY D 12 7.58 45.35 1.92
C GLY D 12 6.15 45.38 2.36
N GLY D 13 5.92 44.88 3.56
CA GLY D 13 4.59 44.79 4.12
C GLY D 13 4.35 45.97 5.04
N TRP D 14 3.10 46.09 5.46
CA TRP D 14 2.67 47.16 6.33
C TRP D 14 2.05 46.60 7.61
N GLN D 15 2.76 46.72 8.74
CA GLN D 15 2.19 46.35 10.02
C GLN D 15 0.95 47.19 10.27
N GLY D 16 0.99 48.43 9.80
CA GLY D 16 -0.07 49.39 10.03
C GLY D 16 -1.38 49.09 9.35
N MET D 17 -1.40 48.09 8.46
CA MET D 17 -2.63 47.66 7.82
C MET D 17 -3.18 46.44 8.53
N VAL D 18 -3.63 46.63 9.76
CA VAL D 18 -4.29 45.56 10.52
C VAL D 18 -5.61 45.13 9.87
N ASP D 19 -6.12 45.94 8.93
CA ASP D 19 -7.44 45.76 8.31
C ASP D 19 -7.62 44.40 7.59
N GLY D 20 -6.85 44.14 6.54
CA GLY D 20 -6.98 42.90 5.74
C GLY D 20 -5.65 42.40 5.21
N TRP D 21 -5.63 41.87 3.99
CA TRP D 21 -4.41 41.30 3.43
C TRP D 21 -3.75 42.17 2.38
N TYR D 22 -4.52 42.63 1.40
CA TYR D 22 -4.01 43.57 0.41
C TYR D 22 -4.76 44.85 0.57
N GLY D 23 -4.11 45.97 0.28
CA GLY D 23 -4.79 47.25 0.38
C GLY D 23 -4.01 48.46 -0.03
N TYR D 24 -4.55 49.62 0.33
CA TYR D 24 -3.99 50.88 -0.10
C TYR D 24 -3.53 51.72 1.08
N HIS D 25 -2.48 52.50 0.85
CA HIS D 25 -2.13 53.61 1.70
C HIS D 25 -2.28 54.85 0.86
N HIS D 26 -2.80 55.91 1.46
CA HIS D 26 -3.06 57.16 0.74
C HIS D 26 -2.41 58.34 1.45
N SER D 27 -2.25 59.43 0.71
CA SER D 27 -1.62 60.64 1.23
C SER D 27 -2.16 61.85 0.49
N ASN D 28 -2.93 62.68 1.20
CA ASN D 28 -3.48 63.91 0.63
C ASN D 28 -3.48 65.03 1.68
N ASP D 29 -4.14 66.14 1.36
CA ASP D 29 -4.22 67.29 2.30
C ASP D 29 -4.92 66.93 3.60
N GLN D 30 -5.99 66.14 3.52
CA GLN D 30 -6.72 65.68 4.70
C GLN D 30 -5.84 64.86 5.63
N GLY D 31 -5.16 63.84 5.09
CA GLY D 31 -4.22 63.06 5.89
C GLY D 31 -3.67 61.81 5.23
N SER D 32 -3.31 60.86 6.08
CA SER D 32 -2.79 59.57 5.64
C SER D 32 -3.39 58.46 6.48
N GLY D 33 -3.51 57.28 5.87
CA GLY D 33 -4.07 56.12 6.54
C GLY D 33 -3.97 54.89 5.67
N TYR D 34 -4.13 53.73 6.30
CA TYR D 34 -4.19 52.46 5.58
C TYR D 34 -5.63 51.98 5.37
N ALA D 35 -5.86 51.20 4.33
CA ALA D 35 -7.19 50.66 4.04
C ALA D 35 -7.10 49.40 3.20
N ALA D 36 -7.72 48.34 3.67
CA ALA D 36 -7.75 47.07 2.94
C ALA D 36 -8.66 47.14 1.71
N ASP D 37 -8.33 46.33 0.69
CA ASP D 37 -9.28 46.06 -0.36
C ASP D 37 -10.08 44.84 0.07
N LYS D 38 -11.31 45.08 0.52
CA LYS D 38 -12.20 44.02 0.97
C LYS D 38 -12.40 42.96 -0.13
N GLU D 39 -12.48 43.41 -1.38
CA GLU D 39 -12.74 42.54 -2.52
C GLU D 39 -11.57 41.59 -2.76
N SER D 40 -10.37 42.16 -2.78
CA SER D 40 -9.15 41.44 -3.12
C SER D 40 -8.77 40.48 -1.98
N THR D 41 -8.85 41.00 -0.76
CA THR D 41 -8.64 40.22 0.42
C THR D 41 -9.63 39.06 0.50
N GLN D 42 -10.91 39.31 0.24
CA GLN D 42 -11.89 38.24 0.38
C GLN D 42 -11.60 37.10 -0.58
N LYS D 43 -11.57 37.41 -1.88
CA LYS D 43 -11.28 36.41 -2.91
C LYS D 43 -10.11 35.51 -2.48
N ALA D 44 -9.08 36.11 -1.88
CA ALA D 44 -7.95 35.36 -1.33
C ALA D 44 -8.33 34.49 -0.12
N ILE D 45 -8.86 35.10 0.94
CA ILE D 45 -9.25 34.34 2.13
C ILE D 45 -10.04 33.11 1.71
N ASP D 46 -11.01 33.30 0.80
CA ASP D 46 -11.83 32.20 0.30
C ASP D 46 -10.94 31.17 -0.37
N GLY D 47 -10.11 31.63 -1.29
CA GLY D 47 -9.17 30.76 -1.98
C GLY D 47 -8.34 29.96 -1.02
N ILE D 48 -7.74 30.63 -0.05
CA ILE D 48 -6.87 29.96 0.89
C ILE D 48 -7.62 29.04 1.85
N THR D 49 -8.82 29.44 2.25
CA THR D 49 -9.65 28.59 3.09
C THR D 49 -9.97 27.30 2.37
N ASN D 50 -10.33 27.42 1.11
CA ASN D 50 -10.59 26.28 0.28
C ASN D 50 -9.39 25.40 0.11
N LYS D 51 -8.23 26.01 -0.07
CA LYS D 51 -7.01 25.25 -0.23
C LYS D 51 -6.84 24.36 0.97
N VAL D 52 -7.06 24.93 2.14
CA VAL D 52 -6.82 24.22 3.38
C VAL D 52 -7.87 23.13 3.57
N ASN D 53 -9.12 23.40 3.24
CA ASN D 53 -10.12 22.35 3.35
C ASN D 53 -9.91 21.25 2.33
N SER D 54 -9.37 21.57 1.17
CA SER D 54 -9.18 20.57 0.13
C SER D 54 -8.25 19.49 0.63
N VAL D 55 -7.16 19.93 1.23
CA VAL D 55 -6.17 19.02 1.76
C VAL D 55 -6.73 18.22 2.92
N ILE D 56 -7.65 18.80 3.66
CA ILE D 56 -8.23 18.13 4.84
C ILE D 56 -9.46 17.24 4.53
N GLU D 57 -10.19 17.47 3.43
CA GLU D 57 -11.21 16.50 2.90
C GLU D 57 -10.56 15.38 2.06
N LYS D 58 -10.59 14.22 2.68
CA LYS D 58 -9.50 13.29 2.69
C LYS D 58 -10.13 11.93 2.54
N MET D 59 -9.51 10.90 3.12
CA MET D 59 -10.23 9.78 3.70
C MET D 59 -10.44 10.13 5.18
N ASN D 60 -10.64 9.13 6.05
CA ASN D 60 -10.63 9.26 7.53
C ASN D 60 -11.52 8.23 8.22
N THR D 61 -12.58 7.82 7.57
CA THR D 61 -13.56 6.96 8.23
C THR D 61 -12.73 5.73 8.62
N GLN D 62 -12.55 5.60 9.94
CA GLN D 62 -12.34 4.39 10.71
C GLN D 62 -13.71 4.07 11.42
N PHE D 63 -13.81 3.36 12.56
CA PHE D 63 -12.76 2.64 13.28
C PHE D 63 -11.92 1.83 12.30
N GLU D 64 -10.62 1.70 12.57
CA GLU D 64 -9.81 0.75 11.82
C GLU D 64 -9.06 -0.23 12.75
N ALA D 65 -8.60 0.22 13.92
CA ALA D 65 -7.89 -0.66 14.89
C ALA D 65 -6.65 -1.38 14.32
N VAL D 66 -5.52 -0.70 14.23
CA VAL D 66 -4.45 -1.21 13.37
C VAL D 66 -3.69 -2.43 13.94
N GLY D 67 -3.61 -2.55 15.26
CA GLY D 67 -2.83 -3.63 15.85
C GLY D 67 -3.29 -5.03 15.45
N LYS D 68 -2.36 -5.85 14.94
CA LYS D 68 -2.65 -7.25 14.62
C LYS D 68 -1.64 -8.16 15.29
N GLU D 69 -1.98 -9.41 15.57
CA GLU D 69 -1.08 -10.31 16.28
C GLU D 69 -0.77 -11.61 15.55
N PHE D 70 0.44 -12.15 15.77
CA PHE D 70 0.90 -13.31 15.02
C PHE D 70 1.74 -14.28 15.83
N ASN D 71 1.61 -15.59 15.55
CA ASN D 71 2.51 -16.64 16.11
C ASN D 71 3.95 -16.35 15.87
N ASN D 72 4.77 -17.15 16.55
CA ASN D 72 6.17 -17.32 16.22
C ASN D 72 6.34 -18.18 14.98
N LEU D 73 5.30 -18.91 14.60
CA LEU D 73 5.26 -19.55 13.28
C LEU D 73 4.61 -18.74 12.14
N GLU D 74 4.40 -17.45 12.33
CA GLU D 74 3.74 -16.62 11.34
C GLU D 74 4.54 -15.36 11.17
N ARG D 75 5.86 -15.51 11.13
CA ARG D 75 6.73 -14.36 11.02
C ARG D 75 6.69 -13.75 9.64
N ARG D 76 6.53 -14.59 8.62
CA ARG D 76 6.38 -14.06 7.29
C ARG D 76 5.11 -13.26 7.18
N LEU D 77 4.05 -13.75 7.83
CA LEU D 77 2.78 -13.06 7.85
C LEU D 77 2.87 -11.74 8.61
N GLU D 78 3.42 -11.78 9.81
CA GLU D 78 3.69 -10.56 10.55
C GLU D 78 4.47 -9.58 9.68
N ASN D 79 5.48 -10.09 8.97
CA ASN D 79 6.35 -9.24 8.22
C ASN D 79 5.64 -8.59 7.06
N LEU D 80 4.88 -9.42 6.35
CA LEU D 80 3.96 -8.96 5.31
C LEU D 80 3.09 -7.80 5.77
N ASN D 81 2.46 -7.97 6.90
CA ASN D 81 1.63 -6.96 7.45
C ASN D 81 2.42 -5.70 7.78
N LYS D 82 3.59 -5.87 8.38
CA LYS D 82 4.48 -4.76 8.67
C LYS D 82 4.88 -3.99 7.42
N LYS D 83 5.26 -4.68 6.33
CA LYS D 83 5.61 -3.98 5.09
C LYS D 83 4.45 -3.21 4.54
N MET D 84 3.24 -3.71 4.74
CA MET D 84 2.10 -2.99 4.28
C MET D 84 1.91 -1.73 5.08
N GLU D 85 1.86 -1.85 6.41
CA GLU D 85 1.61 -0.69 7.27
C GLU D 85 2.71 0.37 7.03
N ASP D 86 3.96 -0.07 6.94
CA ASP D 86 5.07 0.80 6.58
C ASP D 86 4.93 1.40 5.19
N GLY D 87 4.52 0.60 4.21
CA GLY D 87 4.40 1.07 2.86
C GLY D 87 3.42 2.22 2.80
N PHE D 88 2.33 2.11 3.53
CA PHE D 88 1.31 3.16 3.43
C PHE D 88 1.79 4.39 4.12
N ILE D 89 2.40 4.22 5.28
CA ILE D 89 2.95 5.36 5.97
C ILE D 89 3.99 6.03 5.08
N ASP D 90 4.85 5.27 4.42
CA ASP D 90 5.83 5.88 3.54
C ASP D 90 5.15 6.73 2.45
N VAL D 91 4.10 6.22 1.83
CA VAL D 91 3.38 6.95 0.81
C VAL D 91 2.75 8.21 1.36
N TRP D 92 1.99 8.07 2.45
CA TRP D 92 1.28 9.21 2.97
C TRP D 92 2.25 10.24 3.45
N THR D 93 3.30 9.80 4.13
CA THR D 93 4.28 10.73 4.64
C THR D 93 4.95 11.48 3.50
N TYR D 94 5.34 10.80 2.42
CA TYR D 94 5.95 11.50 1.27
C TYR D 94 5.00 12.45 0.57
N ASN D 95 3.76 12.01 0.36
CA ASN D 95 2.82 12.83 -0.39
C ASN D 95 2.49 14.08 0.37
N ALA D 96 2.24 13.91 1.66
CA ALA D 96 1.97 15.01 2.57
C ALA D 96 3.09 16.05 2.53
N GLU D 97 4.30 15.63 2.86
CA GLU D 97 5.44 16.54 2.80
C GLU D 97 5.44 17.31 1.47
N LEU D 98 5.44 16.60 0.36
CA LEU D 98 5.52 17.25 -0.95
C LEU D 98 4.29 18.06 -1.25
N LEU D 99 3.13 17.57 -0.91
CA LEU D 99 1.92 18.36 -1.10
C LEU D 99 2.04 19.71 -0.42
N VAL D 100 2.33 19.69 0.88
CA VAL D 100 2.54 20.93 1.61
C VAL D 100 3.57 21.85 0.93
N LEU D 101 4.74 21.30 0.60
CA LEU D 101 5.78 22.05 -0.06
C LEU D 101 5.25 22.71 -1.34
N MET D 102 4.51 22.00 -2.20
CA MET D 102 4.09 22.57 -3.50
C MET D 102 3.01 23.60 -3.28
N GLU D 103 2.13 23.33 -2.33
CA GLU D 103 1.05 24.24 -2.11
C GLU D 103 1.50 25.51 -1.36
N ASN D 104 2.58 25.42 -0.60
CA ASN D 104 3.12 26.64 -0.04
C ASN D 104 3.76 27.48 -1.13
N GLU D 105 4.52 26.85 -2.05
CA GLU D 105 5.10 27.61 -3.16
C GLU D 105 3.97 28.38 -3.83
N ARG D 106 2.90 27.67 -4.19
CA ARG D 106 1.79 28.27 -4.91
C ARG D 106 1.12 29.40 -4.13
N THR D 107 0.90 29.21 -2.83
CA THR D 107 0.25 30.21 -2.00
C THR D 107 0.96 31.55 -2.00
N LEU D 108 2.25 31.52 -1.77
CA LEU D 108 3.00 32.76 -1.74
C LEU D 108 2.94 33.46 -3.09
N ASP D 109 3.11 32.71 -4.19
CA ASP D 109 3.00 33.31 -5.53
C ASP D 109 1.61 33.91 -5.74
N PHE D 110 0.61 33.18 -5.27
CA PHE D 110 -0.77 33.62 -5.29
C PHE D 110 -0.90 35.00 -4.67
N HIS D 111 -0.30 35.19 -3.50
CA HIS D 111 -0.33 36.51 -2.85
C HIS D 111 0.39 37.56 -3.66
N ASP D 112 1.56 37.21 -4.20
CA ASP D 112 2.33 38.18 -4.98
C ASP D 112 1.56 38.64 -6.21
N SER D 113 0.75 37.76 -6.80
CA SER D 113 0.06 38.12 -8.02
C SER D 113 -1.21 38.88 -7.70
N ASN D 114 -1.84 38.60 -6.55
CA ASN D 114 -3.04 39.34 -6.15
C ASN D 114 -2.73 40.78 -5.92
N VAL D 115 -1.60 41.01 -5.27
CA VAL D 115 -1.12 42.35 -5.02
C VAL D 115 -0.71 43.04 -6.31
N LYS D 116 -0.04 42.32 -7.21
CA LYS D 116 0.32 42.89 -8.50
C LYS D 116 -0.94 43.29 -9.26
N ASN D 117 -1.97 42.46 -9.21
CA ASN D 117 -3.23 42.78 -9.86
C ASN D 117 -3.82 44.05 -9.32
N LEU D 118 -3.83 44.17 -8.00
CA LEU D 118 -4.36 45.37 -7.38
C LEU D 118 -3.62 46.60 -7.90
N TYR D 119 -2.30 46.49 -8.05
CA TYR D 119 -1.49 47.53 -8.67
C TYR D 119 -2.01 47.86 -10.07
N ASP D 120 -2.07 46.87 -10.95
CA ASP D 120 -2.50 47.12 -12.34
C ASP D 120 -3.96 47.55 -12.47
N LYS D 121 -4.81 47.08 -11.56
CA LYS D 121 -6.22 47.52 -11.49
C LYS D 121 -6.31 49.03 -11.31
N VAL D 122 -5.38 49.57 -10.52
CA VAL D 122 -5.25 51.01 -10.38
C VAL D 122 -4.51 51.64 -11.57
N ARG D 123 -3.24 51.27 -11.81
CA ARG D 123 -2.48 51.81 -12.94
C ARG D 123 -3.33 52.02 -14.19
N MET D 124 -4.01 50.95 -14.62
CA MET D 124 -4.84 51.01 -15.83
C MET D 124 -5.96 52.05 -15.73
N GLN D 125 -6.55 52.22 -14.55
CA GLN D 125 -7.66 53.17 -14.40
C GLN D 125 -7.21 54.64 -14.16
N LEU D 126 -5.91 54.88 -14.01
CA LEU D 126 -5.39 56.25 -13.79
C LEU D 126 -4.64 56.79 -14.99
N ARG D 127 -3.69 56.01 -15.49
CA ARG D 127 -2.81 56.37 -16.60
C ARG D 127 -2.17 57.75 -16.39
N ASP D 128 -2.24 58.63 -17.39
CA ASP D 128 -1.48 59.88 -17.39
C ASP D 128 -1.82 60.80 -16.23
N ASN D 129 -3.00 60.62 -15.61
CA ASN D 129 -3.38 61.42 -14.44
C ASN D 129 -2.43 61.25 -13.25
N ALA D 130 -1.56 60.23 -13.30
CA ALA D 130 -0.68 59.91 -12.19
C ALA D 130 0.68 59.42 -12.66
N LYS D 131 1.72 59.74 -11.87
CA LYS D 131 3.07 59.26 -12.10
C LYS D 131 3.28 57.96 -11.35
N GLU D 132 3.69 56.92 -12.08
CA GLU D 132 4.09 55.64 -11.49
C GLU D 132 5.49 55.79 -10.86
N ILE D 133 5.55 55.87 -9.53
CA ILE D 133 6.82 56.08 -8.84
C ILE D 133 7.83 54.93 -8.96
N GLY D 134 7.35 53.68 -9.00
CA GLY D 134 8.24 52.53 -9.15
C GLY D 134 8.50 51.77 -7.85
N ASN D 135 7.92 52.26 -6.76
CA ASN D 135 7.94 51.58 -5.48
C ASN D 135 6.56 50.98 -5.19
N GLY D 136 5.72 50.89 -6.23
CA GLY D 136 4.36 50.43 -6.04
C GLY D 136 3.43 51.53 -5.61
N CYS D 137 3.82 52.78 -5.85
CA CYS D 137 2.94 53.92 -5.59
C CYS D 137 2.80 54.82 -6.79
N PHE D 138 1.70 55.56 -6.77
CA PHE D 138 1.37 56.52 -7.80
C PHE D 138 1.33 57.91 -7.20
N GLU D 139 2.15 58.80 -7.74
CA GLU D 139 2.03 60.22 -7.44
C GLU D 139 1.05 60.83 -8.43
N PHE D 140 0.03 61.51 -7.91
CA PHE D 140 -0.93 62.19 -8.77
C PHE D 140 -0.30 63.42 -9.43
N TYR D 141 -0.65 63.63 -10.70
CA TYR D 141 -0.28 64.87 -11.37
C TYR D 141 -1.33 65.96 -11.05
N HIS D 142 -2.49 65.58 -10.52
CA HIS D 142 -3.49 66.53 -10.08
C HIS D 142 -3.70 66.39 -8.57
N LYS D 143 -4.87 66.76 -8.06
CA LYS D 143 -5.20 66.59 -6.64
C LYS D 143 -6.38 65.64 -6.47
N CYS D 144 -6.42 64.96 -5.32
CA CYS D 144 -7.42 63.93 -5.04
C CYS D 144 -7.68 63.83 -3.54
N ASP D 145 -8.89 64.22 -3.14
CA ASP D 145 -9.33 64.14 -1.75
C ASP D 145 -10.04 62.81 -1.48
N ASP D 146 -10.50 62.63 -0.25
CA ASP D 146 -11.14 61.38 0.18
C ASP D 146 -12.36 60.94 -0.67
N GLU D 147 -13.11 61.90 -1.20
CA GLU D 147 -14.19 61.62 -2.16
C GLU D 147 -13.61 60.84 -3.33
N CYS D 148 -12.57 61.41 -3.92
CA CYS D 148 -11.87 60.81 -5.05
C CYS D 148 -11.14 59.52 -4.64
N MET D 149 -10.60 59.48 -3.43
CA MET D 149 -9.88 58.28 -2.96
C MET D 149 -10.77 57.06 -2.98
N ASN D 150 -11.99 57.17 -2.46
CA ASN D 150 -12.92 56.06 -2.54
C ASN D 150 -13.02 55.55 -3.96
N SER D 151 -13.10 56.49 -4.90
CA SER D 151 -13.33 56.17 -6.31
C SER D 151 -12.22 55.29 -6.90
N VAL D 152 -10.98 55.62 -6.56
CA VAL D 152 -9.84 54.82 -7.04
C VAL D 152 -9.79 53.44 -6.36
N ARG D 153 -10.15 53.38 -5.08
CA ARG D 153 -10.16 52.10 -4.34
C ARG D 153 -11.17 51.12 -4.88
N ASN D 154 -12.45 51.52 -4.87
CA ASN D 154 -13.53 50.66 -5.35
C ASN D 154 -13.82 50.80 -6.85
N GLY D 155 -12.82 51.24 -7.61
CA GLY D 155 -12.85 51.10 -9.05
C GLY D 155 -13.77 52.04 -9.82
N THR D 156 -14.35 53.02 -9.14
CA THR D 156 -15.22 54.04 -9.76
C THR D 156 -14.48 55.35 -9.92
N TYR D 157 -13.24 55.32 -10.39
CA TYR D 157 -12.44 56.54 -10.53
C TYR D 157 -12.72 57.28 -11.84
N ASP D 158 -12.94 58.59 -11.72
CA ASP D 158 -13.30 59.44 -12.85
C ASP D 158 -12.04 60.00 -13.54
N TYR D 159 -11.59 59.32 -14.59
CA TYR D 159 -10.42 59.72 -15.38
C TYR D 159 -10.72 60.93 -16.26
N ILE D 160 -11.92 60.94 -16.84
CA ILE D 160 -12.35 62.04 -17.72
C ILE D 160 -12.52 63.36 -16.97
N LYS D 161 -12.72 63.27 -15.65
CA LYS D 161 -12.86 64.45 -14.80
C LYS D 161 -11.54 65.21 -14.64
N TYR D 162 -10.57 64.56 -14.01
CA TYR D 162 -9.27 65.18 -13.70
C TYR D 162 -8.32 65.13 -14.91
N GLU D 163 -8.87 64.79 -16.08
CA GLU D 163 -8.10 64.69 -17.32
C GLU D 163 -7.38 65.99 -17.68
N GLU D 164 -8.03 67.11 -17.39
CA GLU D 164 -7.58 68.41 -17.86
C GLU D 164 -6.28 68.87 -17.19
N GLU D 165 -6.36 69.17 -15.89
CA GLU D 165 -5.23 69.78 -15.17
C GLU D 165 -4.07 68.82 -14.94
N SER D 166 -4.35 67.53 -15.00
CA SER D 166 -3.29 66.52 -14.97
C SER D 166 -2.29 66.85 -16.07
N LYS D 167 -2.79 67.18 -17.26
CA LYS D 167 -1.93 67.54 -18.39
C LYS D 167 -1.09 68.79 -18.10
N LEU D 168 -1.73 69.85 -17.61
CA LEU D 168 -1.00 71.09 -17.40
C LEU D 168 0.12 70.95 -16.36
N ASN D 169 -0.13 70.19 -15.29
CA ASN D 169 0.89 69.92 -14.27
C ASN D 169 2.01 69.01 -14.77
N ARG D 170 1.66 68.07 -15.66
CA ARG D 170 2.63 67.11 -16.21
C ARG D 170 3.70 67.79 -17.06
N ASN D 171 3.30 68.80 -17.81
CA ASN D 171 4.19 69.42 -18.79
C ASN D 171 5.26 70.40 -18.25
N GLU D 172 5.81 70.12 -17.07
CA GLU D 172 7.07 70.74 -16.63
C GLU D 172 7.74 69.89 -15.54
N GLN E 7 -10.56 50.46 -33.20
CA GLN E 7 -10.25 49.79 -31.91
C GLN E 7 -9.93 48.33 -32.11
N ILE E 8 -8.95 47.82 -31.36
CA ILE E 8 -8.74 46.38 -31.23
C ILE E 8 -8.83 45.95 -29.78
N CYS E 9 -9.38 44.76 -29.59
CA CYS E 9 -9.71 44.23 -28.27
C CYS E 9 -9.28 42.79 -28.19
N ILE E 10 -8.78 42.38 -27.04
CA ILE E 10 -8.33 41.02 -26.86
C ILE E 10 -9.19 40.35 -25.81
N GLY E 11 -9.83 39.25 -26.17
CA GLY E 11 -10.73 38.56 -25.26
C GLY E 11 -10.70 37.06 -25.47
N TYR E 12 -11.62 36.36 -24.81
CA TYR E 12 -11.64 34.90 -24.88
C TYR E 12 -13.04 34.33 -25.12
N HIS E 13 -13.07 33.05 -25.43
CA HIS E 13 -14.27 32.32 -25.77
C HIS E 13 -15.19 32.11 -24.58
N ALA E 14 -16.49 32.20 -24.84
CA ALA E 14 -17.51 31.73 -23.90
C ALA E 14 -18.61 31.03 -24.68
N ASN E 15 -19.40 30.23 -23.99
CA ASN E 15 -20.45 29.43 -24.63
C ASN E 15 -21.57 29.22 -23.65
N ASN E 16 -22.57 28.44 -24.02
CA ASN E 16 -23.64 28.16 -23.08
C ASN E 16 -23.38 26.86 -22.28
N SER E 17 -22.12 26.61 -21.92
CA SER E 17 -21.76 25.47 -21.10
C SER E 17 -22.23 25.73 -19.69
N THR E 18 -22.71 24.69 -19.05
CA THR E 18 -23.23 24.77 -17.71
C THR E 18 -22.27 24.07 -16.74
N GLU E 19 -21.21 23.48 -17.30
CA GLU E 19 -20.44 22.45 -16.64
C GLU E 19 -19.49 23.02 -15.61
N LYS E 20 -19.52 22.44 -14.42
CA LYS E 20 -18.79 22.96 -13.28
C LYS E 20 -17.57 22.09 -12.94
N VAL E 21 -16.51 22.73 -12.47
CA VAL E 21 -15.34 22.03 -11.96
C VAL E 21 -14.96 22.65 -10.63
N ASP E 22 -14.13 21.95 -9.86
CA ASP E 22 -13.60 22.48 -8.63
C ASP E 22 -12.10 22.63 -8.80
N THR E 23 -11.50 23.58 -8.10
CA THR E 23 -10.06 23.75 -8.09
C THR E 23 -9.62 23.78 -6.63
N ILE E 24 -8.32 23.84 -6.36
CA ILE E 24 -7.86 24.00 -4.99
C ILE E 24 -8.38 25.28 -4.36
N LEU E 25 -8.44 26.36 -5.15
CA LEU E 25 -8.85 27.66 -4.64
C LEU E 25 -10.35 27.96 -4.75
N GLU E 26 -11.04 27.29 -5.67
CA GLU E 26 -12.41 27.65 -6.03
C GLU E 26 -13.27 26.44 -6.26
N ARG E 27 -14.58 26.62 -6.09
CA ARG E 27 -15.54 25.55 -6.14
C ARG E 27 -16.62 25.86 -7.17
N ASN E 28 -17.29 24.83 -7.66
CA ASN E 28 -18.39 24.99 -8.59
C ASN E 28 -18.15 26.13 -9.57
N VAL E 29 -17.03 26.06 -10.29
CA VAL E 29 -16.65 27.06 -11.29
C VAL E 29 -17.10 26.61 -12.68
N THR E 30 -17.90 27.42 -13.34
CA THR E 30 -18.41 27.05 -14.64
C THR E 30 -17.28 27.22 -15.63
N VAL E 31 -17.10 26.23 -16.49
CA VAL E 31 -16.08 26.29 -17.55
C VAL E 31 -16.68 25.93 -18.88
N THR E 32 -16.01 26.35 -19.94
CA THR E 32 -16.49 26.16 -21.30
C THR E 32 -16.42 24.69 -21.74
N HIS E 33 -15.40 23.99 -21.24
CA HIS E 33 -15.17 22.59 -21.60
C HIS E 33 -14.55 21.82 -20.44
N ALA E 34 -14.85 20.53 -20.37
CA ALA E 34 -14.36 19.68 -19.30
C ALA E 34 -14.31 18.22 -19.74
N LYS E 35 -13.38 17.48 -19.18
CA LYS E 35 -13.20 16.09 -19.49
C LYS E 35 -13.38 15.34 -18.18
N ASN E 36 -14.45 14.54 -18.11
CA ASN E 36 -14.63 13.63 -17.01
C ASN E 36 -13.62 12.50 -17.16
N ILE E 37 -12.87 12.22 -16.09
CA ILE E 37 -11.92 11.10 -16.08
C ILE E 37 -12.37 9.97 -15.15
N LEU E 38 -13.61 10.05 -14.66
CA LEU E 38 -14.10 9.03 -13.75
C LEU E 38 -15.20 8.21 -14.39
N GLU E 39 -14.90 6.96 -14.75
CA GLU E 39 -15.90 6.09 -15.35
C GLU E 39 -16.98 5.76 -14.34
N LYS E 40 -18.22 6.03 -14.68
CA LYS E 40 -19.33 5.82 -13.77
C LYS E 40 -20.35 4.78 -14.23
N THR E 41 -20.32 4.37 -15.50
CA THR E 41 -21.35 3.48 -16.01
C THR E 41 -20.83 2.10 -16.42
N HIS E 42 -21.73 1.13 -16.28
CA HIS E 42 -21.50 -0.24 -16.71
C HIS E 42 -22.71 -0.68 -17.46
N ASN E 43 -22.56 -1.72 -18.26
CA ASN E 43 -23.66 -2.19 -19.14
C ASN E 43 -24.78 -2.99 -18.45
N GLY E 44 -24.55 -3.45 -17.23
CA GLY E 44 -25.57 -4.15 -16.45
C GLY E 44 -25.57 -5.64 -16.67
N LYS E 45 -24.67 -6.10 -17.54
CA LYS E 45 -24.72 -7.46 -18.04
C LYS E 45 -23.43 -8.19 -17.73
N LEU E 46 -23.55 -9.48 -17.48
CA LEU E 46 -22.40 -10.32 -17.14
C LEU E 46 -21.86 -10.92 -18.43
N CYS E 47 -20.60 -10.63 -18.75
CA CYS E 47 -20.08 -10.81 -20.10
C CYS E 47 -18.84 -11.67 -20.20
N ARG E 48 -18.49 -11.98 -21.44
CA ARG E 48 -17.38 -12.83 -21.76
C ARG E 48 -16.15 -11.96 -21.74
N LEU E 49 -15.01 -12.56 -21.36
CA LEU E 49 -13.75 -11.82 -21.26
C LEU E 49 -12.75 -12.43 -22.23
N SER E 50 -12.14 -11.58 -23.04
CA SER E 50 -11.25 -12.01 -24.14
C SER E 50 -11.86 -13.11 -25.03
N GLY E 51 -13.16 -12.99 -25.33
CA GLY E 51 -13.84 -13.90 -26.27
C GLY E 51 -14.45 -15.11 -25.58
N ILE E 52 -13.70 -15.65 -24.62
CA ILE E 52 -14.12 -16.82 -23.85
C ILE E 52 -15.28 -16.47 -22.93
N PRO E 53 -16.28 -17.38 -22.79
CA PRO E 53 -17.26 -17.20 -21.71
C PRO E 53 -16.74 -17.79 -20.39
N PRO E 54 -17.07 -17.18 -19.24
CA PRO E 54 -16.73 -17.72 -17.95
C PRO E 54 -17.50 -18.99 -17.57
N LEU E 55 -16.93 -19.73 -16.63
CA LEU E 55 -17.53 -20.97 -16.14
C LEU E 55 -18.58 -20.61 -15.11
N GLU E 56 -19.83 -20.96 -15.39
CA GLU E 56 -20.94 -20.39 -14.70
C GLU E 56 -21.60 -21.53 -13.94
N LEU E 57 -21.39 -21.57 -12.63
CA LEU E 57 -21.73 -22.75 -11.84
C LEU E 57 -23.17 -22.85 -11.39
N GLY E 58 -23.94 -21.77 -11.50
CA GLY E 58 -25.29 -21.74 -10.96
C GLY E 58 -25.25 -22.02 -9.47
N ASP E 59 -26.10 -22.92 -9.01
CA ASP E 59 -26.19 -23.27 -7.59
C ASP E 59 -25.05 -24.16 -7.09
N CYS E 60 -24.22 -24.65 -7.99
CA CYS E 60 -23.12 -25.52 -7.58
C CYS E 60 -21.92 -24.73 -7.08
N SER E 61 -21.09 -25.44 -6.33
CA SER E 61 -19.88 -24.91 -5.79
C SER E 61 -18.72 -25.72 -6.37
N ILE E 62 -17.52 -25.19 -6.27
CA ILE E 62 -16.39 -25.87 -6.89
C ILE E 62 -16.30 -27.32 -6.37
N ALA E 63 -16.45 -27.50 -5.07
CA ALA E 63 -16.43 -28.84 -4.49
C ALA E 63 -17.58 -29.74 -5.03
N GLY E 64 -18.79 -29.19 -5.15
CA GLY E 64 -19.89 -29.92 -5.76
C GLY E 64 -19.52 -30.35 -7.17
N TRP E 65 -19.00 -29.42 -7.92
CA TRP E 65 -18.64 -29.69 -9.29
C TRP E 65 -17.54 -30.75 -9.41
N LEU E 66 -16.45 -30.62 -8.68
CA LEU E 66 -15.29 -31.50 -8.91
C LEU E 66 -15.49 -32.87 -8.34
N LEU E 67 -16.23 -32.95 -7.25
CA LEU E 67 -16.59 -34.23 -6.67
C LEU E 67 -17.64 -34.90 -7.54
N GLY E 68 -18.44 -34.11 -8.24
CA GLY E 68 -19.51 -34.66 -9.06
C GLY E 68 -20.73 -34.93 -8.21
N ASN E 69 -21.13 -33.94 -7.43
CA ASN E 69 -22.44 -33.91 -6.80
C ASN E 69 -23.46 -34.10 -7.91
N PRO E 70 -24.41 -35.03 -7.71
CA PRO E 70 -25.50 -35.29 -8.66
C PRO E 70 -26.24 -34.04 -9.11
N GLU E 71 -26.57 -33.14 -8.19
CA GLU E 71 -27.28 -31.92 -8.55
C GLU E 71 -26.47 -31.04 -9.51
N CYS E 72 -25.20 -31.38 -9.74
CA CYS E 72 -24.31 -30.65 -10.64
C CYS E 72 -24.03 -31.39 -11.96
N ASP E 73 -24.88 -32.35 -12.31
CA ASP E 73 -24.65 -33.22 -13.49
C ASP E 73 -24.54 -32.47 -14.82
N ARG E 74 -25.15 -31.29 -14.88
CA ARG E 74 -24.94 -30.33 -15.98
C ARG E 74 -23.48 -29.80 -16.14
N LEU E 75 -22.62 -30.03 -15.13
CA LEU E 75 -21.22 -29.63 -15.20
C LEU E 75 -20.24 -30.81 -15.28
N LEU E 76 -20.77 -32.03 -15.51
CA LEU E 76 -19.94 -33.22 -15.77
C LEU E 76 -18.97 -33.01 -16.95
N SER E 77 -19.36 -32.12 -17.87
CA SER E 77 -18.51 -31.68 -18.98
C SER E 77 -18.77 -30.19 -19.30
N VAL E 78 -17.72 -29.37 -19.21
CA VAL E 78 -17.85 -27.94 -19.54
C VAL E 78 -16.61 -27.37 -20.23
N PRO E 79 -16.82 -26.53 -21.24
CA PRO E 79 -15.74 -25.98 -22.04
C PRO E 79 -14.83 -25.06 -21.28
N GLU E 80 -13.79 -24.60 -21.96
CA GLU E 80 -12.85 -23.54 -21.47
C GLU E 80 -13.57 -22.33 -20.87
N TRP E 81 -12.95 -21.67 -19.88
CA TRP E 81 -13.59 -20.52 -19.18
C TRP E 81 -12.70 -19.32 -18.95
N SER E 82 -13.29 -18.12 -19.08
CA SER E 82 -12.60 -16.83 -18.85
C SER E 82 -12.27 -16.59 -17.40
N TYR E 83 -13.30 -16.72 -16.56
CA TYR E 83 -13.24 -16.66 -15.11
C TYR E 83 -14.36 -17.56 -14.58
N ILE E 84 -14.46 -17.72 -13.27
CA ILE E 84 -15.50 -18.57 -12.69
C ILE E 84 -16.58 -17.73 -12.01
N VAL E 85 -17.84 -18.01 -12.32
CA VAL E 85 -18.94 -17.30 -11.68
C VAL E 85 -19.61 -18.25 -10.71
N GLU E 86 -19.67 -17.85 -9.45
CA GLU E 86 -20.21 -18.71 -8.39
C GLU E 86 -21.20 -17.86 -7.63
N LYS E 87 -22.24 -18.49 -7.10
CA LYS E 87 -23.13 -17.80 -6.19
C LYS E 87 -22.41 -17.53 -4.88
N GLU E 88 -22.89 -16.54 -4.14
CA GLU E 88 -22.27 -16.20 -2.85
C GLU E 88 -22.39 -17.38 -1.85
N ASN E 89 -23.53 -18.06 -1.82
CA ASN E 89 -23.74 -19.21 -0.94
C ASN E 89 -24.37 -20.35 -1.72
N PRO E 90 -23.58 -21.04 -2.54
CA PRO E 90 -24.15 -22.01 -3.48
C PRO E 90 -24.86 -23.12 -2.75
N VAL E 91 -25.93 -23.64 -3.32
CA VAL E 91 -26.73 -24.63 -2.62
C VAL E 91 -26.11 -26.03 -2.65
N ASN E 92 -25.56 -26.42 -3.79
CA ASN E 92 -25.06 -27.78 -3.97
C ASN E 92 -23.56 -27.87 -3.88
N GLY E 93 -23.06 -28.16 -2.69
CA GLY E 93 -21.66 -28.43 -2.49
C GLY E 93 -21.51 -29.89 -2.10
N LEU E 94 -21.10 -30.11 -0.87
CA LEU E 94 -20.93 -31.44 -0.32
C LEU E 94 -22.29 -32.02 0.08
N CYS E 95 -22.94 -32.70 -0.87
CA CYS E 95 -24.22 -33.36 -0.64
C CYS E 95 -24.10 -34.24 0.60
N TYR E 96 -23.11 -35.13 0.61
CA TYR E 96 -22.74 -35.84 1.83
C TYR E 96 -21.88 -34.90 2.64
N PRO E 97 -22.31 -34.56 3.85
CA PRO E 97 -21.62 -33.53 4.64
C PRO E 97 -20.16 -33.89 4.95
N GLY E 98 -19.32 -32.88 5.00
CA GLY E 98 -17.92 -33.08 5.27
C GLY E 98 -17.13 -31.80 5.12
N SER E 99 -15.87 -31.93 4.75
CA SER E 99 -15.03 -30.77 4.59
C SER E 99 -14.10 -31.07 3.48
N PHE E 100 -13.38 -30.05 3.10
CA PHE E 100 -12.47 -30.16 2.01
C PHE E 100 -11.18 -29.51 2.46
N ASN E 101 -10.14 -30.32 2.70
CA ASN E 101 -8.83 -29.77 3.06
C ASN E 101 -8.20 -28.87 2.00
N ASP E 102 -7.69 -27.72 2.44
CA ASP E 102 -7.12 -26.73 1.54
C ASP E 102 -8.07 -26.35 0.43
N TYR E 103 -9.31 -26.09 0.78
CA TYR E 103 -10.32 -25.79 -0.23
C TYR E 103 -10.05 -24.49 -0.95
N GLU E 104 -9.73 -23.44 -0.23
CA GLU E 104 -9.57 -22.12 -0.84
C GLU E 104 -8.31 -22.10 -1.69
N GLU E 105 -7.30 -22.87 -1.32
CA GLU E 105 -6.13 -23.04 -2.16
C GLU E 105 -6.47 -23.71 -3.45
N LEU E 106 -7.40 -24.66 -3.39
CA LEU E 106 -7.89 -25.28 -4.59
C LEU E 106 -8.67 -24.28 -5.42
N LYS E 107 -9.55 -23.53 -4.77
CA LYS E 107 -10.33 -22.55 -5.49
C LYS E 107 -9.43 -21.55 -6.16
N HIS E 108 -8.35 -21.20 -5.50
CA HIS E 108 -7.43 -20.25 -6.07
C HIS E 108 -6.70 -20.84 -7.26
N LEU E 109 -6.51 -22.14 -7.25
CA LEU E 109 -5.85 -22.83 -8.35
C LEU E 109 -6.63 -22.63 -9.63
N LEU E 110 -7.94 -22.46 -9.54
CA LEU E 110 -8.80 -22.22 -10.71
C LEU E 110 -8.93 -20.75 -11.15
N THR E 111 -8.21 -19.85 -10.48
CA THR E 111 -8.07 -18.46 -10.93
C THR E 111 -6.77 -18.25 -11.76
N SER E 112 -6.21 -19.37 -12.25
CA SER E 112 -5.17 -19.33 -13.29
C SER E 112 -5.49 -20.35 -14.39
N VAL E 113 -5.98 -21.53 -14.02
CA VAL E 113 -6.47 -22.49 -15.01
C VAL E 113 -7.73 -21.95 -15.62
N THR E 114 -7.91 -22.29 -16.89
CA THR E 114 -9.09 -21.92 -17.66
C THR E 114 -9.75 -23.09 -18.41
N HIS E 115 -9.23 -24.31 -18.28
CA HIS E 115 -9.93 -25.52 -18.75
C HIS E 115 -9.43 -26.84 -18.16
N PHE E 116 -10.37 -27.69 -17.78
CA PHE E 116 -10.09 -29.05 -17.38
C PHE E 116 -10.42 -30.00 -18.51
N GLU E 117 -9.76 -31.15 -18.49
CA GLU E 117 -10.26 -32.34 -19.13
C GLU E 117 -10.31 -33.40 -18.07
N LYS E 118 -11.47 -34.01 -17.93
CA LYS E 118 -11.69 -34.98 -16.89
C LYS E 118 -11.33 -36.36 -17.42
N VAL E 119 -10.30 -36.96 -16.88
CA VAL E 119 -9.75 -38.22 -17.36
C VAL E 119 -10.11 -39.32 -16.38
N LYS E 120 -10.51 -40.48 -16.87
CA LYS E 120 -10.85 -41.57 -15.98
C LYS E 120 -9.58 -42.30 -15.59
N ILE E 121 -9.12 -42.10 -14.36
CA ILE E 121 -7.81 -42.62 -13.97
C ILE E 121 -7.88 -43.94 -13.22
N LEU E 122 -8.96 -44.15 -12.47
CA LEU E 122 -9.09 -45.35 -11.67
C LEU E 122 -10.51 -45.85 -11.83
N PRO E 123 -10.76 -46.55 -12.95
CA PRO E 123 -12.09 -47.05 -13.25
C PRO E 123 -12.56 -47.96 -12.16
N ARG E 124 -13.82 -47.80 -11.77
CA ARG E 124 -14.38 -48.50 -10.60
C ARG E 124 -14.57 -50.00 -10.83
N ASP E 125 -14.63 -50.39 -12.10
CA ASP E 125 -14.83 -51.78 -12.49
C ASP E 125 -13.69 -52.66 -12.00
N GLN E 126 -12.54 -52.04 -11.72
CA GLN E 126 -11.33 -52.76 -11.33
C GLN E 126 -11.09 -52.86 -9.82
N TRP E 127 -12.03 -52.39 -9.02
CA TRP E 127 -12.08 -52.72 -7.60
C TRP E 127 -12.91 -53.99 -7.46
N THR E 128 -12.35 -55.12 -7.86
CA THR E 128 -13.13 -56.36 -7.95
C THR E 128 -13.17 -57.16 -6.65
N GLN E 129 -12.57 -56.65 -5.58
CA GLN E 129 -12.67 -57.29 -4.27
C GLN E 129 -13.43 -56.40 -3.27
N HIS E 130 -14.20 -55.44 -3.78
CA HIS E 130 -14.91 -54.49 -2.94
C HIS E 130 -16.22 -54.11 -3.60
N THR E 131 -17.20 -53.70 -2.81
CA THR E 131 -18.43 -53.18 -3.39
C THR E 131 -18.24 -51.68 -3.64
N THR E 132 -18.53 -51.25 -4.86
CA THR E 132 -18.34 -49.85 -5.24
C THR E 132 -19.66 -49.07 -5.30
N THR E 133 -20.78 -49.75 -5.09
CA THR E 133 -22.10 -49.15 -5.26
C THR E 133 -22.59 -48.34 -4.06
N GLY E 134 -21.77 -48.17 -3.02
CA GLY E 134 -22.16 -47.39 -1.86
C GLY E 134 -22.67 -46.00 -2.19
N GLY E 135 -23.73 -45.57 -1.50
CA GLY E 135 -24.29 -44.21 -1.65
C GLY E 135 -25.25 -43.85 -0.51
N SER E 136 -25.90 -42.70 -0.60
CA SER E 136 -26.81 -42.28 0.47
C SER E 136 -27.87 -41.29 0.03
N ARG E 137 -28.88 -41.12 0.88
CA ARG E 137 -29.99 -40.21 0.61
C ARG E 137 -29.62 -38.73 0.55
N ALA E 138 -28.49 -38.33 1.13
CA ALA E 138 -28.04 -36.93 1.04
C ALA E 138 -27.62 -36.57 -0.35
N CYS E 139 -27.13 -37.56 -1.10
CA CYS E 139 -26.80 -37.40 -2.52
C CYS E 139 -27.82 -38.14 -3.40
N ALA E 140 -29.11 -37.95 -3.12
CA ALA E 140 -30.17 -38.68 -3.81
C ALA E 140 -30.46 -38.09 -5.18
N VAL E 141 -30.38 -38.93 -6.21
CA VAL E 141 -30.81 -38.56 -7.55
C VAL E 141 -32.24 -39.07 -7.76
N SER E 142 -33.18 -38.14 -7.67
CA SER E 142 -34.63 -38.42 -7.69
C SER E 142 -35.04 -39.64 -6.86
N GLY E 143 -34.94 -39.49 -5.55
CA GLY E 143 -35.46 -40.48 -4.61
C GLY E 143 -34.50 -41.61 -4.27
N ASN E 144 -33.55 -41.88 -5.17
CA ASN E 144 -32.67 -43.01 -5.00
C ASN E 144 -31.31 -42.61 -4.50
N PRO E 145 -30.81 -43.32 -3.46
CA PRO E 145 -29.48 -43.00 -2.96
C PRO E 145 -28.42 -43.09 -4.06
N SER E 146 -27.65 -42.02 -4.20
CA SER E 146 -26.52 -42.00 -5.12
C SER E 146 -25.37 -41.42 -4.35
N PHE E 147 -24.34 -41.00 -5.08
CA PHE E 147 -23.12 -40.50 -4.48
C PHE E 147 -22.48 -39.59 -5.49
N PHE E 148 -21.41 -38.93 -5.07
CA PHE E 148 -20.60 -38.10 -5.95
C PHE E 148 -20.20 -38.90 -7.20
N ARG E 149 -20.54 -38.39 -8.38
CA ARG E 149 -20.33 -39.12 -9.62
C ARG E 149 -18.88 -39.50 -9.86
N ASN E 150 -17.97 -38.59 -9.54
CA ASN E 150 -16.53 -38.81 -9.77
C ASN E 150 -15.79 -39.56 -8.67
N MET E 151 -16.46 -39.85 -7.58
CA MET E 151 -15.87 -40.64 -6.52
C MET E 151 -16.52 -42.02 -6.41
N VAL E 152 -15.80 -42.90 -5.74
CA VAL E 152 -16.19 -44.28 -5.54
C VAL E 152 -16.13 -44.59 -4.05
N TRP E 153 -17.23 -45.07 -3.51
CA TRP E 153 -17.28 -45.42 -2.11
C TRP E 153 -17.06 -46.93 -1.93
N LEU E 154 -15.81 -47.29 -1.63
CA LEU E 154 -15.41 -48.66 -1.36
C LEU E 154 -15.98 -49.13 -0.03
N THR E 155 -16.51 -50.35 -0.07
CA THR E 155 -17.10 -50.99 1.08
C THR E 155 -16.88 -52.49 0.92
N LYS E 156 -17.15 -53.24 2.00
CA LYS E 156 -16.85 -54.67 2.05
C LYS E 156 -17.69 -55.46 1.06
N LYS E 157 -17.07 -56.47 0.45
CA LYS E 157 -17.76 -57.43 -0.40
C LYS E 157 -18.01 -58.68 0.43
N GLY E 158 -19.28 -58.91 0.78
CA GLY E 158 -19.68 -60.04 1.59
C GLY E 158 -18.86 -60.45 2.80
N SER E 159 -18.80 -59.58 3.81
CA SER E 159 -18.06 -59.87 5.03
C SER E 159 -16.52 -59.78 4.90
N ASN E 160 -16.01 -59.07 3.90
CA ASN E 160 -14.57 -58.84 3.81
C ASN E 160 -14.18 -57.55 3.06
N TYR E 161 -13.24 -56.80 3.65
CA TYR E 161 -12.60 -55.65 3.03
C TYR E 161 -11.11 -55.96 2.96
N PRO E 162 -10.68 -56.64 1.89
CA PRO E 162 -9.24 -56.85 1.74
C PRO E 162 -8.53 -55.53 1.47
N ILE E 163 -7.23 -55.49 1.71
CA ILE E 163 -6.48 -54.28 1.48
C ILE E 163 -6.77 -53.78 0.06
N ALA E 164 -7.10 -52.50 -0.06
CA ALA E 164 -7.42 -51.87 -1.34
C ALA E 164 -6.21 -51.09 -1.79
N LYS E 165 -5.70 -51.43 -2.96
CA LYS E 165 -4.37 -51.04 -3.36
C LYS E 165 -4.38 -50.80 -4.87
N ARG E 166 -4.35 -49.53 -5.27
CA ARG E 166 -4.31 -49.16 -6.69
C ARG E 166 -3.40 -47.95 -6.85
N SER E 167 -2.74 -47.86 -7.99
CA SER E 167 -1.91 -46.72 -8.29
C SER E 167 -2.32 -46.11 -9.65
N TYR E 168 -1.67 -45.02 -10.03
CA TYR E 168 -1.92 -44.41 -11.32
C TYR E 168 -0.75 -43.56 -11.73
N ASN E 169 -0.02 -43.95 -12.78
CA ASN E 169 1.04 -43.14 -13.36
C ASN E 169 0.37 -42.06 -14.20
N ASN E 170 0.63 -40.78 -13.91
CA ASN E 170 0.04 -39.69 -14.70
C ASN E 170 0.68 -39.58 -16.06
N THR E 171 0.13 -40.33 -17.02
CA THR E 171 0.66 -40.33 -18.38
C THR E 171 -0.10 -39.38 -19.30
N SER E 172 -0.98 -38.56 -18.72
CA SER E 172 -1.80 -37.60 -19.47
C SER E 172 -1.00 -36.45 -20.09
N GLY E 173 0.28 -36.31 -19.72
CA GLY E 173 1.14 -35.32 -20.33
C GLY E 173 0.93 -33.90 -19.85
N GLU E 174 -0.05 -33.72 -18.97
CA GLU E 174 -0.27 -32.46 -18.33
C GLU E 174 -0.52 -32.74 -16.85
N GLN E 175 -0.47 -31.68 -16.05
CA GLN E 175 -0.59 -31.76 -14.61
C GLN E 175 -2.03 -32.08 -14.23
N MET E 176 -2.21 -32.88 -13.21
CA MET E 176 -3.52 -33.43 -12.93
C MET E 176 -3.96 -33.39 -11.48
N LEU E 177 -5.11 -32.77 -11.26
CA LEU E 177 -5.71 -32.66 -9.96
C LEU E 177 -6.38 -33.95 -9.61
N VAL E 178 -6.01 -34.57 -8.50
CA VAL E 178 -6.65 -35.80 -8.03
C VAL E 178 -7.24 -35.53 -6.67
N ILE E 179 -8.47 -35.97 -6.44
CA ILE E 179 -9.14 -35.71 -5.18
C ILE E 179 -9.50 -37.03 -4.56
N TRP E 180 -9.51 -37.10 -3.24
CA TRP E 180 -9.97 -38.28 -2.56
C TRP E 180 -10.48 -37.91 -1.20
N GLY E 181 -11.06 -38.89 -0.53
CA GLY E 181 -11.66 -38.64 0.75
C GLY E 181 -11.49 -39.79 1.70
N ILE E 182 -11.81 -39.52 2.96
CA ILE E 182 -11.84 -40.55 3.95
C ILE E 182 -13.18 -40.38 4.62
N HIS E 183 -13.89 -41.50 4.82
CA HIS E 183 -15.19 -41.47 5.45
C HIS E 183 -15.00 -41.58 6.94
N HIS E 184 -15.63 -40.67 7.66
CA HIS E 184 -15.58 -40.65 9.12
C HIS E 184 -16.97 -41.08 9.61
N PRO E 185 -17.15 -42.38 9.90
CA PRO E 185 -18.49 -42.82 10.28
C PRO E 185 -18.98 -42.23 11.59
N ASN E 186 -20.26 -42.46 11.87
CA ASN E 186 -20.93 -41.93 13.05
C ASN E 186 -20.72 -42.80 14.30
N ASP E 187 -20.50 -44.09 14.11
CA ASP E 187 -20.30 -45.04 15.23
C ASP E 187 -19.70 -46.40 14.79
N ASP E 188 -19.22 -47.20 15.75
CA ASP E 188 -18.55 -48.49 15.46
C ASP E 188 -19.39 -49.49 14.67
N ALA E 189 -20.70 -49.47 14.91
CA ALA E 189 -21.63 -50.33 14.18
C ALA E 189 -21.57 -50.06 12.67
N GLU E 190 -21.68 -48.78 12.32
CA GLU E 190 -21.62 -48.32 10.91
C GLU E 190 -20.24 -48.64 10.29
N GLN E 191 -19.19 -48.47 11.07
CA GLN E 191 -17.83 -48.75 10.62
C GLN E 191 -17.64 -50.22 10.25
N ARG E 192 -18.31 -51.13 10.97
CA ARG E 192 -18.25 -52.57 10.69
C ARG E 192 -19.20 -52.98 9.57
N THR E 193 -20.43 -52.47 9.63
CA THR E 193 -21.40 -52.68 8.56
C THR E 193 -20.74 -52.49 7.21
N LEU E 194 -19.95 -51.42 7.09
CA LEU E 194 -19.40 -50.97 5.81
C LEU E 194 -18.03 -51.54 5.49
N TYR E 195 -17.17 -51.62 6.50
CA TYR E 195 -15.77 -51.99 6.27
C TYR E 195 -15.28 -53.19 7.06
N GLN E 196 -15.79 -53.80 7.80
CA GLN E 196 -15.62 -54.95 8.68
C GLN E 196 -14.72 -54.67 9.89
N ASN E 197 -13.64 -54.18 9.46
CA ASN E 197 -12.58 -53.92 10.43
C ASN E 197 -12.78 -52.57 11.11
N VAL E 198 -12.04 -52.38 12.20
CA VAL E 198 -12.03 -51.13 12.94
C VAL E 198 -10.56 -50.77 13.11
N GLY E 199 -10.26 -49.49 13.32
CA GLY E 199 -8.87 -49.02 13.37
C GLY E 199 -8.26 -49.21 11.99
N THR E 200 -8.62 -48.31 11.08
CA THR E 200 -8.38 -48.51 9.66
C THR E 200 -7.48 -47.39 9.19
N TYR E 201 -6.94 -47.49 7.99
CA TYR E 201 -6.24 -46.33 7.44
C TYR E 201 -6.47 -46.13 5.94
N VAL E 202 -6.24 -44.88 5.51
CA VAL E 202 -6.14 -44.53 4.11
C VAL E 202 -4.85 -43.78 3.94
N SER E 203 -3.89 -44.40 3.27
CA SER E 203 -2.66 -43.71 2.89
C SER E 203 -2.65 -43.39 1.42
N VAL E 204 -2.04 -42.24 1.09
CA VAL E 204 -1.89 -41.79 -0.27
C VAL E 204 -0.45 -41.34 -0.45
N GLY E 205 0.23 -41.91 -1.43
CA GLY E 205 1.62 -41.51 -1.71
C GLY E 205 1.83 -41.03 -3.13
N THR E 206 2.51 -39.90 -3.31
CA THR E 206 3.10 -39.55 -4.58
C THR E 206 4.57 -39.32 -4.35
N SER E 207 5.27 -38.76 -5.33
CA SER E 207 6.67 -38.48 -5.13
C SER E 207 6.84 -37.41 -4.05
N THR E 208 5.92 -36.45 -3.97
CA THR E 208 5.97 -35.39 -2.96
C THR E 208 4.88 -35.45 -1.91
N LEU E 209 3.81 -36.17 -2.15
CA LEU E 209 2.73 -36.25 -1.17
C LEU E 209 2.85 -37.50 -0.34
N ASN E 210 2.61 -37.35 0.94
CA ASN E 210 2.65 -38.46 1.84
C ASN E 210 1.64 -38.20 2.97
N LYS E 211 0.41 -38.74 2.81
CA LYS E 211 -0.62 -38.62 3.84
C LYS E 211 -0.96 -39.99 4.37
N ARG E 212 -1.47 -40.02 5.59
CA ARG E 212 -2.05 -41.24 6.16
C ARG E 212 -3.09 -40.86 7.17
N SER E 213 -4.34 -41.16 6.84
CA SER E 213 -5.48 -40.71 7.61
C SER E 213 -6.11 -41.90 8.27
N ILE E 214 -6.57 -41.70 9.49
CA ILE E 214 -7.33 -42.71 10.21
C ILE E 214 -8.73 -42.13 10.43
N PRO E 215 -9.76 -42.96 10.25
CA PRO E 215 -11.12 -42.44 10.44
C PRO E 215 -11.36 -42.07 11.89
N GLU E 216 -11.84 -40.85 12.11
CA GLU E 216 -12.30 -40.37 13.39
C GLU E 216 -13.78 -40.69 13.59
N ILE E 217 -14.07 -41.86 14.17
CA ILE E 217 -15.45 -42.28 14.39
C ILE E 217 -16.06 -41.60 15.61
N ALA E 218 -16.89 -40.59 15.39
CA ALA E 218 -17.51 -39.83 16.48
C ALA E 218 -19.01 -39.56 16.20
N THR E 219 -19.80 -39.49 17.26
CA THR E 219 -21.19 -39.03 17.16
C THR E 219 -21.21 -37.51 16.90
N ARG E 220 -22.07 -37.08 15.98
CA ARG E 220 -22.16 -35.66 15.66
C ARG E 220 -23.49 -35.28 15.04
N PRO E 221 -23.86 -33.99 15.15
CA PRO E 221 -25.12 -33.47 14.62
C PRO E 221 -25.39 -33.89 13.19
N LYS E 222 -26.66 -34.12 12.87
CA LYS E 222 -27.07 -34.45 11.52
C LYS E 222 -27.04 -33.21 10.64
N VAL E 223 -26.16 -33.24 9.65
CA VAL E 223 -26.20 -32.29 8.52
C VAL E 223 -26.71 -33.08 7.32
N ASN E 224 -27.64 -32.50 6.56
CA ASN E 224 -28.37 -33.23 5.51
C ASN E 224 -28.88 -34.59 6.00
N GLY E 225 -29.36 -34.63 7.24
CA GLY E 225 -29.86 -35.86 7.82
C GLY E 225 -28.84 -36.97 8.06
N LEU E 226 -27.55 -36.65 8.00
CA LEU E 226 -26.48 -37.63 8.17
C LEU E 226 -25.49 -37.23 9.27
N GLY E 227 -24.94 -38.21 9.97
CA GLY E 227 -23.99 -37.99 11.06
C GLY E 227 -22.55 -38.21 10.65
N GLY E 228 -22.33 -39.09 9.67
CA GLY E 228 -20.99 -39.33 9.15
C GLY E 228 -20.46 -38.08 8.49
N ARG E 229 -19.19 -38.12 8.12
CA ARG E 229 -18.56 -37.01 7.43
C ARG E 229 -17.59 -37.55 6.45
N MET E 230 -17.32 -36.81 5.39
CA MET E 230 -16.29 -37.22 4.48
C MET E 230 -15.37 -36.06 4.24
N GLU E 231 -14.10 -36.28 4.57
CA GLU E 231 -13.09 -35.23 4.55
C GLU E 231 -12.31 -35.48 3.29
N PHE E 232 -12.38 -34.51 2.38
CA PHE E 232 -11.73 -34.65 1.11
C PHE E 232 -10.40 -33.93 1.08
N SER E 233 -9.51 -34.46 0.26
CA SER E 233 -8.21 -33.91 0.10
C SER E 233 -7.89 -33.91 -1.36
N TRP E 234 -6.83 -33.24 -1.73
CA TRP E 234 -6.47 -33.15 -3.12
C TRP E 234 -5.02 -32.87 -3.30
N THR E 235 -4.57 -33.07 -4.51
CA THR E 235 -3.21 -32.96 -4.84
C THR E 235 -3.09 -32.76 -6.33
N LEU E 236 -1.95 -32.22 -6.74
CA LEU E 236 -1.58 -32.12 -8.13
C LEU E 236 -0.59 -33.21 -8.38
N LEU E 237 -1.01 -34.20 -9.13
CA LEU E 237 -0.11 -35.21 -9.59
C LEU E 237 0.66 -34.63 -10.77
N GLU E 238 1.97 -34.57 -10.65
CA GLU E 238 2.81 -34.02 -11.71
C GLU E 238 2.91 -35.02 -12.86
N THR E 239 3.32 -34.55 -14.03
CA THR E 239 3.38 -35.45 -15.20
C THR E 239 4.35 -36.58 -14.96
N TRP E 240 3.93 -37.80 -15.30
CA TRP E 240 4.76 -39.01 -15.17
C TRP E 240 5.02 -39.43 -13.72
N ASP E 241 4.42 -38.75 -12.76
CA ASP E 241 4.48 -39.17 -11.37
C ASP E 241 3.36 -40.18 -11.13
N VAL E 242 3.52 -40.99 -10.09
CA VAL E 242 2.56 -42.02 -9.71
C VAL E 242 1.91 -41.67 -8.38
N ILE E 243 0.65 -42.02 -8.21
CA ILE E 243 -0.06 -41.82 -6.95
C ILE E 243 -0.53 -43.18 -6.51
N ASN E 244 -0.27 -43.52 -5.25
CA ASN E 244 -0.65 -44.81 -4.70
C ASN E 244 -1.71 -44.63 -3.67
N PHE E 245 -2.75 -45.47 -3.74
CA PHE E 245 -3.77 -45.51 -2.73
C PHE E 245 -3.63 -46.84 -2.04
N GLU E 246 -3.74 -46.82 -0.73
CA GLU E 246 -3.70 -48.05 0.06
C GLU E 246 -4.67 -47.84 1.18
N SER E 247 -5.59 -48.77 1.35
CA SER E 247 -6.62 -48.61 2.36
C SER E 247 -7.16 -49.93 2.83
N THR E 248 -7.45 -50.00 4.12
CA THR E 248 -8.02 -51.19 4.76
C THR E 248 -9.46 -50.87 5.16
N GLY E 249 -10.00 -49.78 4.63
CA GLY E 249 -11.32 -49.26 4.97
C GLY E 249 -11.35 -47.73 4.93
N ASN E 250 -12.55 -47.18 4.75
CA ASN E 250 -12.84 -45.74 4.79
C ASN E 250 -12.39 -44.86 3.62
N LEU E 251 -11.76 -45.47 2.62
CA LEU E 251 -11.38 -44.73 1.41
C LEU E 251 -12.59 -44.35 0.55
N ILE E 252 -12.66 -43.06 0.22
CA ILE E 252 -13.50 -42.55 -0.86
C ILE E 252 -12.53 -42.24 -1.99
N ALA E 253 -12.49 -43.10 -2.99
CA ALA E 253 -11.45 -43.05 -3.99
C ALA E 253 -11.96 -42.36 -5.24
N PRO E 254 -11.07 -41.67 -5.93
CA PRO E 254 -11.46 -41.04 -7.17
C PRO E 254 -11.61 -42.04 -8.30
N GLU E 255 -12.54 -41.77 -9.20
CA GLU E 255 -12.57 -42.46 -10.46
C GLU E 255 -11.89 -41.57 -11.47
N TYR E 256 -12.05 -40.26 -11.32
CA TYR E 256 -11.50 -39.31 -12.27
C TYR E 256 -10.48 -38.37 -11.65
N GLY E 257 -9.57 -37.92 -12.50
CA GLY E 257 -8.68 -36.81 -12.21
C GLY E 257 -9.07 -35.70 -13.15
N PHE E 258 -8.41 -34.57 -13.03
CA PHE E 258 -8.72 -33.42 -13.84
C PHE E 258 -7.44 -32.86 -14.37
N LYS E 259 -7.15 -33.17 -15.62
CA LYS E 259 -5.97 -32.69 -16.28
C LYS E 259 -6.14 -31.19 -16.45
N ILE E 260 -5.23 -30.34 -15.95
CA ILE E 260 -5.39 -28.88 -16.18
C ILE E 260 -5.09 -28.51 -17.65
N SER E 261 -6.17 -28.46 -18.45
CA SER E 261 -6.11 -28.53 -19.93
C SER E 261 -5.80 -27.21 -20.64
N LYS E 262 -6.16 -26.08 -20.04
CA LYS E 262 -5.77 -24.76 -20.53
C LYS E 262 -5.30 -23.87 -19.39
N ARG E 263 -4.32 -23.04 -19.67
CA ARG E 263 -3.79 -22.16 -18.63
C ARG E 263 -4.18 -20.72 -18.95
N GLY E 264 -3.94 -19.81 -18.00
CA GLY E 264 -4.01 -18.40 -18.30
C GLY E 264 -4.42 -17.54 -17.13
N SER E 265 -5.41 -16.69 -17.35
CA SER E 265 -5.83 -15.68 -16.40
C SER E 265 -7.32 -15.77 -16.19
N SER E 266 -7.72 -16.29 -15.04
CA SER E 266 -9.11 -16.17 -14.57
C SER E 266 -9.17 -15.60 -13.12
N GLY E 267 -10.37 -15.62 -12.55
CA GLY E 267 -10.64 -15.29 -11.14
C GLY E 267 -12.01 -15.86 -10.79
N ILE E 268 -12.43 -15.78 -9.54
CA ILE E 268 -13.80 -16.20 -9.17
C ILE E 268 -14.58 -14.99 -8.73
N MET E 269 -15.73 -14.74 -9.34
CA MET E 269 -16.55 -13.65 -8.83
C MET E 269 -17.91 -14.07 -8.43
N LYS E 270 -18.31 -13.55 -7.28
CA LYS E 270 -19.47 -14.04 -6.58
C LYS E 270 -20.61 -13.14 -7.04
N THR E 271 -21.58 -13.72 -7.72
CA THR E 271 -22.72 -12.96 -8.24
C THR E 271 -23.81 -13.91 -8.69
N GLU E 272 -25.02 -13.39 -8.76
CA GLU E 272 -26.18 -14.21 -9.13
C GLU E 272 -26.61 -13.88 -10.55
N LYS E 273 -25.93 -12.95 -11.20
CA LYS E 273 -26.21 -12.61 -12.59
C LYS E 273 -25.88 -13.77 -13.50
N ILE E 274 -26.66 -13.88 -14.57
CA ILE E 274 -26.41 -14.88 -15.59
C ILE E 274 -25.56 -14.28 -16.70
N LEU E 275 -24.73 -15.12 -17.31
CA LEU E 275 -23.94 -14.70 -18.45
C LEU E 275 -24.84 -14.23 -19.58
N GLU E 276 -24.33 -13.29 -20.38
CA GLU E 276 -25.00 -12.84 -21.59
C GLU E 276 -24.02 -12.71 -22.73
N ASN E 277 -24.54 -12.33 -23.89
CA ASN E 277 -23.74 -12.29 -25.10
C ASN E 277 -23.14 -10.91 -25.35
N CYS E 278 -22.02 -10.64 -24.69
CA CYS E 278 -21.32 -9.37 -24.83
C CYS E 278 -19.83 -9.63 -24.58
N GLU E 279 -19.03 -8.58 -24.63
CA GLU E 279 -17.58 -8.71 -24.54
C GLU E 279 -16.98 -7.62 -23.66
N THR E 280 -15.84 -7.91 -23.01
CA THR E 280 -15.11 -6.89 -22.26
C THR E 280 -13.66 -7.26 -21.98
N LYS E 281 -12.89 -6.26 -21.57
CA LYS E 281 -11.55 -6.47 -21.00
C LYS E 281 -11.60 -6.21 -19.49
N CYS E 282 -12.79 -5.88 -18.98
CA CYS E 282 -12.97 -5.58 -17.57
C CYS E 282 -14.40 -5.90 -17.12
N GLN E 283 -14.55 -6.87 -16.22
CA GLN E 283 -15.85 -7.30 -15.72
C GLN E 283 -15.99 -7.06 -14.22
N THR E 284 -17.16 -6.60 -13.78
CA THR E 284 -17.47 -6.43 -12.38
C THR E 284 -18.78 -7.12 -12.10
N PRO E 285 -19.06 -7.42 -10.82
CA PRO E 285 -20.33 -8.05 -10.40
C PRO E 285 -21.64 -7.35 -10.81
N LEU E 286 -21.55 -6.05 -11.13
CA LEU E 286 -22.72 -5.26 -11.54
C LEU E 286 -22.90 -5.18 -13.03
N GLY E 287 -21.82 -5.48 -13.75
CA GLY E 287 -21.79 -5.31 -15.19
C GLY E 287 -20.38 -5.02 -15.63
N ALA E 288 -20.21 -4.85 -16.94
CA ALA E 288 -18.89 -4.71 -17.52
C ALA E 288 -18.63 -3.25 -17.85
N ILE E 289 -17.34 -2.94 -18.02
CA ILE E 289 -16.87 -1.58 -18.20
C ILE E 289 -16.15 -1.39 -19.54
N ASN E 290 -16.72 -0.54 -20.38
CA ASN E 290 -16.08 -0.13 -21.62
C ASN E 290 -15.61 1.29 -21.35
N THR E 291 -14.31 1.47 -21.20
CA THR E 291 -13.80 2.81 -20.88
C THR E 291 -12.33 2.98 -21.21
N THR E 292 -11.95 4.21 -21.50
CA THR E 292 -10.55 4.58 -21.65
C THR E 292 -10.10 5.45 -20.46
N LEU E 293 -11.02 5.71 -19.54
CA LEU E 293 -10.71 6.58 -18.43
C LEU E 293 -9.89 5.80 -17.39
N PRO E 294 -9.15 6.52 -16.56
CA PRO E 294 -8.19 5.90 -15.64
C PRO E 294 -8.80 5.47 -14.34
N PHE E 295 -9.97 6.01 -14.03
CA PHE E 295 -10.65 5.69 -12.77
C PHE E 295 -12.08 5.24 -13.02
N HIS E 296 -12.55 4.33 -12.19
CA HIS E 296 -13.97 4.05 -12.14
C HIS E 296 -14.43 4.00 -10.69
N ASN E 297 -15.73 4.05 -10.47
CA ASN E 297 -16.25 3.96 -9.13
C ASN E 297 -17.42 2.98 -9.03
N ILE E 298 -17.48 2.10 -9.99
CA ILE E 298 -18.58 1.15 -10.10
C ILE E 298 -18.53 0.11 -9.03
N HIS E 299 -17.42 -0.61 -8.92
CA HIS E 299 -17.32 -1.71 -7.96
C HIS E 299 -15.86 -2.15 -7.79
N PRO E 300 -15.39 -2.25 -6.55
CA PRO E 300 -14.00 -2.62 -6.32
C PRO E 300 -13.59 -4.03 -6.83
N LEU E 301 -14.47 -5.00 -6.74
CA LEU E 301 -14.17 -6.39 -7.11
C LEU E 301 -14.25 -6.71 -8.60
N THR E 302 -13.38 -6.10 -9.36
CA THR E 302 -13.32 -6.32 -10.79
C THR E 302 -12.54 -7.61 -11.16
N ILE E 303 -12.67 -8.05 -12.40
CA ILE E 303 -11.75 -9.03 -13.02
C ILE E 303 -11.41 -8.51 -14.42
N GLY E 304 -10.14 -8.49 -14.78
CA GLY E 304 -9.72 -8.00 -16.11
C GLY E 304 -8.80 -6.78 -16.06
N GLU E 305 -8.59 -6.14 -17.22
CA GLU E 305 -7.77 -4.91 -17.30
C GLU E 305 -8.67 -3.69 -17.06
N CYS E 306 -8.59 -3.12 -15.86
CA CYS E 306 -9.59 -2.16 -15.41
C CYS E 306 -8.97 -0.85 -14.99
N PRO E 307 -9.75 0.23 -14.99
CA PRO E 307 -9.27 1.46 -14.39
C PRO E 307 -9.16 1.29 -12.87
N LYS E 308 -8.41 2.17 -12.22
CA LYS E 308 -8.27 2.14 -10.78
C LYS E 308 -9.59 2.52 -10.09
N TYR E 309 -10.10 1.62 -9.26
CA TYR E 309 -11.31 1.91 -8.51
C TYR E 309 -11.00 3.04 -7.55
N VAL E 310 -11.89 4.03 -7.48
CA VAL E 310 -11.81 5.04 -6.46
C VAL E 310 -13.16 5.24 -5.78
N LYS E 311 -13.11 5.78 -4.57
CA LYS E 311 -14.27 6.10 -3.78
C LYS E 311 -14.53 7.56 -4.05
N SER E 312 -14.99 7.90 -5.22
CA SER E 312 -15.21 9.30 -5.57
C SER E 312 -16.45 9.40 -6.40
N ASP E 313 -17.15 10.53 -6.30
CA ASP E 313 -18.40 10.74 -7.05
C ASP E 313 -18.19 11.55 -8.31
N ARG E 314 -17.09 12.28 -8.39
CA ARG E 314 -16.79 13.09 -9.56
C ARG E 314 -15.30 13.51 -9.64
N LEU E 315 -14.74 13.31 -10.82
CA LEU E 315 -13.40 13.80 -11.15
C LEU E 315 -13.52 14.38 -12.53
N ILE E 316 -13.40 15.70 -12.60
CA ILE E 316 -13.55 16.39 -13.84
C ILE E 316 -12.43 17.37 -14.02
N LEU E 317 -11.69 17.20 -15.12
CA LEU E 317 -10.62 18.13 -15.45
C LEU E 317 -11.21 19.25 -16.27
N ALA E 318 -10.89 20.47 -15.92
CA ALA E 318 -11.16 21.60 -16.79
C ALA E 318 -10.21 21.48 -17.96
N THR E 319 -10.76 21.61 -19.15
CA THR E 319 -9.98 21.77 -20.37
C THR E 319 -10.22 23.16 -20.97
N GLY E 320 -11.38 23.75 -20.70
CA GLY E 320 -11.75 25.01 -21.28
C GLY E 320 -11.50 26.24 -20.43
N LEU E 321 -12.00 27.36 -20.93
CA LEU E 321 -11.87 28.65 -20.28
C LEU E 321 -12.87 28.74 -19.14
N ARG E 322 -12.65 29.71 -18.26
CA ARG E 322 -13.62 30.04 -17.24
C ARG E 322 -14.80 30.70 -17.95
N ASN E 323 -15.95 30.06 -17.93
CA ASN E 323 -17.07 30.51 -18.75
C ASN E 323 -17.78 31.65 -18.07
N VAL E 324 -17.51 32.86 -18.55
CA VAL E 324 -18.01 34.08 -17.95
C VAL E 324 -18.61 34.95 -19.06
N PRO E 325 -19.91 34.72 -19.39
CA PRO E 325 -20.57 35.36 -20.54
C PRO E 325 -21.28 36.70 -20.24
N PHE F 9 -10.23 41.22 -22.51
CA PHE F 9 -10.06 40.11 -21.53
C PHE F 9 -10.71 40.49 -20.20
N ILE F 10 -10.41 41.69 -19.70
CA ILE F 10 -11.10 42.20 -18.53
C ILE F 10 -12.54 42.27 -18.97
N GLU F 11 -13.47 42.20 -18.01
CA GLU F 11 -14.90 42.36 -18.28
C GLU F 11 -15.61 41.05 -18.64
N GLY F 12 -14.97 40.19 -19.43
CA GLY F 12 -15.52 38.84 -19.63
C GLY F 12 -15.19 38.13 -20.92
N GLY F 13 -16.01 37.14 -21.22
CA GLY F 13 -15.84 36.33 -22.40
C GLY F 13 -16.75 36.82 -23.51
N TRP F 14 -16.52 36.28 -24.71
CA TRP F 14 -17.28 36.60 -25.90
C TRP F 14 -17.92 35.35 -26.50
N GLN F 15 -19.24 35.19 -26.35
CA GLN F 15 -19.93 34.10 -27.04
C GLN F 15 -19.79 34.25 -28.53
N GLY F 16 -19.69 35.50 -28.99
CA GLY F 16 -19.58 35.79 -30.42
C GLY F 16 -18.30 35.33 -31.08
N MET F 17 -17.33 34.89 -30.29
CA MET F 17 -16.10 34.32 -30.85
C MET F 17 -16.17 32.81 -30.85
N VAL F 18 -17.04 32.26 -31.70
CA VAL F 18 -17.13 30.80 -31.87
C VAL F 18 -15.86 30.21 -32.48
N ASP F 19 -15.01 31.08 -33.01
CA ASP F 19 -13.81 30.68 -33.76
C ASP F 19 -12.81 29.80 -32.96
N GLY F 20 -12.23 30.34 -31.90
CA GLY F 20 -11.24 29.61 -31.10
C GLY F 20 -11.34 29.97 -29.62
N TRP F 21 -10.20 30.04 -28.92
CA TRP F 21 -10.19 30.25 -27.47
C TRP F 21 -9.81 31.67 -27.11
N TYR F 22 -8.71 32.14 -27.66
CA TYR F 22 -8.31 33.52 -27.43
C TYR F 22 -8.32 34.22 -28.77
N GLY F 23 -8.60 35.53 -28.75
CA GLY F 23 -8.66 36.26 -29.99
C GLY F 23 -8.97 37.74 -29.88
N TYR F 24 -9.26 38.33 -31.03
CA TYR F 24 -9.40 39.76 -31.15
C TYR F 24 -10.80 40.14 -31.62
N HIS F 25 -11.27 41.28 -31.13
CA HIS F 25 -12.41 41.97 -31.72
C HIS F 25 -11.88 43.28 -32.25
N HIS F 26 -12.37 43.67 -33.42
CA HIS F 26 -11.90 44.89 -34.10
C HIS F 26 -13.07 45.78 -34.46
N SER F 27 -12.75 47.06 -34.69
CA SER F 27 -13.73 48.06 -35.02
C SER F 27 -13.11 49.16 -35.90
N ASN F 28 -13.52 49.22 -37.16
CA ASN F 28 -13.03 50.22 -38.12
C ASN F 28 -14.14 50.67 -39.08
N ASP F 29 -13.79 51.41 -40.12
CA ASP F 29 -14.76 51.90 -41.11
C ASP F 29 -15.46 50.75 -41.84
N GLN F 30 -14.70 49.71 -42.17
CA GLN F 30 -15.25 48.53 -42.86
C GLN F 30 -16.30 47.83 -42.00
N GLY F 31 -15.96 47.56 -40.74
CA GLY F 31 -16.94 46.98 -39.83
C GLY F 31 -16.39 46.48 -38.52
N SER F 32 -17.09 45.49 -37.96
CA SER F 32 -16.70 44.85 -36.72
C SER F 32 -16.88 43.36 -36.86
N GLY F 33 -16.05 42.62 -36.12
CA GLY F 33 -16.12 41.17 -36.13
C GLY F 33 -15.14 40.59 -35.13
N TYR F 34 -15.33 39.32 -34.83
CA TYR F 34 -14.44 38.58 -33.96
C TYR F 34 -13.46 37.74 -34.78
N ALA F 35 -12.30 37.45 -34.21
CA ALA F 35 -11.31 36.60 -34.87
C ALA F 35 -10.35 35.95 -33.86
N ALA F 36 -10.25 34.62 -33.92
CA ALA F 36 -9.35 33.88 -33.04
C ALA F 36 -7.88 34.07 -33.40
N ASP F 37 -7.01 33.98 -32.38
CA ASP F 37 -5.59 33.83 -32.64
C ASP F 37 -5.31 32.34 -32.76
N LYS F 38 -5.15 31.87 -34.00
CA LYS F 38 -4.88 30.46 -34.27
C LYS F 38 -3.64 29.97 -33.52
N GLU F 39 -2.63 30.83 -33.43
CA GLU F 39 -1.35 30.49 -32.79
C GLU F 39 -1.51 30.29 -31.29
N SER F 40 -2.20 31.23 -30.66
CA SER F 40 -2.37 31.25 -29.21
C SER F 40 -3.32 30.15 -28.75
N THR F 41 -4.42 30.02 -29.48
CA THR F 41 -5.38 28.97 -29.27
C THR F 41 -4.72 27.60 -29.43
N GLN F 42 -3.92 27.40 -30.48
CA GLN F 42 -3.34 26.09 -30.71
C GLN F 42 -2.43 25.69 -29.58
N LYS F 43 -1.40 26.50 -29.33
CA LYS F 43 -0.47 26.23 -28.23
C LYS F 43 -1.22 25.77 -26.97
N ALA F 44 -2.36 26.39 -26.67
CA ALA F 44 -3.20 26.00 -25.54
C ALA F 44 -3.87 24.64 -25.74
N ILE F 45 -4.64 24.47 -26.80
CA ILE F 45 -5.28 23.19 -27.09
C ILE F 45 -4.26 22.05 -26.94
N ASP F 46 -3.06 22.21 -27.50
CA ASP F 46 -1.99 21.21 -27.40
C ASP F 46 -1.61 20.98 -25.95
N GLY F 47 -1.32 22.07 -25.26
CA GLY F 47 -1.02 22.02 -23.85
C GLY F 47 -2.07 21.27 -23.09
N ILE F 48 -3.33 21.65 -23.26
CA ILE F 48 -4.41 21.06 -22.49
C ILE F 48 -4.65 19.61 -22.88
N THR F 49 -4.49 19.29 -24.16
CA THR F 49 -4.63 17.92 -24.60
C THR F 49 -3.59 17.07 -23.91
N ASN F 50 -2.37 17.58 -23.87
CA ASN F 50 -1.28 16.90 -23.21
C ASN F 50 -1.53 16.71 -21.72
N LYS F 51 -2.09 17.73 -21.09
CA LYS F 51 -2.39 17.66 -19.68
C LYS F 51 -3.31 16.50 -19.43
N VAL F 52 -4.32 16.37 -20.28
CA VAL F 52 -5.32 15.34 -20.11
C VAL F 52 -4.74 13.96 -20.39
N ASN F 53 -3.90 13.85 -21.40
CA ASN F 53 -3.27 12.56 -21.65
C ASN F 53 -2.27 12.19 -20.57
N SER F 54 -1.62 13.17 -19.96
CA SER F 54 -0.61 12.88 -18.93
C SER F 54 -1.25 12.20 -17.74
N VAL F 55 -2.39 12.71 -17.33
CA VAL F 55 -3.15 12.11 -16.25
C VAL F 55 -3.71 10.72 -16.63
N ILE F 56 -4.02 10.49 -17.90
CA ILE F 56 -4.58 9.22 -18.33
C ILE F 56 -3.53 8.13 -18.70
N GLU F 57 -2.30 8.50 -19.04
CA GLU F 57 -1.16 7.55 -19.13
C GLU F 57 -0.53 7.30 -17.75
N LYS F 58 -0.74 6.08 -17.32
CA LYS F 58 -1.04 5.77 -15.96
C LYS F 58 -0.27 4.51 -15.67
N MET F 59 -0.80 3.68 -14.77
CA MET F 59 -0.66 2.23 -14.86
C MET F 59 -1.86 1.76 -15.64
N ASN F 60 -2.25 0.48 -15.47
CA ASN F 60 -3.53 -0.09 -15.96
C ASN F 60 -3.43 -1.59 -16.24
N THR F 61 -2.24 -2.06 -16.63
CA THR F 61 -2.08 -3.46 -17.06
C THR F 61 -2.40 -4.47 -15.93
N GLN F 62 -3.64 -4.91 -15.95
CA GLN F 62 -4.09 -6.14 -15.31
C GLN F 62 -3.90 -7.27 -16.38
N PHE F 63 -4.61 -8.41 -16.40
CA PHE F 63 -5.59 -8.87 -15.43
C PHE F 63 -5.01 -8.71 -14.03
N GLU F 64 -5.88 -8.45 -13.04
CA GLU F 64 -5.45 -8.51 -11.65
C GLU F 64 -6.38 -9.41 -10.80
N ALA F 65 -7.69 -9.42 -11.08
CA ALA F 65 -8.64 -10.28 -10.35
C ALA F 65 -8.68 -10.06 -8.85
N VAL F 66 -9.38 -9.04 -8.38
CA VAL F 66 -9.18 -8.60 -7.01
C VAL F 66 -9.84 -9.51 -5.97
N GLY F 67 -10.96 -10.16 -6.30
CA GLY F 67 -11.65 -10.99 -5.29
C GLY F 67 -10.80 -12.14 -4.76
N LYS F 68 -10.63 -12.21 -3.44
CA LYS F 68 -9.88 -13.31 -2.81
C LYS F 68 -10.74 -13.92 -1.71
N GLU F 69 -10.54 -15.21 -1.44
CA GLU F 69 -11.38 -15.95 -0.50
C GLU F 69 -10.61 -16.59 0.65
N PHE F 70 -11.23 -16.62 1.83
CA PHE F 70 -10.56 -17.04 3.06
C PHE F 70 -11.47 -17.86 4.00
N ASN F 71 -10.87 -18.84 4.70
CA ASN F 71 -11.55 -19.57 5.80
C ASN F 71 -12.14 -18.66 6.84
N ASN F 72 -12.95 -19.28 7.69
CA ASN F 72 -13.31 -18.74 8.99
C ASN F 72 -12.14 -18.82 10.01
N LEU F 73 -11.13 -19.65 9.73
CA LEU F 73 -9.85 -19.57 10.43
C LEU F 73 -8.75 -18.64 9.82
N GLU F 74 -9.12 -17.77 8.90
CA GLU F 74 -8.16 -16.92 8.23
C GLU F 74 -8.72 -15.54 8.22
N ARG F 75 -9.32 -15.14 9.32
CA ARG F 75 -9.94 -13.83 9.41
C ARG F 75 -8.91 -12.74 9.48
N ARG F 76 -7.78 -13.01 10.11
CA ARG F 76 -6.71 -12.04 10.16
C ARG F 76 -6.16 -11.82 8.77
N LEU F 77 -6.05 -12.91 8.03
CA LEU F 77 -5.59 -12.85 6.66
C LEU F 77 -6.58 -12.10 5.76
N GLU F 78 -7.84 -12.46 5.82
CA GLU F 78 -8.87 -11.70 5.16
C GLU F 78 -8.78 -10.21 5.51
N ASN F 79 -8.60 -9.92 6.78
CA ASN F 79 -8.61 -8.54 7.23
C ASN F 79 -7.41 -7.78 6.68
N LEU F 80 -6.25 -8.43 6.77
CA LEU F 80 -5.03 -7.94 6.17
C LEU F 80 -5.28 -7.53 4.74
N ASN F 81 -5.87 -8.44 4.00
CA ASN F 81 -6.13 -8.21 2.60
C ASN F 81 -7.08 -7.03 2.40
N LYS F 82 -8.13 -6.97 3.20
CA LYS F 82 -9.04 -5.84 3.18
C LYS F 82 -8.35 -4.51 3.47
N LYS F 83 -7.48 -4.45 4.46
CA LYS F 83 -6.77 -3.21 4.76
C LYS F 83 -5.86 -2.79 3.63
N MET F 84 -5.32 -3.76 2.92
CA MET F 84 -4.52 -3.43 1.76
C MET F 84 -5.37 -2.84 0.67
N GLU F 85 -6.44 -3.54 0.28
CA GLU F 85 -7.28 -3.08 -0.83
C GLU F 85 -7.83 -1.69 -0.47
N ASP F 86 -8.27 -1.52 0.78
CA ASP F 86 -8.75 -0.22 1.28
C ASP F 86 -7.64 0.83 1.27
N GLY F 87 -6.45 0.44 1.69
CA GLY F 87 -5.36 1.37 1.73
C GLY F 87 -5.07 1.91 0.37
N PHE F 88 -5.09 1.06 -0.65
CA PHE F 88 -4.75 1.54 -1.97
C PHE F 88 -5.84 2.44 -2.48
N ILE F 89 -7.08 2.03 -2.30
CA ILE F 89 -8.18 2.85 -2.70
C ILE F 89 -8.10 4.21 -2.02
N ASP F 90 -7.78 4.24 -0.73
CA ASP F 90 -7.68 5.52 -0.04
C ASP F 90 -6.61 6.38 -0.72
N VAL F 91 -5.47 5.78 -1.05
CA VAL F 91 -4.38 6.54 -1.71
C VAL F 91 -4.81 7.04 -3.06
N TRP F 92 -5.33 6.17 -3.90
CA TRP F 92 -5.67 6.57 -5.25
C TRP F 92 -6.78 7.59 -5.21
N THR F 93 -7.77 7.36 -4.36
CA THR F 93 -8.87 8.27 -4.28
C THR F 93 -8.38 9.64 -3.86
N TYR F 94 -7.51 9.74 -2.85
CA TYR F 94 -6.99 11.05 -2.42
C TYR F 94 -6.15 11.71 -3.46
N ASN F 95 -5.28 10.95 -4.09
CA ASN F 95 -4.36 11.55 -5.06
C ASN F 95 -5.11 12.08 -6.26
N ALA F 96 -6.03 11.26 -6.77
CA ALA F 96 -6.88 11.66 -7.87
C ALA F 96 -7.61 12.96 -7.59
N GLU F 97 -8.38 12.99 -6.50
CA GLU F 97 -9.11 14.21 -6.12
C GLU F 97 -8.16 15.40 -6.12
N LEU F 98 -7.06 15.30 -5.38
CA LEU F 98 -6.12 16.42 -5.28
C LEU F 98 -5.42 16.69 -6.57
N LEU F 99 -5.03 15.67 -7.31
CA LEU F 99 -4.48 15.90 -8.63
C LEU F 99 -5.40 16.76 -9.51
N VAL F 100 -6.62 16.31 -9.68
CA VAL F 100 -7.60 17.07 -10.40
C VAL F 100 -7.71 18.50 -9.88
N LEU F 101 -7.89 18.64 -8.58
CA LEU F 101 -8.02 19.97 -7.96
C LEU F 101 -6.85 20.88 -8.32
N MET F 102 -5.61 20.40 -8.24
CA MET F 102 -4.45 21.25 -8.50
C MET F 102 -4.34 21.57 -9.98
N GLU F 103 -4.64 20.59 -10.82
CA GLU F 103 -4.49 20.79 -12.25
C GLU F 103 -5.59 21.66 -12.81
N ASN F 104 -6.74 21.70 -12.17
CA ASN F 104 -7.73 22.66 -12.58
C ASN F 104 -7.31 24.06 -12.17
N GLU F 105 -6.78 24.25 -10.97
CA GLU F 105 -6.28 25.58 -10.57
C GLU F 105 -5.32 26.06 -11.63
N ARG F 106 -4.36 25.21 -11.98
CA ARG F 106 -3.35 25.56 -12.96
C ARG F 106 -3.92 25.90 -14.33
N THR F 107 -4.85 25.10 -14.81
CA THR F 107 -5.46 25.28 -16.13
C THR F 107 -6.08 26.67 -16.27
N LEU F 108 -6.91 27.06 -15.31
CA LEU F 108 -7.58 28.33 -15.41
C LEU F 108 -6.59 29.48 -15.39
N ASP F 109 -5.58 29.42 -14.53
CA ASP F 109 -4.50 30.42 -14.55
C ASP F 109 -3.78 30.45 -15.89
N PHE F 110 -3.53 29.26 -16.42
CA PHE F 110 -2.95 29.08 -17.74
C PHE F 110 -3.69 29.88 -18.80
N HIS F 111 -5.02 29.76 -18.82
CA HIS F 111 -5.83 30.56 -19.73
C HIS F 111 -5.69 32.06 -19.47
N ASP F 112 -5.72 32.46 -18.22
CA ASP F 112 -5.67 33.87 -17.92
C ASP F 112 -4.36 34.44 -18.39
N SER F 113 -3.30 33.65 -18.35
CA SER F 113 -1.99 34.20 -18.67
C SER F 113 -1.79 34.19 -20.17
N ASN F 114 -2.41 33.24 -20.86
CA ASN F 114 -2.33 33.22 -22.33
C ASN F 114 -2.99 34.45 -22.93
N VAL F 115 -4.13 34.81 -22.37
CA VAL F 115 -4.86 35.98 -22.79
C VAL F 115 -4.12 37.26 -22.43
N LYS F 116 -3.51 37.29 -21.24
CA LYS F 116 -2.68 38.43 -20.84
C LYS F 116 -1.50 38.60 -21.78
N ASN F 117 -0.88 37.49 -22.17
CA ASN F 117 0.21 37.54 -23.13
C ASN F 117 -0.23 38.11 -24.46
N LEU F 118 -1.38 37.65 -24.94
CA LEU F 118 -1.91 38.17 -26.19
C LEU F 118 -2.09 39.69 -26.10
N TYR F 119 -2.57 40.18 -24.96
CA TYR F 119 -2.64 41.62 -24.68
C TYR F 119 -1.28 42.29 -24.80
N ASP F 120 -0.30 41.82 -24.06
CA ASP F 120 1.03 42.43 -24.10
C ASP F 120 1.76 42.25 -25.43
N LYS F 121 1.50 41.15 -26.13
CA LYS F 121 2.03 40.94 -27.49
C LYS F 121 1.61 42.08 -28.43
N VAL F 122 0.39 42.55 -28.23
CA VAL F 122 -0.12 43.71 -28.95
C VAL F 122 0.41 45.01 -28.34
N ARG F 123 0.09 45.30 -27.09
CA ARG F 123 0.56 46.53 -26.42
C ARG F 123 1.99 46.90 -26.80
N MET F 124 2.91 45.94 -26.63
CA MET F 124 4.32 46.16 -26.95
C MET F 124 4.56 46.54 -28.41
N GLN F 125 3.81 45.94 -29.32
CA GLN F 125 4.00 46.22 -30.75
C GLN F 125 3.27 47.49 -31.26
N LEU F 126 2.44 48.13 -30.42
CA LEU F 126 1.72 49.36 -30.81
C LEU F 126 2.28 50.61 -30.14
N ARG F 127 2.40 50.54 -28.81
CA ARG F 127 2.86 51.67 -27.98
C ARG F 127 2.06 52.96 -28.27
N ASP F 128 2.76 54.07 -28.50
CA ASP F 128 2.14 55.40 -28.59
C ASP F 128 1.11 55.53 -29.72
N ASN F 129 1.19 54.65 -30.73
CA ASN F 129 0.21 54.64 -31.82
C ASN F 129 -1.21 54.36 -31.36
N ALA F 130 -1.38 53.90 -30.11
CA ALA F 130 -2.68 53.52 -29.60
C ALA F 130 -2.83 53.85 -28.12
N LYS F 131 -4.06 54.17 -27.72
CA LYS F 131 -4.42 54.43 -26.33
C LYS F 131 -4.88 53.14 -25.67
N GLU F 132 -4.24 52.77 -24.58
CA GLU F 132 -4.65 51.65 -23.76
C GLU F 132 -5.87 52.04 -22.92
N ILE F 133 -7.04 51.54 -23.31
CA ILE F 133 -8.29 51.93 -22.64
C ILE F 133 -8.41 51.44 -21.19
N GLY F 134 -7.89 50.26 -20.88
CA GLY F 134 -7.93 49.72 -19.51
C GLY F 134 -8.98 48.64 -19.30
N ASN F 135 -9.75 48.35 -20.35
CA ASN F 135 -10.71 47.25 -20.36
C ASN F 135 -10.18 46.11 -21.21
N GLY F 136 -8.88 46.15 -21.52
CA GLY F 136 -8.28 45.16 -22.40
C GLY F 136 -8.42 45.53 -23.86
N CYS F 137 -8.68 46.80 -24.14
CA CYS F 137 -8.75 47.27 -25.52
C CYS F 137 -7.85 48.46 -25.76
N PHE F 138 -7.51 48.60 -27.03
CA PHE F 138 -6.67 49.68 -27.50
C PHE F 138 -7.47 50.55 -28.47
N GLU F 139 -7.60 51.83 -28.15
CA GLU F 139 -8.09 52.80 -29.10
C GLU F 139 -6.91 53.34 -29.89
N PHE F 140 -7.00 53.25 -31.22
CA PHE F 140 -5.94 53.80 -32.07
C PHE F 140 -5.95 55.33 -32.02
N TYR F 141 -4.76 55.91 -32.04
CA TYR F 141 -4.62 57.35 -32.24
C TYR F 141 -4.61 57.70 -33.73
N HIS F 142 -4.41 56.71 -34.59
CA HIS F 142 -4.50 56.90 -36.04
C HIS F 142 -5.64 56.04 -36.60
N LYS F 143 -5.57 55.69 -37.88
CA LYS F 143 -6.58 54.82 -38.51
C LYS F 143 -5.96 53.50 -38.99
N CYS F 144 -6.77 52.45 -39.03
CA CYS F 144 -6.30 51.09 -39.35
C CYS F 144 -7.43 50.25 -39.98
N ASP F 145 -7.24 49.91 -41.25
CA ASP F 145 -8.19 49.08 -42.00
C ASP F 145 -7.79 47.61 -41.91
N ASP F 146 -8.56 46.74 -42.57
CA ASP F 146 -8.35 45.29 -42.53
C ASP F 146 -6.94 44.84 -42.96
N GLU F 147 -6.33 45.55 -43.89
CA GLU F 147 -4.94 45.30 -44.27
C GLU F 147 -4.06 45.41 -43.04
N CYS F 148 -4.20 46.53 -42.35
CA CYS F 148 -3.46 46.81 -41.12
C CYS F 148 -3.88 45.88 -39.98
N MET F 149 -5.17 45.53 -39.91
CA MET F 149 -5.66 44.64 -38.86
C MET F 149 -4.96 43.29 -38.89
N ASN F 150 -4.81 42.69 -40.07
CA ASN F 150 -4.04 41.45 -40.19
C ASN F 150 -2.67 41.61 -39.55
N SER F 151 -2.03 42.73 -39.82
CA SER F 151 -0.67 43.00 -39.36
C SER F 151 -0.54 42.98 -37.83
N VAL F 152 -1.49 43.60 -37.13
CA VAL F 152 -1.50 43.59 -35.66
C VAL F 152 -1.82 42.19 -35.08
N ARG F 153 -2.70 41.43 -35.75
CA ARG F 153 -3.06 40.09 -35.31
C ARG F 153 -1.89 39.12 -35.39
N ASN F 154 -1.36 38.94 -36.60
CA ASN F 154 -0.25 38.02 -36.84
C ASN F 154 1.13 38.67 -36.65
N GLY F 155 1.19 39.74 -35.87
CA GLY F 155 2.46 40.23 -35.35
C GLY F 155 3.36 40.97 -36.32
N THR F 156 2.87 41.24 -37.53
CA THR F 156 3.61 42.00 -38.55
C THR F 156 3.11 43.43 -38.64
N TYR F 157 2.90 44.09 -37.51
CA TYR F 157 2.36 45.46 -37.50
C TYR F 157 3.44 46.51 -37.71
N ASP F 158 3.17 47.45 -38.61
CA ASP F 158 4.11 48.50 -38.99
C ASP F 158 3.95 49.73 -38.10
N TYR F 159 4.77 49.80 -37.05
CA TYR F 159 4.78 50.93 -36.12
C TYR F 159 5.43 52.16 -36.73
N ILE F 160 6.51 51.95 -37.49
CA ILE F 160 7.23 53.06 -38.13
C ILE F 160 6.40 53.74 -39.23
N LYS F 161 5.41 53.03 -39.75
CA LYS F 161 4.50 53.57 -40.76
C LYS F 161 3.57 54.63 -40.18
N TYR F 162 2.70 54.22 -39.27
CA TYR F 162 1.67 55.10 -38.68
C TYR F 162 2.24 55.94 -37.54
N GLU F 163 3.56 55.96 -37.41
CA GLU F 163 4.28 56.70 -36.37
C GLU F 163 3.96 58.20 -36.38
N GLU F 164 3.79 58.75 -37.59
CA GLU F 164 3.68 60.19 -37.78
C GLU F 164 2.37 60.77 -37.23
N GLU F 165 1.25 60.44 -37.87
CA GLU F 165 -0.05 61.06 -37.55
C GLU F 165 -0.62 60.62 -36.19
N SER F 166 -0.15 59.48 -35.70
CA SER F 166 -0.46 59.07 -34.35
C SER F 166 -0.10 60.20 -33.38
N LYS F 167 1.09 60.78 -33.57
CA LYS F 167 1.55 61.88 -32.74
C LYS F 167 0.63 63.11 -32.84
N LEU F 168 0.31 63.53 -34.07
CA LEU F 168 -0.49 64.74 -34.25
C LEU F 168 -1.90 64.61 -33.60
N ASN F 169 -2.51 63.42 -33.73
CA ASN F 169 -3.82 63.16 -33.11
C ASN F 169 -3.74 63.08 -31.59
N ARG F 170 -2.63 62.57 -31.08
CA ARG F 170 -2.41 62.41 -29.64
C ARG F 170 -2.35 63.74 -28.89
N ASN F 171 -1.73 64.74 -29.51
CA ASN F 171 -1.44 66.00 -28.83
C ASN F 171 -2.61 67.00 -28.73
N GLU F 172 -3.85 66.50 -28.69
CA GLU F 172 -5.00 67.31 -28.30
C GLU F 172 -6.21 66.42 -28.02
#